data_9HS1
#
_entry.id   9HS1
#
_cell.length_a   152.655
_cell.length_b   152.655
_cell.length_c   224.541
_cell.angle_alpha   90.000
_cell.angle_beta   90.000
_cell.angle_gamma   90.000
#
_symmetry.space_group_name_H-M   'P 43 21 2'
#
loop_
_entity.id
_entity.type
_entity.pdbx_description
1 polymer "Pyrimidine/purine nucleotide 5'-monophosphate nucleosidase"
2 non-polymer "guanosine 5'-(tetrahydrogen triphosphate) 3'-(trihydrogen diphosphate)"
3 non-polymer GUANINE
4 non-polymer 5-O-phosphono-alpha-D-ribofuranose
5 water water
#
_entity_poly.entity_id   1
_entity_poly.type   'polypeptide(L)'
_entity_poly.pdbx_seq_one_letter_code
;MPALRAITHISPLGSMDMLSQLEVDMLKRTASSDLYQLFRNCSLAVLNSGSLTDNSKELLSRFENFDINVLRRERGVKLE
LINPPEEAFVDGRIIRALQANLFAVLRDILFVYGQIHNTVRFPNLNLDNSVHITNLVFSILRNARALHVGEAPNMVVCWG
GHSINENEYLYARRVGNQLGLRELNICTGCGPGAMEAPMKGAAVGHAQQRYKDSRFIGMTEPSIIAAEPPNPLVNELIIM
PDIEKRLEAFVRIAHGIIIFPGGVGTAEELLYLLGILMNPANKDQVLPLILTGPKESADYFRVLDEFVVHTLGENARRHY
RIIIDDAAEVARQMKKSMPLVKENRRDTGDAYSFNWSMRIAPDLQMPFEPSHENMANLKLYPDQPVEVLAADLRRAFSGI
VAGNVKEVGIRAIEEFGPYKINGDKEIMRRMDDLLQGFVAQHRMKLPGSAYIPCYEICT
;
_entity_poly.pdbx_strand_id   A,B,C,D
#
loop_
_chem_comp.id
_chem_comp.type
_chem_comp.name
_chem_comp.formula
0O2 non-polymer 'guanosine 5'-(tetrahydrogen triphosphate) 3'-(trihydrogen diphosphate)' 'C10 H18 N5 O20 P5'
GUN non-polymer GUANINE 'C5 H5 N5 O'
HSX D-saccharide, alpha linking 5-O-phosphono-alpha-D-ribofuranose 'C5 H11 O8 P'
#
# COMPACT_ATOMS: atom_id res chain seq x y z
N ARG A 5 7.13 -26.73 -22.39
CA ARG A 5 8.38 -27.38 -22.72
C ARG A 5 8.86 -28.20 -21.50
N ALA A 6 9.61 -29.29 -21.74
CA ALA A 6 10.08 -30.12 -20.65
C ALA A 6 11.12 -29.41 -19.79
N ILE A 7 11.64 -28.27 -20.21
CA ILE A 7 12.61 -27.53 -19.43
C ILE A 7 12.10 -26.11 -19.29
N THR A 8 12.01 -25.62 -18.06
CA THR A 8 11.60 -24.25 -17.81
C THR A 8 12.47 -23.63 -16.73
N HIS A 9 12.62 -22.31 -16.82
CA HIS A 9 13.40 -21.51 -15.89
C HIS A 9 12.43 -20.70 -15.03
N ILE A 10 12.69 -20.67 -13.72
CA ILE A 10 11.85 -19.99 -12.73
C ILE A 10 12.66 -18.84 -12.13
N SER A 11 12.06 -17.64 -12.09
CA SER A 11 12.74 -16.54 -11.37
C SER A 11 12.35 -16.53 -9.89
N PRO A 12 13.19 -15.94 -9.04
CA PRO A 12 12.89 -15.95 -7.60
C PRO A 12 11.58 -15.23 -7.27
N LEU A 13 10.90 -15.72 -6.25
CA LEU A 13 9.70 -15.08 -5.73
C LEU A 13 9.72 -15.26 -4.22
N GLY A 14 9.65 -14.16 -3.49
CA GLY A 14 9.51 -14.19 -2.06
C GLY A 14 10.76 -14.41 -1.27
N SER A 15 11.84 -14.84 -1.90
CA SER A 15 13.13 -14.93 -1.22
C SER A 15 14.17 -15.16 -2.31
N MET A 16 15.43 -15.03 -1.93
CA MET A 16 16.49 -15.36 -2.86
C MET A 16 16.56 -14.37 -4.03
N ASP A 17 16.08 -13.15 -3.83
CA ASP A 17 15.95 -12.21 -4.94
C ASP A 17 16.95 -11.07 -4.90
N MET A 18 17.84 -11.02 -3.89
CA MET A 18 18.83 -9.94 -3.77
C MET A 18 20.12 -10.60 -3.28
N LEU A 19 20.81 -11.26 -4.21
CA LEU A 19 21.96 -12.09 -3.92
C LEU A 19 23.23 -11.40 -4.40
N SER A 20 24.33 -11.66 -3.72
CA SER A 20 25.62 -11.25 -4.23
C SER A 20 26.18 -12.31 -5.18
N GLN A 21 27.18 -11.90 -5.96
CA GLN A 21 27.78 -12.87 -6.89
C GLN A 21 28.54 -13.96 -6.15
N LEU A 22 29.18 -13.63 -5.02
CA LEU A 22 29.82 -14.67 -4.22
C LEU A 22 28.79 -15.64 -3.67
N GLU A 23 27.62 -15.13 -3.28
CA GLU A 23 26.55 -16.00 -2.80
C GLU A 23 26.07 -16.92 -3.91
N VAL A 24 25.98 -16.40 -5.13
CA VAL A 24 25.45 -17.23 -6.20
C VAL A 24 26.46 -18.32 -6.56
N ASP A 25 27.75 -18.00 -6.52
CA ASP A 25 28.77 -19.00 -6.76
C ASP A 25 28.70 -20.10 -5.72
N MET A 26 28.50 -19.73 -4.46
CA MET A 26 28.44 -20.69 -3.38
C MET A 26 27.18 -21.56 -3.50
N LEU A 27 26.08 -20.99 -3.99
CA LEU A 27 24.88 -21.77 -4.26
C LEU A 27 25.13 -22.78 -5.35
N LYS A 28 25.72 -22.34 -6.47
CA LYS A 28 26.06 -23.26 -7.54
C LYS A 28 26.98 -24.36 -7.04
N ARG A 29 27.87 -24.03 -6.10
CA ARG A 29 28.82 -25.01 -5.62
C ARG A 29 28.12 -26.01 -4.69
N THR A 30 27.37 -25.51 -3.72
CA THR A 30 26.57 -26.41 -2.89
C THR A 30 25.67 -27.30 -3.72
N ALA A 31 25.09 -26.75 -4.78
CA ALA A 31 24.16 -27.53 -5.59
C ALA A 31 24.88 -28.69 -6.31
N SER A 32 26.19 -28.57 -6.56
CA SER A 32 26.96 -29.61 -7.20
C SER A 32 27.53 -30.63 -6.24
N SER A 33 27.25 -30.50 -4.94
CA SER A 33 27.85 -31.34 -3.93
C SER A 33 27.00 -32.58 -3.70
N ASP A 34 27.32 -33.36 -2.66
CA ASP A 34 26.47 -34.48 -2.34
C ASP A 34 25.19 -34.05 -1.66
N LEU A 35 24.98 -32.74 -1.49
CA LEU A 35 23.67 -32.25 -1.11
C LEU A 35 22.64 -32.40 -2.24
N TYR A 36 23.07 -32.59 -3.50
CA TYR A 36 22.14 -32.41 -4.60
C TYR A 36 20.90 -33.30 -4.47
N GLN A 37 21.07 -34.58 -4.12
CA GLN A 37 19.90 -35.43 -3.99
C GLN A 37 18.90 -34.85 -3.01
N LEU A 38 19.40 -34.31 -1.89
CA LEU A 38 18.49 -33.75 -0.90
C LEU A 38 17.80 -32.51 -1.46
N PHE A 39 18.56 -31.64 -2.10
CA PHE A 39 17.98 -30.45 -2.73
C PHE A 39 16.96 -30.84 -3.79
N ARG A 40 17.29 -31.81 -4.65
CA ARG A 40 16.38 -32.24 -5.70
C ARG A 40 15.07 -32.81 -5.11
N ASN A 41 15.18 -33.73 -4.14
CA ASN A 41 13.97 -34.33 -3.57
C ASN A 41 13.08 -33.29 -2.88
N CYS A 42 13.67 -32.33 -2.16
CA CYS A 42 12.86 -31.29 -1.55
C CYS A 42 12.19 -30.42 -2.61
N SER A 43 12.93 -30.07 -3.66
CA SER A 43 12.32 -29.29 -4.74
C SER A 43 11.18 -30.05 -5.38
N LEU A 44 11.33 -31.37 -5.53
CA LEU A 44 10.26 -32.14 -6.15
C LEU A 44 9.07 -32.27 -5.21
N ALA A 45 9.32 -32.42 -3.91
CA ALA A 45 8.20 -32.51 -2.98
C ALA A 45 7.37 -31.24 -3.03
N VAL A 46 8.05 -30.09 -3.19
CA VAL A 46 7.35 -28.83 -3.25
C VAL A 46 6.48 -28.74 -4.50
N LEU A 47 6.99 -29.17 -5.65
CA LEU A 47 6.18 -29.04 -6.86
C LEU A 47 4.99 -29.96 -6.88
N ASN A 48 4.96 -30.99 -6.03
CA ASN A 48 3.87 -31.94 -5.96
C ASN A 48 2.83 -31.54 -4.92
N SER A 49 3.03 -30.41 -4.26
CA SER A 49 2.07 -29.98 -3.25
C SER A 49 0.68 -29.92 -3.85
N GLY A 50 -0.30 -30.46 -3.12
CA GLY A 50 -1.66 -30.49 -3.60
C GLY A 50 -2.01 -31.64 -4.53
N SER A 51 -1.15 -32.64 -4.68
CA SER A 51 -1.48 -33.80 -5.48
C SER A 51 -2.37 -34.75 -4.68
N LEU A 52 -3.43 -35.23 -5.33
CA LEU A 52 -4.41 -36.10 -4.66
C LEU A 52 -4.00 -37.56 -4.75
N THR A 53 -2.75 -37.87 -4.45
CA THR A 53 -2.25 -39.24 -4.48
C THR A 53 -2.08 -39.75 -3.06
N ASP A 54 -2.62 -40.94 -2.80
CA ASP A 54 -2.62 -41.55 -1.47
C ASP A 54 -1.23 -41.58 -0.85
N ASN A 55 -0.37 -42.46 -1.36
CA ASN A 55 1.01 -42.57 -0.91
C ASN A 55 1.84 -41.49 -1.60
N SER A 56 2.31 -40.51 -0.82
CA SER A 56 3.15 -39.46 -1.38
C SER A 56 4.60 -39.92 -1.63
N LYS A 57 4.93 -41.16 -1.26
CA LYS A 57 6.19 -41.76 -1.65
C LYS A 57 6.09 -42.45 -3.01
N GLU A 58 4.93 -43.03 -3.33
CA GLU A 58 4.72 -43.52 -4.69
C GLU A 58 4.65 -42.36 -5.67
N LEU A 59 4.06 -41.23 -5.25
CA LEU A 59 3.91 -40.08 -6.13
C LEU A 59 5.28 -39.49 -6.50
N LEU A 60 6.21 -39.48 -5.55
CA LEU A 60 7.54 -38.94 -5.80
C LEU A 60 8.46 -39.94 -6.50
N SER A 61 7.98 -41.14 -6.79
CA SER A 61 8.75 -42.13 -7.54
C SER A 61 8.47 -42.07 -9.04
N ARG A 62 7.26 -41.66 -9.43
CA ARG A 62 6.88 -41.46 -10.83
C ARG A 62 7.63 -40.27 -11.51
N PHE A 63 8.64 -39.68 -10.87
CA PHE A 63 9.39 -38.54 -11.40
C PHE A 63 10.88 -38.83 -11.47
N GLU A 64 11.24 -40.10 -11.62
CA GLU A 64 12.64 -40.50 -11.65
C GLU A 64 13.49 -39.62 -12.58
N ASN A 65 12.89 -39.04 -13.62
CA ASN A 65 13.63 -38.19 -14.56
C ASN A 65 13.51 -36.71 -14.24
N PHE A 66 13.01 -36.34 -13.06
CA PHE A 66 13.05 -34.94 -12.67
C PHE A 66 14.46 -34.58 -12.21
N ASP A 67 14.88 -33.35 -12.54
CA ASP A 67 16.10 -32.82 -11.96
C ASP A 67 15.94 -31.31 -11.88
N ILE A 68 16.91 -30.65 -11.25
CA ILE A 68 16.85 -29.21 -11.04
C ILE A 68 18.28 -28.68 -11.04
N ASN A 69 18.48 -27.53 -11.70
CA ASN A 69 19.77 -26.88 -11.79
C ASN A 69 19.68 -25.46 -11.25
N VAL A 70 20.71 -25.04 -10.52
CA VAL A 70 20.85 -23.66 -10.10
C VAL A 70 21.55 -22.89 -11.21
N LEU A 71 20.93 -21.81 -11.67
CA LEU A 71 21.38 -21.03 -12.80
C LEU A 71 21.98 -19.70 -12.33
N ARG A 72 23.11 -19.34 -12.90
CA ARG A 72 23.80 -18.09 -12.61
C ARG A 72 23.41 -17.06 -13.66
N ARG A 73 23.14 -15.85 -13.19
CA ARG A 73 22.94 -14.67 -14.03
C ARG A 73 23.75 -13.56 -13.37
N GLU A 74 24.06 -12.50 -14.13
CA GLU A 74 24.83 -11.41 -13.53
C GLU A 74 24.19 -10.94 -12.22
N ARG A 75 22.87 -10.82 -12.20
CA ARG A 75 22.09 -10.19 -11.13
C ARG A 75 21.66 -11.14 -10.02
N GLY A 76 21.77 -12.45 -10.20
CA GLY A 76 21.28 -13.36 -9.18
C GLY A 76 21.12 -14.78 -9.69
N VAL A 77 20.03 -15.44 -9.30
CA VAL A 77 19.88 -16.87 -9.50
C VAL A 77 18.52 -17.16 -10.11
N LYS A 78 18.47 -18.22 -10.91
CA LYS A 78 17.23 -18.79 -11.41
C LYS A 78 17.31 -20.30 -11.17
N LEU A 79 16.16 -20.94 -11.18
CA LEU A 79 16.07 -22.38 -11.07
C LEU A 79 15.70 -22.98 -12.42
N GLU A 80 16.42 -24.00 -12.82
CA GLU A 80 16.13 -24.70 -14.06
C GLU A 80 15.45 -26.03 -13.71
N LEU A 81 14.18 -26.15 -14.05
CA LEU A 81 13.43 -27.37 -13.75
C LEU A 81 13.41 -28.25 -15.00
N ILE A 82 13.72 -29.54 -14.83
CA ILE A 82 13.87 -30.52 -15.92
C ILE A 82 12.82 -31.59 -15.70
N ASN A 83 11.75 -31.57 -16.50
CA ASN A 83 10.66 -32.53 -16.33
C ASN A 83 9.93 -32.33 -15.01
N PRO A 84 9.48 -31.11 -14.69
CA PRO A 84 8.71 -30.93 -13.48
C PRO A 84 7.31 -31.50 -13.64
N PRO A 85 6.66 -31.90 -12.55
CA PRO A 85 5.23 -32.26 -12.61
C PRO A 85 4.44 -31.19 -13.33
N GLU A 86 3.59 -31.61 -14.26
CA GLU A 86 2.82 -30.59 -14.98
C GLU A 86 1.75 -29.90 -14.11
N GLU A 87 1.25 -30.56 -13.06
CA GLU A 87 0.17 -29.97 -12.27
C GLU A 87 0.59 -28.68 -11.60
N ALA A 88 1.89 -28.49 -11.36
CA ALA A 88 2.45 -27.26 -10.82
C ALA A 88 2.36 -26.08 -11.77
N PHE A 89 1.74 -26.22 -12.96
CA PHE A 89 1.76 -25.18 -13.97
C PHE A 89 0.34 -24.84 -14.45
N VAL A 90 0.10 -23.55 -14.68
CA VAL A 90 -1.14 -23.07 -15.28
C VAL A 90 -0.75 -22.37 -16.58
N ASP A 91 -1.14 -22.95 -17.71
CA ASP A 91 -0.84 -22.39 -19.03
C ASP A 91 0.64 -22.04 -19.15
N GLY A 92 1.49 -22.99 -18.75
CA GLY A 92 2.93 -22.82 -18.85
C GLY A 92 3.61 -22.09 -17.72
N ARG A 93 2.89 -21.48 -16.77
CA ARG A 93 3.50 -20.73 -15.69
C ARG A 93 3.34 -21.46 -14.36
N ILE A 94 4.44 -21.48 -13.60
CA ILE A 94 4.40 -22.12 -12.30
C ILE A 94 3.40 -21.36 -11.42
N ILE A 95 2.62 -22.13 -10.65
CA ILE A 95 1.72 -21.49 -9.70
C ILE A 95 2.54 -20.77 -8.64
N ARG A 96 2.16 -19.51 -8.36
CA ARG A 96 2.99 -18.64 -7.52
C ARG A 96 3.35 -19.29 -6.20
N ALA A 97 2.37 -19.95 -5.55
CA ALA A 97 2.65 -20.53 -4.23
C ALA A 97 3.71 -21.63 -4.32
N LEU A 98 3.66 -22.48 -5.35
CA LEU A 98 4.72 -23.47 -5.50
C LEU A 98 6.05 -22.79 -5.77
N GLN A 99 6.02 -21.70 -6.54
CA GLN A 99 7.23 -20.97 -6.87
C GLN A 99 7.90 -20.41 -5.62
N ALA A 100 7.11 -19.87 -4.67
CA ALA A 100 7.68 -19.31 -3.45
C ALA A 100 8.24 -20.41 -2.55
N ASN A 101 7.53 -21.54 -2.45
CA ASN A 101 8.08 -22.66 -1.70
C ASN A 101 9.31 -23.25 -2.38
N LEU A 102 9.38 -23.15 -3.71
CA LEU A 102 10.53 -23.70 -4.41
C LEU A 102 11.80 -22.95 -4.03
N PHE A 103 11.72 -21.62 -3.97
CA PHE A 103 12.85 -20.80 -3.53
C PHE A 103 13.05 -20.80 -2.01
N ALA A 104 12.02 -21.10 -1.23
CA ALA A 104 12.28 -21.39 0.17
C ALA A 104 13.15 -22.63 0.33
N VAL A 105 12.96 -23.63 -0.56
CA VAL A 105 13.80 -24.83 -0.53
C VAL A 105 15.25 -24.46 -0.87
N LEU A 106 15.42 -23.65 -1.92
CA LEU A 106 16.77 -23.18 -2.26
C LEU A 106 17.38 -22.41 -1.09
N ARG A 107 16.58 -21.54 -0.46
CA ARG A 107 17.08 -20.72 0.64
C ARG A 107 17.50 -21.58 1.82
N ASP A 108 16.64 -22.48 2.26
CA ASP A 108 16.96 -23.17 3.50
C ASP A 108 17.79 -24.43 3.30
N ILE A 109 17.70 -25.08 2.13
CA ILE A 109 18.53 -26.26 1.97
C ILE A 109 19.93 -25.88 1.49
N LEU A 110 20.05 -25.08 0.44
CA LEU A 110 21.37 -24.76 -0.10
C LEU A 110 22.01 -23.58 0.62
N PHE A 111 21.28 -22.48 0.79
CA PHE A 111 21.92 -21.27 1.30
C PHE A 111 22.21 -21.36 2.80
N VAL A 112 21.24 -21.84 3.60
CA VAL A 112 21.48 -21.96 5.03
C VAL A 112 22.58 -22.99 5.32
N TYR A 113 22.66 -24.09 4.57
CA TYR A 113 23.80 -24.98 4.75
C TYR A 113 25.12 -24.28 4.41
N GLY A 114 25.13 -23.49 3.34
CA GLY A 114 26.33 -22.77 2.96
C GLY A 114 26.72 -21.69 3.94
N GLN A 115 25.72 -20.99 4.52
CA GLN A 115 26.06 -19.99 5.53
C GLN A 115 26.67 -20.63 6.78
N ILE A 116 26.08 -21.75 7.24
CA ILE A 116 26.82 -22.68 8.06
C ILE A 116 28.09 -23.09 7.30
N HIS A 117 29.22 -23.10 7.99
CA HIS A 117 30.50 -23.58 7.45
C HIS A 117 31.29 -22.46 6.77
N ASN A 118 30.81 -21.21 6.91
CA ASN A 118 31.56 -20.00 6.59
C ASN A 118 31.81 -19.25 7.89
N THR A 119 32.54 -19.87 8.82
CA THR A 119 32.69 -19.37 10.17
C THR A 119 33.96 -18.53 10.31
N VAL A 120 34.30 -18.16 11.54
CA VAL A 120 35.53 -17.45 11.85
C VAL A 120 36.64 -18.48 12.12
N ARG A 121 37.89 -18.08 11.83
CA ARG A 121 39.07 -18.90 12.11
C ARG A 121 39.41 -18.90 13.59
N PHE A 122 39.00 -17.88 14.34
CA PHE A 122 39.27 -17.77 15.77
C PHE A 122 37.93 -17.62 16.49
N PRO A 123 37.27 -18.74 16.77
CA PRO A 123 35.96 -18.69 17.41
C PRO A 123 36.05 -18.39 18.89
N ASN A 124 35.03 -17.72 19.42
CA ASN A 124 35.00 -17.36 20.83
C ASN A 124 34.86 -18.61 21.69
N LEU A 125 35.92 -18.95 22.43
CA LEU A 125 35.93 -20.13 23.30
C LEU A 125 35.11 -19.93 24.56
N ASN A 126 34.36 -18.84 24.70
CA ASN A 126 33.57 -18.58 25.90
C ASN A 126 32.08 -18.50 25.59
N LEU A 127 31.68 -18.96 24.40
CA LEU A 127 30.30 -18.84 23.93
C LEU A 127 29.63 -20.21 24.02
N ASP A 128 28.60 -20.30 24.85
CA ASP A 128 27.90 -21.57 25.00
C ASP A 128 27.32 -22.04 23.67
N ASN A 129 27.43 -23.35 23.41
CA ASN A 129 26.83 -23.93 22.21
C ASN A 129 25.33 -23.70 22.17
N SER A 130 24.66 -23.73 23.34
CA SER A 130 23.23 -23.47 23.38
C SER A 130 22.89 -22.05 22.92
N VAL A 131 23.70 -21.05 23.29
CA VAL A 131 23.45 -19.68 22.80
C VAL A 131 23.53 -19.65 21.28
N HIS A 132 24.54 -20.32 20.70
CA HIS A 132 24.66 -20.37 19.26
C HIS A 132 23.44 -21.03 18.62
N ILE A 133 23.01 -22.17 19.15
CA ILE A 133 21.87 -22.82 18.52
C ILE A 133 20.69 -21.83 18.44
N THR A 134 20.38 -21.18 19.58
CA THR A 134 19.24 -20.27 19.62
C THR A 134 19.43 -19.10 18.67
N ASN A 135 20.63 -18.53 18.62
CA ASN A 135 20.85 -17.41 17.72
C ASN A 135 20.79 -17.86 16.26
N LEU A 136 21.29 -19.06 15.96
CA LEU A 136 21.15 -19.62 14.62
C LEU A 136 19.69 -19.78 14.23
N VAL A 137 18.87 -20.35 15.12
CA VAL A 137 17.44 -20.51 14.82
C VAL A 137 16.84 -19.16 14.47
N PHE A 138 17.14 -18.15 15.30
CA PHE A 138 16.67 -16.79 15.00
C PHE A 138 17.15 -16.37 13.62
N SER A 139 18.43 -16.58 13.32
CA SER A 139 18.97 -16.13 12.04
C SER A 139 18.21 -16.75 10.88
N ILE A 140 17.92 -18.03 10.97
CA ILE A 140 17.18 -18.71 9.90
C ILE A 140 15.80 -18.08 9.75
N LEU A 141 15.08 -17.88 10.86
CA LEU A 141 13.75 -17.25 10.78
C LEU A 141 13.83 -15.82 10.24
N ARG A 142 14.81 -15.03 10.71
CA ARG A 142 14.96 -13.69 10.16
C ARG A 142 15.26 -13.75 8.68
N ASN A 143 16.13 -14.67 8.27
CA ASN A 143 16.47 -14.79 6.85
C ASN A 143 15.27 -15.22 6.02
N ALA A 144 14.36 -16.01 6.60
CA ALA A 144 13.12 -16.34 5.91
C ALA A 144 12.12 -15.19 5.90
N ARG A 145 12.52 -14.02 6.40
CA ARG A 145 11.59 -12.88 6.48
C ARG A 145 10.37 -13.23 7.31
N ALA A 146 10.55 -14.05 8.33
CA ALA A 146 9.45 -14.64 9.10
C ALA A 146 9.12 -13.89 10.39
N LEU A 147 9.99 -12.98 10.84
CA LEU A 147 9.78 -12.19 12.05
C LEU A 147 9.47 -10.75 11.65
N HIS A 148 8.24 -10.31 11.88
CA HIS A 148 7.85 -8.95 11.55
C HIS A 148 8.16 -8.00 12.70
N VAL A 149 8.64 -6.81 12.35
CA VAL A 149 8.93 -5.76 13.31
C VAL A 149 7.64 -5.09 13.76
N GLY A 150 7.41 -5.05 15.08
CA GLY A 150 6.26 -4.36 15.63
C GLY A 150 4.91 -5.03 15.47
N GLU A 151 4.83 -6.24 14.90
CA GLU A 151 3.56 -6.94 14.74
C GLU A 151 3.04 -7.40 16.11
N ALA A 152 1.80 -7.06 16.42
CA ALA A 152 1.19 -7.57 17.65
C ALA A 152 1.08 -9.09 17.61
N PRO A 153 1.31 -9.78 18.73
CA PRO A 153 1.22 -11.26 18.76
C PRO A 153 -0.10 -11.80 18.21
N ASN A 154 0.01 -12.82 17.35
CA ASN A 154 -1.22 -13.48 16.89
C ASN A 154 -0.96 -14.84 16.26
N MET A 155 0.22 -15.42 16.49
CA MET A 155 0.64 -16.70 15.93
C MET A 155 0.25 -17.84 16.88
N VAL A 156 -0.62 -18.74 16.42
CA VAL A 156 -0.93 -19.97 17.16
C VAL A 156 -0.28 -21.15 16.45
N VAL A 157 0.60 -21.86 17.17
CA VAL A 157 1.18 -23.11 16.68
C VAL A 157 0.21 -24.24 16.96
N CYS A 158 -0.01 -25.10 15.97
CA CYS A 158 -0.87 -26.28 16.10
C CYS A 158 -0.06 -27.53 15.84
N TRP A 159 -0.08 -28.46 16.79
CA TRP A 159 0.53 -29.78 16.60
C TRP A 159 -0.58 -30.83 16.55
N GLY A 160 -0.24 -32.00 16.01
CA GLY A 160 -1.20 -33.09 15.91
C GLY A 160 -0.86 -34.03 14.77
N GLY A 161 -1.61 -35.14 14.72
CA GLY A 161 -1.23 -36.24 13.86
C GLY A 161 -1.24 -35.89 12.38
N HIS A 162 -0.34 -36.51 11.63
CA HIS A 162 -0.41 -36.31 10.19
C HIS A 162 -1.46 -37.21 9.57
N SER A 163 -1.89 -38.26 10.26
CA SER A 163 -2.93 -39.17 9.80
C SER A 163 -4.03 -39.19 10.84
N ILE A 164 -5.22 -38.73 10.46
CA ILE A 164 -6.34 -38.65 11.40
C ILE A 164 -7.61 -38.90 10.60
N ASN A 165 -8.68 -39.27 11.31
CA ASN A 165 -9.95 -39.62 10.72
C ASN A 165 -10.77 -38.37 10.32
N GLU A 166 -11.82 -38.62 9.51
CA GLU A 166 -12.79 -37.59 9.15
C GLU A 166 -13.10 -36.72 10.34
N ASN A 167 -13.47 -37.37 11.45
CA ASN A 167 -14.03 -36.69 12.59
C ASN A 167 -12.98 -35.79 13.25
N GLU A 168 -11.78 -36.32 13.48
CA GLU A 168 -10.70 -35.49 14.00
C GLU A 168 -10.38 -34.36 13.03
N TYR A 169 -10.42 -34.63 11.72
CA TYR A 169 -10.04 -33.62 10.75
C TYR A 169 -11.01 -32.46 10.78
N LEU A 170 -12.31 -32.76 10.81
CA LEU A 170 -13.30 -31.70 10.82
C LEU A 170 -13.19 -30.86 12.09
N TYR A 171 -12.98 -31.51 13.24
CA TYR A 171 -12.80 -30.77 14.47
C TYR A 171 -11.66 -29.76 14.35
N ALA A 172 -10.49 -30.24 13.89
CA ALA A 172 -9.34 -29.34 13.78
C ALA A 172 -9.65 -28.20 12.82
N ARG A 173 -10.45 -28.45 11.80
CA ARG A 173 -10.80 -27.39 10.86
C ARG A 173 -11.74 -26.37 11.50
N ARG A 174 -12.69 -26.81 12.34
CA ARG A 174 -13.55 -25.87 13.06
C ARG A 174 -12.74 -25.04 14.05
N VAL A 175 -11.82 -25.68 14.76
CA VAL A 175 -10.90 -24.92 15.60
C VAL A 175 -10.18 -23.87 14.76
N GLY A 176 -9.70 -24.29 13.57
CA GLY A 176 -9.07 -23.35 12.67
C GLY A 176 -10.01 -22.21 12.27
N ASN A 177 -11.24 -22.55 11.87
CA ASN A 177 -12.20 -21.52 11.50
C ASN A 177 -12.41 -20.53 12.63
N GLN A 178 -12.54 -21.03 13.86
CA GLN A 178 -12.73 -20.17 15.03
C GLN A 178 -11.49 -19.32 15.31
N LEU A 179 -10.29 -19.88 15.14
CA LEU A 179 -9.07 -19.09 15.22
C LEU A 179 -9.09 -17.96 14.18
N GLY A 180 -9.46 -18.29 12.94
CA GLY A 180 -9.41 -17.29 11.89
C GLY A 180 -10.44 -16.19 12.07
N LEU A 181 -11.65 -16.57 12.51
CA LEU A 181 -12.68 -15.57 12.80
C LEU A 181 -12.23 -14.56 13.84
N ARG A 182 -11.19 -14.90 14.59
CA ARG A 182 -10.59 -13.99 15.55
C ARG A 182 -9.25 -13.45 15.07
N GLU A 183 -8.94 -13.63 13.78
CA GLU A 183 -7.79 -12.99 13.13
C GLU A 183 -6.48 -13.44 13.74
N LEU A 184 -6.41 -14.70 14.13
CA LEU A 184 -5.15 -15.31 14.52
C LEU A 184 -4.57 -16.04 13.31
N ASN A 185 -3.25 -16.10 13.26
CA ASN A 185 -2.52 -16.79 12.21
C ASN A 185 -2.09 -18.18 12.73
N ILE A 186 -1.72 -19.06 11.78
CA ILE A 186 -1.50 -20.47 12.08
C ILE A 186 -0.11 -20.88 11.63
N CYS A 187 0.57 -21.64 12.48
CA CYS A 187 1.84 -22.28 12.13
C CYS A 187 1.75 -23.76 12.50
N THR A 188 2.13 -24.64 11.57
CA THR A 188 2.09 -26.08 11.79
C THR A 188 3.38 -26.67 11.24
N GLY A 189 3.51 -27.99 11.37
CA GLY A 189 4.59 -28.68 10.69
C GLY A 189 4.40 -28.86 9.18
N CYS A 190 3.33 -28.32 8.60
CA CYS A 190 3.10 -28.18 7.16
C CYS A 190 2.85 -29.50 6.41
N GLY A 191 2.76 -30.64 7.09
CA GLY A 191 2.27 -31.84 6.46
C GLY A 191 0.75 -31.85 6.28
N PRO A 192 0.17 -33.03 6.16
CA PRO A 192 -1.29 -33.12 6.03
C PRO A 192 -1.97 -33.30 7.38
N GLY A 193 -3.21 -33.78 7.36
CA GLY A 193 -3.87 -34.13 8.61
C GLY A 193 -4.12 -32.93 9.50
N ALA A 194 -3.89 -33.13 10.80
CA ALA A 194 -4.04 -32.04 11.76
C ALA A 194 -3.08 -30.89 11.48
N MET A 195 -2.07 -31.10 10.64
CA MET A 195 -1.16 -30.02 10.26
C MET A 195 -1.73 -29.15 9.13
N GLU A 196 -2.86 -29.56 8.54
CA GLU A 196 -3.47 -28.88 7.41
C GLU A 196 -4.86 -28.36 7.73
N ALA A 197 -5.73 -29.19 8.31
CA ALA A 197 -7.08 -28.77 8.69
C ALA A 197 -7.15 -27.41 9.38
N PRO A 198 -6.32 -27.10 10.38
CA PRO A 198 -6.47 -25.78 11.04
C PRO A 198 -6.20 -24.61 10.12
N MET A 199 -5.28 -24.75 9.15
CA MET A 199 -5.05 -23.66 8.20
C MET A 199 -6.23 -23.50 7.25
N LYS A 200 -6.80 -24.65 6.81
CA LYS A 200 -7.96 -24.62 5.91
C LYS A 200 -9.12 -23.87 6.53
N GLY A 201 -9.45 -24.20 7.78
CA GLY A 201 -10.51 -23.47 8.47
C GLY A 201 -10.11 -22.04 8.73
N ALA A 202 -8.85 -21.82 9.11
CA ALA A 202 -8.44 -20.45 9.39
C ALA A 202 -8.60 -19.56 8.15
N ALA A 203 -8.30 -20.09 6.97
CA ALA A 203 -8.45 -19.29 5.74
C ALA A 203 -9.90 -18.87 5.55
N VAL A 204 -10.83 -19.82 5.70
CA VAL A 204 -12.24 -19.47 5.59
C VAL A 204 -12.60 -18.33 6.56
N GLY A 205 -12.22 -18.46 7.83
CA GLY A 205 -12.56 -17.43 8.79
C GLY A 205 -11.91 -16.09 8.48
N HIS A 206 -10.68 -16.12 7.95
CA HIS A 206 -10.05 -14.88 7.52
C HIS A 206 -10.89 -14.19 6.47
N ALA A 207 -11.39 -14.95 5.50
CA ALA A 207 -12.17 -14.31 4.46
C ALA A 207 -13.41 -13.67 5.05
N GLN A 208 -14.02 -14.31 6.06
CA GLN A 208 -15.22 -13.72 6.63
C GLN A 208 -14.92 -12.45 7.43
N GLN A 209 -13.70 -12.27 7.90
CA GLN A 209 -13.40 -11.05 8.64
C GLN A 209 -12.63 -10.04 7.80
N ARG A 210 -12.52 -10.28 6.48
CA ARG A 210 -11.76 -9.43 5.59
C ARG A 210 -10.35 -9.19 6.13
N TYR A 211 -9.80 -10.23 6.75
CA TYR A 211 -8.42 -10.21 7.23
C TYR A 211 -7.51 -10.59 6.08
N LYS A 212 -6.66 -9.67 5.64
CA LYS A 212 -5.95 -9.93 4.40
C LYS A 212 -4.47 -10.21 4.63
N ASP A 213 -4.05 -10.46 5.86
CA ASP A 213 -2.66 -10.76 6.16
C ASP A 213 -2.43 -12.21 6.57
N SER A 214 -3.14 -13.16 5.95
CA SER A 214 -3.00 -14.55 6.38
C SER A 214 -1.54 -14.96 6.40
N ARG A 215 -1.10 -15.51 7.53
CA ARG A 215 0.23 -16.10 7.64
C ARG A 215 0.08 -17.56 8.05
N PHE A 216 0.30 -18.47 7.09
CA PHE A 216 0.21 -19.90 7.31
C PHE A 216 1.62 -20.48 7.22
N ILE A 217 2.29 -20.56 8.36
CA ILE A 217 3.69 -20.94 8.38
C ILE A 217 3.82 -22.45 8.53
N GLY A 218 4.55 -23.08 7.61
CA GLY A 218 4.87 -24.48 7.71
C GLY A 218 6.33 -24.64 8.06
N MET A 219 6.58 -25.20 9.24
CA MET A 219 7.90 -25.35 9.78
C MET A 219 8.26 -26.84 9.73
N THR A 220 9.29 -27.19 8.97
CA THR A 220 9.60 -28.61 8.75
C THR A 220 11.12 -28.80 8.85
N GLU A 221 11.59 -29.99 8.53
CA GLU A 221 13.01 -30.29 8.50
C GLU A 221 13.30 -31.17 7.29
N PRO A 222 14.55 -31.18 6.80
CA PRO A 222 14.82 -31.70 5.44
C PRO A 222 14.46 -33.16 5.25
N SER A 223 14.48 -33.99 6.31
CA SER A 223 14.07 -35.39 6.14
C SER A 223 12.57 -35.49 5.89
N ILE A 224 11.77 -34.72 6.61
CA ILE A 224 10.32 -34.79 6.46
C ILE A 224 9.90 -34.38 5.06
N ILE A 225 10.31 -33.19 4.63
CA ILE A 225 9.77 -32.59 3.41
C ILE A 225 10.28 -33.34 2.19
N ALA A 226 11.54 -33.80 2.23
CA ALA A 226 12.04 -34.65 1.16
C ALA A 226 11.07 -35.77 0.81
N ALA A 227 10.35 -36.29 1.81
CA ALA A 227 9.41 -37.36 1.57
C ALA A 227 7.97 -36.88 1.45
N GLU A 228 7.60 -35.83 2.17
CA GLU A 228 6.21 -35.42 2.34
C GLU A 228 6.00 -34.03 1.77
N PRO A 229 5.28 -33.87 0.67
CA PRO A 229 5.04 -32.53 0.14
C PRO A 229 4.32 -31.67 1.20
N PRO A 230 4.56 -30.38 1.18
CA PRO A 230 3.82 -29.49 2.10
C PRO A 230 2.37 -29.39 1.67
N ASN A 231 1.51 -29.01 2.63
CA ASN A 231 0.11 -28.93 2.24
C ASN A 231 -0.15 -27.63 1.47
N PRO A 232 -1.20 -27.60 0.67
CA PRO A 232 -1.39 -26.45 -0.23
C PRO A 232 -1.78 -25.18 0.47
N LEU A 233 -2.11 -25.21 1.77
CA LEU A 233 -2.47 -23.99 2.47
C LEU A 233 -1.26 -23.17 2.88
N VAL A 234 -0.09 -23.80 3.03
CA VAL A 234 1.10 -23.14 3.55
C VAL A 234 1.49 -21.99 2.63
N ASN A 235 1.66 -20.79 3.20
CA ASN A 235 2.18 -19.69 2.40
C ASN A 235 3.50 -19.15 2.89
N GLU A 236 4.10 -19.75 3.92
CA GLU A 236 5.48 -19.42 4.33
C GLU A 236 6.15 -20.73 4.75
N LEU A 237 6.92 -21.33 3.83
CA LEU A 237 7.64 -22.55 4.10
C LEU A 237 9.01 -22.24 4.71
N ILE A 238 9.31 -22.90 5.83
CA ILE A 238 10.57 -22.77 6.52
C ILE A 238 11.09 -24.17 6.79
N ILE A 239 12.36 -24.42 6.49
CA ILE A 239 12.95 -25.74 6.67
C ILE A 239 14.09 -25.60 7.65
N MET A 240 13.85 -26.00 8.89
CA MET A 240 14.90 -25.95 9.88
C MET A 240 15.88 -27.11 9.68
N PRO A 241 17.15 -26.89 10.07
CA PRO A 241 18.20 -27.87 9.76
C PRO A 241 17.97 -29.26 10.32
N ASP A 242 17.28 -29.37 11.45
CA ASP A 242 17.07 -30.68 12.08
C ASP A 242 15.86 -30.59 13.00
N ILE A 243 15.50 -31.74 13.59
CA ILE A 243 14.26 -31.81 14.36
C ILE A 243 14.37 -30.98 15.64
N GLU A 244 15.55 -30.88 16.25
CA GLU A 244 15.61 -30.13 17.50
C GLU A 244 15.45 -28.63 17.24
N LYS A 245 16.07 -28.12 16.17
CA LYS A 245 15.91 -26.71 15.85
C LYS A 245 14.49 -26.40 15.39
N ARG A 246 13.84 -27.35 14.72
CA ARG A 246 12.44 -27.18 14.37
C ARG A 246 11.58 -27.06 15.62
N LEU A 247 11.85 -27.90 16.64
CA LEU A 247 11.11 -27.79 17.90
C LEU A 247 11.37 -26.46 18.58
N GLU A 248 12.64 -26.04 18.66
CA GLU A 248 12.93 -24.73 19.26
C GLU A 248 12.25 -23.60 18.49
N ALA A 249 12.28 -23.65 17.15
CA ALA A 249 11.64 -22.57 16.40
C ALA A 249 10.15 -22.50 16.73
N PHE A 250 9.49 -23.66 16.79
CA PHE A 250 8.07 -23.68 17.14
C PHE A 250 7.83 -22.94 18.46
N VAL A 251 8.62 -23.28 19.48
CA VAL A 251 8.43 -22.66 20.78
C VAL A 251 8.71 -21.17 20.70
N ARG A 252 9.71 -20.76 19.93
CA ARG A 252 10.12 -19.36 19.98
C ARG A 252 9.22 -18.44 19.17
N ILE A 253 8.55 -18.92 18.11
CA ILE A 253 7.67 -18.02 17.37
C ILE A 253 6.25 -18.07 17.85
N ALA A 254 5.91 -19.06 18.67
CA ALA A 254 4.53 -19.24 19.10
C ALA A 254 4.11 -18.16 20.11
N HIS A 255 2.87 -17.74 20.01
CA HIS A 255 2.22 -17.00 21.06
C HIS A 255 1.22 -17.86 21.81
N GLY A 256 0.84 -18.99 21.25
CA GLY A 256 0.04 -19.98 21.90
C GLY A 256 0.22 -21.27 21.13
N ILE A 257 -0.04 -22.38 21.82
CA ILE A 257 0.11 -23.71 21.23
C ILE A 257 -1.19 -24.49 21.45
N ILE A 258 -1.65 -25.14 20.40
CA ILE A 258 -2.80 -26.03 20.43
C ILE A 258 -2.27 -27.41 20.06
N ILE A 259 -2.62 -28.44 20.84
CA ILE A 259 -2.21 -29.80 20.54
C ILE A 259 -3.45 -30.65 20.29
N PHE A 260 -3.56 -31.16 19.05
CA PHE A 260 -4.60 -32.10 18.64
C PHE A 260 -4.12 -33.53 18.84
N PRO A 261 -5.04 -34.49 18.87
CA PRO A 261 -4.64 -35.88 18.99
C PRO A 261 -3.62 -36.25 17.93
N GLY A 262 -2.62 -37.04 18.33
CA GLY A 262 -1.59 -37.44 17.40
C GLY A 262 -0.93 -38.75 17.76
N GLY A 263 -1.74 -39.74 18.11
CA GLY A 263 -1.05 -40.99 18.41
C GLY A 263 -0.22 -40.81 19.65
N VAL A 264 0.82 -41.63 19.77
CA VAL A 264 1.59 -41.61 21.01
C VAL A 264 2.68 -40.56 20.98
N GLY A 265 3.06 -40.07 19.80
CA GLY A 265 4.01 -38.98 19.75
C GLY A 265 3.50 -37.74 20.47
N THR A 266 2.18 -37.57 20.53
CA THR A 266 1.62 -36.44 21.26
C THR A 266 2.14 -36.40 22.70
N ALA A 267 2.33 -37.56 23.32
CA ALA A 267 2.88 -37.58 24.67
C ALA A 267 4.30 -37.00 24.69
N GLU A 268 5.15 -37.43 23.75
CA GLU A 268 6.46 -36.81 23.60
C GLU A 268 6.33 -35.29 23.50
N GLU A 269 5.41 -34.81 22.66
CA GLU A 269 5.28 -33.38 22.41
C GLU A 269 4.96 -32.64 23.68
N LEU A 270 3.99 -33.15 24.43
CA LEU A 270 3.60 -32.53 25.68
C LEU A 270 4.73 -32.57 26.71
N LEU A 271 5.51 -33.65 26.75
CA LEU A 271 6.60 -33.71 27.71
C LEU A 271 7.69 -32.71 27.36
N TYR A 272 7.95 -32.52 26.06
CA TYR A 272 8.86 -31.47 25.62
C TYR A 272 8.42 -30.11 26.16
N LEU A 273 7.17 -29.73 25.89
CA LEU A 273 6.68 -28.44 26.37
C LEU A 273 6.71 -28.34 27.89
N LEU A 274 6.32 -29.42 28.60
CA LEU A 274 6.37 -29.37 30.05
C LEU A 274 7.79 -29.18 30.54
N GLY A 275 8.74 -29.86 29.90
CA GLY A 275 10.13 -29.73 30.31
C GLY A 275 10.61 -28.30 30.21
N ILE A 276 9.96 -27.50 29.35
CA ILE A 276 10.31 -26.10 29.20
C ILE A 276 9.46 -25.22 30.11
N LEU A 277 8.13 -25.38 30.08
CA LEU A 277 7.26 -24.52 30.88
C LEU A 277 7.46 -24.73 32.38
N MET A 278 7.89 -25.92 32.79
CA MET A 278 8.08 -26.20 34.21
C MET A 278 9.51 -25.93 34.64
N ASN A 279 10.35 -25.45 33.75
CA ASN A 279 11.67 -25.03 34.17
C ASN A 279 11.51 -23.79 35.06
N PRO A 280 12.23 -23.73 36.18
CA PRO A 280 11.98 -22.62 37.11
C PRO A 280 12.30 -21.27 36.50
N ALA A 281 13.28 -21.21 35.58
CA ALA A 281 13.59 -19.97 34.88
C ALA A 281 12.43 -19.45 34.03
N ASN A 282 11.42 -20.27 33.71
CA ASN A 282 10.35 -19.81 32.82
C ASN A 282 9.06 -19.55 33.56
N LYS A 283 9.11 -19.52 34.88
CA LYS A 283 7.90 -19.36 35.67
C LYS A 283 7.10 -18.08 35.35
N ASP A 284 7.76 -16.99 34.97
CA ASP A 284 7.02 -15.79 34.61
C ASP A 284 6.61 -15.72 33.14
N GLN A 285 6.99 -16.70 32.31
CA GLN A 285 6.63 -16.66 30.89
C GLN A 285 5.13 -16.89 30.68
N VAL A 286 4.60 -16.28 29.63
CA VAL A 286 3.20 -16.46 29.23
C VAL A 286 3.19 -17.16 27.88
N LEU A 287 2.63 -18.37 27.83
CA LEU A 287 2.53 -19.17 26.61
C LEU A 287 1.38 -20.15 26.79
N PRO A 288 0.17 -19.76 26.41
CA PRO A 288 -0.99 -20.64 26.61
C PRO A 288 -0.83 -21.93 25.83
N LEU A 289 -1.12 -23.06 26.49
CA LEU A 289 -1.06 -24.38 25.88
C LEU A 289 -2.41 -25.04 26.07
N ILE A 290 -3.02 -25.50 24.98
CA ILE A 290 -4.33 -26.14 25.06
C ILE A 290 -4.30 -27.46 24.29
N LEU A 291 -4.75 -28.52 24.96
CA LEU A 291 -4.99 -29.80 24.32
C LEU A 291 -6.48 -29.89 24.02
N THR A 292 -6.84 -30.27 22.80
CA THR A 292 -8.24 -30.28 22.41
C THR A 292 -8.44 -31.36 21.35
N GLY A 293 -9.67 -31.87 21.28
CA GLY A 293 -10.07 -32.80 20.24
C GLY A 293 -11.58 -32.96 20.23
N PRO A 294 -12.10 -33.80 19.32
CA PRO A 294 -13.54 -34.08 19.32
C PRO A 294 -14.00 -34.90 20.52
N LYS A 295 -15.30 -35.14 20.65
CA LYS A 295 -15.79 -35.87 21.83
C LYS A 295 -15.08 -37.20 21.99
N GLU A 296 -14.84 -37.88 20.89
CA GLU A 296 -14.27 -39.23 20.86
C GLU A 296 -12.82 -39.29 21.33
N SER A 297 -12.20 -38.18 21.72
CA SER A 297 -10.82 -38.16 22.19
C SER A 297 -10.73 -37.96 23.70
N ALA A 298 -11.85 -37.79 24.39
CA ALA A 298 -11.82 -37.54 25.82
C ALA A 298 -10.99 -38.59 26.57
N ASP A 299 -11.09 -39.87 26.18
CA ASP A 299 -10.31 -40.90 26.86
C ASP A 299 -8.83 -40.77 26.55
N TYR A 300 -8.52 -40.56 25.26
CA TYR A 300 -7.15 -40.30 24.83
C TYR A 300 -6.50 -39.21 25.69
N PHE A 301 -7.19 -38.09 25.88
CA PHE A 301 -6.63 -37.02 26.69
C PHE A 301 -6.68 -37.33 28.18
N ARG A 302 -7.68 -38.08 28.65
CA ARG A 302 -7.73 -38.43 30.08
C ARG A 302 -6.55 -39.31 30.46
N VAL A 303 -6.15 -40.19 29.54
CA VAL A 303 -4.97 -41.04 29.72
C VAL A 303 -3.71 -40.18 29.83
N LEU A 304 -3.51 -39.28 28.86
CA LEU A 304 -2.35 -38.39 28.87
C LEU A 304 -2.32 -37.54 30.15
N ASP A 305 -3.49 -37.02 30.54
CA ASP A 305 -3.58 -36.18 31.73
C ASP A 305 -3.19 -36.94 32.98
N GLU A 306 -3.57 -38.22 33.06
CA GLU A 306 -3.25 -38.99 34.28
C GLU A 306 -1.76 -39.28 34.36
N PHE A 307 -1.14 -39.62 33.23
CA PHE A 307 0.30 -39.85 33.26
C PHE A 307 1.07 -38.61 33.71
N VAL A 308 0.67 -37.44 33.22
CA VAL A 308 1.37 -36.20 33.57
C VAL A 308 1.17 -35.86 35.05
N VAL A 309 -0.08 -35.88 35.49
CA VAL A 309 -0.37 -35.58 36.90
C VAL A 309 0.37 -36.53 37.81
N HIS A 310 0.37 -37.83 37.47
CA HIS A 310 0.90 -38.83 38.38
C HIS A 310 2.40 -38.99 38.28
N THR A 311 3.05 -38.44 37.28
CA THR A 311 4.50 -38.52 37.21
C THR A 311 5.17 -37.19 37.45
N LEU A 312 4.59 -36.10 36.98
CA LEU A 312 5.16 -34.77 37.14
C LEU A 312 4.45 -33.94 38.22
N GLY A 313 3.27 -34.36 38.66
CA GLY A 313 2.55 -33.70 39.73
C GLY A 313 1.36 -32.90 39.22
N GLU A 314 0.34 -32.78 40.07
CA GLU A 314 -0.84 -32.02 39.68
C GLU A 314 -0.50 -30.61 39.23
N ASN A 315 0.63 -30.06 39.70
CA ASN A 315 1.02 -28.70 39.33
C ASN A 315 1.27 -28.57 37.84
N ALA A 316 1.68 -29.66 37.18
CA ALA A 316 1.82 -29.64 35.73
C ALA A 316 0.59 -29.04 35.05
N ARG A 317 -0.59 -29.17 35.67
CA ARG A 317 -1.82 -28.60 35.16
C ARG A 317 -1.86 -27.07 35.25
N ARG A 318 -0.86 -26.44 35.84
CA ARG A 318 -0.76 -24.99 35.77
C ARG A 318 -0.29 -24.49 34.41
N HIS A 319 0.10 -25.41 33.52
CA HIS A 319 0.72 -25.07 32.24
C HIS A 319 -0.02 -25.57 31.01
N TYR A 320 -1.10 -26.32 31.16
CA TYR A 320 -1.90 -26.71 30.01
C TYR A 320 -3.34 -26.83 30.48
N ARG A 321 -4.25 -26.78 29.52
CA ARG A 321 -5.66 -26.93 29.77
C ARG A 321 -6.21 -27.87 28.71
N ILE A 322 -7.04 -28.83 29.13
CA ILE A 322 -7.69 -29.73 28.19
C ILE A 322 -9.11 -29.24 27.94
N ILE A 323 -9.52 -29.23 26.68
CA ILE A 323 -10.83 -28.77 26.27
C ILE A 323 -11.34 -29.75 25.23
N ILE A 324 -12.47 -30.39 25.51
CA ILE A 324 -13.05 -31.39 24.62
C ILE A 324 -14.24 -30.77 23.90
N ASP A 325 -14.18 -30.76 22.57
CA ASP A 325 -15.37 -30.54 21.76
C ASP A 325 -16.02 -29.19 22.01
N ASP A 326 -15.18 -28.13 22.08
CA ASP A 326 -15.64 -26.74 22.10
C ASP A 326 -14.65 -25.89 21.31
N ALA A 327 -14.80 -25.90 19.98
CA ALA A 327 -13.82 -25.24 19.14
C ALA A 327 -13.84 -23.74 19.37
N ALA A 328 -15.03 -23.15 19.46
CA ALA A 328 -15.12 -21.72 19.74
C ALA A 328 -14.41 -21.37 21.03
N GLU A 329 -14.45 -22.25 22.03
CA GLU A 329 -13.82 -21.95 23.31
C GLU A 329 -12.31 -21.93 23.20
N VAL A 330 -11.75 -22.93 22.51
CA VAL A 330 -10.32 -22.99 22.23
C VAL A 330 -9.87 -21.66 21.64
N ALA A 331 -10.51 -21.25 20.54
CA ALA A 331 -10.12 -20.01 19.89
C ALA A 331 -10.30 -18.82 20.82
N ARG A 332 -11.43 -18.79 21.53
CA ARG A 332 -11.71 -17.71 22.48
C ARG A 332 -10.59 -17.57 23.50
N GLN A 333 -10.10 -18.69 24.04
CA GLN A 333 -9.02 -18.62 25.03
C GLN A 333 -7.75 -18.05 24.42
N MET A 334 -7.37 -18.53 23.23
CA MET A 334 -6.17 -18.03 22.55
C MET A 334 -6.26 -16.55 22.26
N LYS A 335 -7.40 -16.11 21.71
CA LYS A 335 -7.56 -14.69 21.41
C LYS A 335 -7.38 -13.86 22.66
N LYS A 336 -8.05 -14.25 23.76
CA LYS A 336 -7.90 -13.55 25.04
C LYS A 336 -6.46 -13.57 25.52
N SER A 337 -5.71 -14.64 25.25
CA SER A 337 -4.32 -14.68 25.71
C SER A 337 -3.40 -13.73 24.96
N MET A 338 -3.75 -13.37 23.71
CA MET A 338 -2.82 -12.61 22.89
C MET A 338 -2.35 -11.34 23.58
N PRO A 339 -3.26 -10.49 24.09
CA PRO A 339 -2.80 -9.30 24.83
C PRO A 339 -1.96 -9.64 26.05
N LEU A 340 -2.21 -10.78 26.70
CA LEU A 340 -1.33 -11.14 27.82
C LEU A 340 0.07 -11.48 27.33
N VAL A 341 0.18 -12.12 26.15
CA VAL A 341 1.50 -12.38 25.58
C VAL A 341 2.21 -11.07 25.26
N LYS A 342 1.51 -10.14 24.60
CA LYS A 342 2.08 -8.84 24.28
C LYS A 342 2.62 -8.15 25.53
N GLU A 343 1.79 -8.08 26.57
CA GLU A 343 2.21 -7.42 27.79
C GLU A 343 3.40 -8.14 28.40
N ASN A 344 3.37 -9.48 28.38
CA ASN A 344 4.50 -10.23 28.91
C ASN A 344 5.80 -9.90 28.16
N ARG A 345 5.75 -9.82 26.82
CA ARG A 345 6.97 -9.44 26.09
C ARG A 345 7.36 -7.99 26.36
N ARG A 346 6.37 -7.09 26.49
CA ARG A 346 6.67 -5.71 26.81
C ARG A 346 7.32 -5.57 28.19
N ASP A 347 6.85 -6.34 29.16
CA ASP A 347 7.45 -6.30 30.49
C ASP A 347 8.93 -6.61 30.43
N THR A 348 9.32 -7.65 29.69
CA THR A 348 10.73 -8.04 29.68
C THR A 348 11.52 -7.33 28.60
N GLY A 349 10.88 -6.55 27.75
CA GLY A 349 11.59 -5.99 26.63
C GLY A 349 11.99 -7.01 25.58
N ASP A 350 11.33 -8.17 25.55
CA ASP A 350 11.55 -9.24 24.58
C ASP A 350 10.88 -8.88 23.27
N ALA A 351 11.22 -9.61 22.20
CA ALA A 351 10.62 -9.38 20.89
C ALA A 351 9.20 -9.92 20.84
N TYR A 352 8.31 -9.22 20.12
CA TYR A 352 6.96 -9.75 19.91
C TYR A 352 6.95 -10.97 19.00
N SER A 353 7.89 -11.04 18.06
CA SER A 353 7.89 -12.10 17.06
C SER A 353 8.82 -13.24 17.42
N PHE A 354 9.65 -13.11 18.44
CA PHE A 354 10.58 -14.19 18.78
C PHE A 354 10.88 -14.12 20.27
N ASN A 355 10.60 -15.23 20.98
CA ASN A 355 10.69 -15.28 22.45
C ASN A 355 12.11 -15.62 22.87
N TRP A 356 12.95 -14.60 23.08
CA TRP A 356 14.32 -14.86 23.50
C TRP A 356 14.41 -15.30 24.95
N SER A 357 13.54 -14.79 25.84
CA SER A 357 13.82 -14.99 27.24
C SER A 357 13.40 -16.38 27.73
N MET A 358 12.61 -17.10 26.94
CA MET A 358 12.25 -18.46 27.34
C MET A 358 13.52 -19.30 27.38
N ARG A 359 13.70 -20.04 28.47
CA ARG A 359 14.89 -20.87 28.66
C ARG A 359 14.60 -22.26 28.13
N ILE A 360 15.43 -22.72 27.22
CA ILE A 360 15.31 -24.06 26.65
C ILE A 360 16.59 -24.79 27.01
N ALA A 361 16.49 -25.78 27.91
CA ALA A 361 17.65 -26.50 28.42
C ALA A 361 18.51 -27.01 27.29
N PRO A 362 19.84 -27.06 27.45
CA PRO A 362 20.68 -27.55 26.35
C PRO A 362 20.37 -28.97 25.94
N ASP A 363 20.03 -29.84 26.89
CA ASP A 363 19.71 -31.21 26.52
C ASP A 363 18.55 -31.24 25.55
N LEU A 364 17.64 -30.28 25.64
CA LEU A 364 16.50 -30.26 24.73
C LEU A 364 16.87 -29.79 23.34
N GLN A 365 18.06 -29.23 23.14
CA GLN A 365 18.49 -28.86 21.81
C GLN A 365 19.38 -29.92 21.18
N MET A 366 19.59 -31.03 21.86
CA MET A 366 20.49 -32.06 21.40
C MET A 366 19.70 -33.31 21.05
N PRO A 367 20.15 -34.12 20.10
CA PRO A 367 19.41 -35.33 19.74
C PRO A 367 19.71 -36.47 20.71
N PHE A 368 18.81 -37.45 20.73
CA PHE A 368 18.90 -38.60 21.62
C PHE A 368 18.92 -39.88 20.79
N GLU A 369 20.04 -40.61 20.85
CA GLU A 369 20.15 -41.92 20.22
C GLU A 369 19.69 -42.98 21.20
N PRO A 370 18.57 -43.71 20.91
CA PRO A 370 18.01 -44.63 21.92
C PRO A 370 18.83 -45.90 22.15
N SER A 371 20.16 -45.78 22.17
CA SER A 371 21.02 -46.92 22.47
C SER A 371 20.75 -47.46 23.87
N HIS A 372 21.14 -48.72 24.08
CA HIS A 372 20.90 -49.37 25.36
C HIS A 372 21.58 -48.60 26.49
N GLU A 373 22.85 -48.25 26.31
CA GLU A 373 23.56 -47.51 27.36
C GLU A 373 22.93 -46.15 27.60
N ASN A 374 22.43 -45.49 26.54
CA ASN A 374 21.70 -44.24 26.73
C ASN A 374 20.42 -44.48 27.52
N MET A 375 19.62 -45.47 27.12
CA MET A 375 18.40 -45.80 27.85
C MET A 375 18.66 -46.07 29.33
N ALA A 376 19.88 -46.50 29.66
CA ALA A 376 20.21 -46.86 31.05
C ALA A 376 20.67 -45.67 31.87
N ASN A 377 21.27 -44.66 31.25
CA ASN A 377 21.70 -43.48 31.99
C ASN A 377 20.56 -42.46 32.18
N LEU A 378 19.33 -42.82 31.82
CA LEU A 378 18.17 -42.00 32.14
C LEU A 378 17.81 -42.21 33.60
N LYS A 379 17.63 -41.13 34.35
CA LYS A 379 17.30 -41.21 35.77
C LYS A 379 15.83 -40.84 35.95
N LEU A 380 14.98 -41.86 36.10
CA LEU A 380 13.53 -41.67 36.15
C LEU A 380 12.98 -41.82 37.56
N TYR A 381 13.40 -40.92 38.45
CA TYR A 381 13.04 -40.95 39.84
C TYR A 381 12.36 -39.65 40.25
N PRO A 382 11.34 -39.70 41.11
CA PRO A 382 10.61 -38.48 41.46
C PRO A 382 11.39 -37.51 42.34
N ASP A 383 12.51 -37.92 42.92
CA ASP A 383 13.36 -36.95 43.60
C ASP A 383 14.24 -36.19 42.63
N GLN A 384 13.94 -36.30 41.34
CA GLN A 384 14.59 -35.58 40.25
C GLN A 384 13.89 -34.24 40.05
N PRO A 385 14.63 -33.18 39.72
CA PRO A 385 13.97 -31.91 39.43
C PRO A 385 12.94 -32.10 38.33
N VAL A 386 11.75 -31.51 38.52
CA VAL A 386 10.62 -31.86 37.67
C VAL A 386 10.96 -31.66 36.19
N GLU A 387 11.58 -30.52 35.86
CA GLU A 387 11.88 -30.27 34.44
C GLU A 387 12.83 -31.31 33.87
N VAL A 388 13.77 -31.82 34.68
CA VAL A 388 14.66 -32.86 34.19
C VAL A 388 13.93 -34.18 34.01
N LEU A 389 13.00 -34.50 34.93
CA LEU A 389 12.27 -35.76 34.81
C LEU A 389 11.37 -35.75 33.59
N ALA A 390 10.69 -34.63 33.33
CA ALA A 390 9.95 -34.47 32.08
C ALA A 390 10.84 -34.74 30.87
N ALA A 391 12.04 -34.16 30.84
CA ALA A 391 12.93 -34.38 29.70
C ALA A 391 13.33 -35.85 29.60
N ASP A 392 13.70 -36.48 30.73
CA ASP A 392 14.16 -37.86 30.68
C ASP A 392 13.01 -38.82 30.40
N LEU A 393 11.82 -38.53 30.91
CA LEU A 393 10.66 -39.32 30.55
C LEU A 393 10.40 -39.26 29.05
N ARG A 394 10.65 -38.10 28.44
CA ARG A 394 10.49 -37.96 27.00
C ARG A 394 11.48 -38.83 26.23
N ARG A 395 12.77 -38.73 26.57
CA ARG A 395 13.75 -39.64 26.01
C ARG A 395 13.34 -41.09 26.26
N ALA A 396 12.80 -41.38 27.44
CA ALA A 396 12.40 -42.75 27.74
C ALA A 396 11.26 -43.20 26.82
N PHE A 397 10.31 -42.31 26.53
CA PHE A 397 9.18 -42.70 25.69
C PHE A 397 9.61 -43.01 24.27
N SER A 398 10.39 -42.12 23.66
CA SER A 398 10.80 -42.34 22.28
C SER A 398 11.54 -43.67 22.15
N GLY A 399 12.36 -44.01 23.14
CA GLY A 399 13.12 -45.25 23.07
C GLY A 399 12.23 -46.48 23.20
N ILE A 400 11.39 -46.50 24.25
CA ILE A 400 10.51 -47.65 24.48
C ILE A 400 9.56 -47.84 23.29
N VAL A 401 8.98 -46.75 22.80
CA VAL A 401 8.09 -46.85 21.65
C VAL A 401 8.87 -47.35 20.42
N ALA A 402 9.93 -46.62 20.04
CA ALA A 402 10.76 -47.07 18.92
C ALA A 402 11.11 -48.55 19.03
N GLY A 403 11.32 -49.03 20.26
CA GLY A 403 11.58 -50.44 20.45
C GLY A 403 10.38 -51.31 20.12
N ASN A 404 9.17 -50.79 20.31
CA ASN A 404 7.95 -51.56 20.14
C ASN A 404 7.35 -51.46 18.73
N VAL A 405 7.85 -50.57 17.88
CA VAL A 405 7.12 -50.25 16.65
C VAL A 405 8.05 -49.87 15.52
N LYS A 406 9.30 -49.55 15.81
CA LYS A 406 10.26 -49.12 14.79
C LYS A 406 11.25 -50.24 14.51
N GLU A 407 11.48 -50.50 13.21
CA GLU A 407 12.34 -51.60 12.78
C GLU A 407 13.68 -51.57 13.50
N VAL A 408 14.49 -50.54 13.26
CA VAL A 408 15.83 -50.47 13.86
C VAL A 408 15.76 -50.68 15.36
N GLY A 409 14.66 -50.29 16.00
CA GLY A 409 14.49 -50.48 17.43
C GLY A 409 14.16 -51.91 17.81
N ILE A 410 13.24 -52.53 17.09
CA ILE A 410 12.90 -53.92 17.36
C ILE A 410 14.10 -54.83 17.14
N ARG A 411 14.89 -54.55 16.10
CA ARG A 411 16.06 -55.36 15.82
C ARG A 411 17.10 -55.25 16.93
N ALA A 412 17.30 -54.04 17.45
CA ALA A 412 18.27 -53.87 18.52
C ALA A 412 17.79 -54.50 19.82
N ILE A 413 16.47 -54.51 20.04
CA ILE A 413 15.92 -55.15 21.23
C ILE A 413 16.16 -56.66 21.17
N GLU A 414 16.01 -57.26 19.98
CA GLU A 414 16.21 -58.70 19.84
C GLU A 414 17.67 -59.08 20.04
N GLU A 415 18.61 -58.22 19.61
CA GLU A 415 20.02 -58.58 19.67
C GLU A 415 20.59 -58.44 21.08
N PHE A 416 20.32 -57.32 21.75
CA PHE A 416 20.93 -57.01 23.04
C PHE A 416 19.92 -57.06 24.19
N GLY A 417 18.71 -57.57 23.94
CA GLY A 417 17.77 -57.80 25.00
C GLY A 417 16.89 -56.61 25.32
N PRO A 418 16.17 -56.67 26.43
CA PRO A 418 15.24 -55.60 26.76
C PRO A 418 15.96 -54.41 27.35
N TYR A 419 15.35 -53.23 27.18
CA TYR A 419 15.94 -52.02 27.71
C TYR A 419 16.01 -52.08 29.23
N LYS A 420 17.20 -51.76 29.77
CA LYS A 420 17.46 -51.83 31.19
C LYS A 420 17.37 -50.43 31.79
N ILE A 421 16.14 -50.00 32.05
CA ILE A 421 15.84 -48.69 32.60
C ILE A 421 15.96 -48.74 34.12
N ASN A 422 16.78 -47.86 34.70
CA ASN A 422 16.77 -47.69 36.14
C ASN A 422 15.82 -46.55 36.47
N GLY A 423 14.81 -46.84 37.28
CA GLY A 423 13.78 -45.88 37.54
C GLY A 423 12.82 -46.38 38.60
N ASP A 424 12.11 -45.43 39.19
CA ASP A 424 11.17 -45.77 40.23
C ASP A 424 10.07 -46.67 39.68
N LYS A 425 9.57 -47.56 40.56
CA LYS A 425 8.57 -48.53 40.12
C LYS A 425 7.26 -47.85 39.76
N GLU A 426 6.76 -46.95 40.61
CA GLU A 426 5.49 -46.29 40.33
C GLU A 426 5.55 -45.52 39.01
N ILE A 427 6.68 -44.89 38.72
CA ILE A 427 6.84 -44.16 37.46
C ILE A 427 6.66 -45.11 36.28
N MET A 428 7.50 -46.14 36.19
CA MET A 428 7.39 -47.13 35.13
C MET A 428 5.98 -47.71 35.03
N ARG A 429 5.31 -47.90 36.17
CA ARG A 429 3.92 -48.35 36.13
C ARG A 429 3.03 -47.32 35.44
N ARG A 430 3.20 -46.04 35.78
CA ARG A 430 2.40 -45.00 35.14
C ARG A 430 2.71 -44.93 33.64
N MET A 431 3.97 -45.17 33.26
CA MET A 431 4.30 -45.23 31.85
C MET A 431 3.59 -46.40 31.18
N ASP A 432 3.64 -47.57 31.82
CA ASP A 432 2.99 -48.75 31.25
C ASP A 432 1.49 -48.53 31.07
N ASP A 433 0.82 -47.98 32.09
CA ASP A 433 -0.60 -47.69 31.98
C ASP A 433 -0.93 -46.77 30.80
N LEU A 434 -0.02 -45.88 30.44
CA LEU A 434 -0.25 -45.00 29.32
C LEU A 434 -0.14 -45.76 28.00
N LEU A 435 0.94 -46.52 27.82
CA LEU A 435 1.12 -47.30 26.60
C LEU A 435 -0.02 -48.30 26.42
N GLN A 436 -0.36 -49.03 27.49
CA GLN A 436 -1.50 -49.95 27.43
C GLN A 436 -2.75 -49.22 26.99
N GLY A 437 -3.13 -48.18 27.74
CA GLY A 437 -4.34 -47.44 27.41
C GLY A 437 -4.39 -46.94 25.99
N PHE A 438 -3.24 -46.60 25.40
CA PHE A 438 -3.20 -46.21 24.00
C PHE A 438 -3.50 -47.41 23.11
N VAL A 439 -2.73 -48.49 23.24
CA VAL A 439 -2.96 -49.68 22.43
C VAL A 439 -4.39 -50.17 22.60
N ALA A 440 -4.92 -50.10 23.83
CA ALA A 440 -6.30 -50.52 24.07
C ALA A 440 -7.30 -49.53 23.49
N GLN A 441 -6.90 -48.30 23.24
CA GLN A 441 -7.72 -47.37 22.46
C GLN A 441 -7.47 -47.52 20.97
N HIS A 442 -6.58 -48.42 20.58
CA HIS A 442 -6.06 -48.56 19.22
C HIS A 442 -5.42 -47.28 18.71
N ARG A 443 -5.27 -46.28 19.58
CA ARG A 443 -4.45 -45.11 19.28
C ARG A 443 -3.00 -45.48 19.04
N MET A 444 -2.58 -46.66 19.47
CA MET A 444 -1.22 -47.13 19.29
C MET A 444 -1.27 -48.56 18.77
N LYS A 445 -0.53 -48.82 17.69
CA LYS A 445 -0.55 -50.12 17.01
C LYS A 445 0.86 -50.68 16.99
N LEU A 446 1.04 -51.88 17.52
CA LEU A 446 2.36 -52.48 17.61
C LEU A 446 2.41 -53.75 16.79
N PRO A 447 3.42 -53.90 15.90
CA PRO A 447 3.60 -55.15 15.14
C PRO A 447 3.22 -56.40 15.93
N GLY A 448 2.29 -57.17 15.40
CA GLY A 448 1.66 -58.26 16.13
C GLY A 448 0.32 -57.85 16.69
N SER A 449 -0.09 -58.58 17.74
CA SER A 449 -1.31 -58.22 18.45
C SER A 449 -1.11 -58.05 19.94
N ALA A 450 -0.07 -58.64 20.52
CA ALA A 450 0.19 -58.56 21.96
C ALA A 450 1.27 -57.49 22.21
N TYR A 451 0.88 -56.41 22.92
CA TYR A 451 1.88 -55.45 23.37
C TYR A 451 2.80 -56.12 24.37
N ILE A 452 4.02 -56.43 23.93
CA ILE A 452 5.04 -57.01 24.80
C ILE A 452 5.99 -55.88 25.21
N PRO A 453 5.95 -55.43 26.47
CA PRO A 453 6.73 -54.23 26.87
C PRO A 453 8.22 -54.52 26.91
N CYS A 454 8.97 -53.74 26.11
CA CYS A 454 10.36 -54.02 25.79
C CYS A 454 11.35 -53.38 26.77
N TYR A 455 11.00 -53.28 28.06
CA TYR A 455 11.94 -52.72 29.03
C TYR A 455 11.92 -53.57 30.29
N GLU A 456 12.73 -53.16 31.28
CA GLU A 456 12.95 -53.96 32.49
C GLU A 456 13.67 -53.13 33.55
N ILE A 457 13.05 -52.97 34.73
CA ILE A 457 13.64 -52.06 35.72
C ILE A 457 15.01 -52.58 36.17
N CYS A 458 15.78 -51.70 36.79
CA CYS A 458 17.08 -52.05 37.35
C CYS A 458 17.35 -51.27 38.63
N ALA B 6 19.92 16.02 30.30
CA ALA B 6 18.88 15.62 29.37
C ALA B 6 19.25 14.29 28.71
N ILE B 7 18.42 13.26 28.93
CA ILE B 7 18.66 11.90 28.47
C ILE B 7 17.38 11.36 27.85
N THR B 8 17.49 10.78 26.65
CA THR B 8 16.33 10.19 25.98
C THR B 8 16.73 8.90 25.26
N HIS B 9 15.78 7.97 25.19
CA HIS B 9 16.01 6.66 24.58
C HIS B 9 15.31 6.61 23.23
N ILE B 10 16.09 6.37 22.18
CA ILE B 10 15.57 6.26 20.82
C ILE B 10 15.49 4.79 20.45
N SER B 11 14.32 4.36 19.97
CA SER B 11 14.14 3.04 19.38
C SER B 11 14.49 3.08 17.91
N PRO B 12 14.87 1.93 17.34
CA PRO B 12 15.29 1.89 15.93
C PRO B 12 14.16 2.23 14.96
N LEU B 13 14.55 2.76 13.80
CA LEU B 13 13.62 3.09 12.73
C LEU B 13 14.33 2.92 11.39
N GLY B 14 13.84 2.00 10.55
CA GLY B 14 14.38 1.84 9.22
C GLY B 14 15.63 0.99 9.09
N SER B 15 16.25 0.61 10.21
CA SER B 15 17.40 -0.27 10.19
C SER B 15 17.65 -0.70 11.62
N MET B 16 18.42 -1.77 11.78
CA MET B 16 18.83 -2.17 13.12
C MET B 16 17.62 -2.53 14.00
N ASP B 17 16.51 -2.95 13.37
CA ASP B 17 15.27 -3.24 14.07
C ASP B 17 14.99 -4.74 14.17
N MET B 18 15.98 -5.58 13.89
CA MET B 18 15.74 -7.02 13.91
C MET B 18 17.09 -7.70 14.14
N LEU B 19 17.63 -7.51 15.33
CA LEU B 19 18.99 -7.95 15.59
C LEU B 19 18.98 -9.20 16.46
N SER B 20 20.01 -10.03 16.28
CA SER B 20 20.23 -11.13 17.21
C SER B 20 20.95 -10.63 18.46
N GLN B 21 20.85 -11.43 19.52
CA GLN B 21 21.50 -11.09 20.79
C GLN B 21 23.04 -11.07 20.67
N LEU B 22 23.62 -11.95 19.84
CA LEU B 22 25.06 -11.86 19.58
C LEU B 22 25.42 -10.59 18.82
N GLU B 23 24.55 -10.16 17.90
CA GLU B 23 24.79 -8.91 17.20
C GLU B 23 24.78 -7.71 18.15
N VAL B 24 23.82 -7.67 19.07
CA VAL B 24 23.76 -6.59 20.03
C VAL B 24 24.99 -6.65 20.92
N ASP B 25 25.35 -7.85 21.40
CA ASP B 25 26.62 -8.03 22.12
C ASP B 25 27.78 -7.42 21.34
N MET B 26 27.87 -7.74 20.06
CA MET B 26 28.92 -7.15 19.23
C MET B 26 28.82 -5.62 19.18
N LEU B 27 27.61 -5.12 18.99
CA LEU B 27 27.45 -3.68 18.88
C LEU B 27 27.91 -2.99 20.15
N LYS B 28 27.56 -3.54 21.32
CA LYS B 28 27.97 -2.91 22.58
C LYS B 28 29.50 -2.92 22.73
N ARG B 29 30.15 -4.02 22.32
CA ARG B 29 31.60 -4.08 22.37
C ARG B 29 32.25 -3.02 21.50
N THR B 30 31.79 -2.89 20.26
CA THR B 30 32.35 -1.91 19.35
C THR B 30 32.13 -0.49 19.86
N ALA B 31 30.96 -0.23 20.43
CA ALA B 31 30.68 1.09 20.95
C ALA B 31 31.66 1.46 22.08
N SER B 32 32.24 0.47 22.74
CA SER B 32 33.18 0.73 23.83
C SER B 32 34.62 0.76 23.36
N SER B 33 34.86 0.67 22.07
CA SER B 33 36.19 0.58 21.53
C SER B 33 36.72 1.98 21.24
N ASP B 34 37.94 2.05 20.70
CA ASP B 34 38.51 3.29 20.18
C ASP B 34 37.67 3.90 19.07
N LEU B 35 36.66 3.19 18.59
CA LEU B 35 35.76 3.73 17.58
C LEU B 35 34.71 4.67 18.17
N TYR B 36 34.60 4.77 19.50
CA TYR B 36 33.48 5.51 20.09
C TYR B 36 33.44 6.95 19.60
N GLN B 37 34.60 7.61 19.60
CA GLN B 37 34.65 9.02 19.22
C GLN B 37 34.07 9.23 17.82
N LEU B 38 34.37 8.33 16.89
CA LEU B 38 33.87 8.47 15.53
C LEU B 38 32.37 8.24 15.48
N PHE B 39 31.91 7.15 16.13
CA PHE B 39 30.49 6.87 16.25
C PHE B 39 29.73 8.06 16.85
N ARG B 40 30.30 8.66 17.89
CA ARG B 40 29.67 9.78 18.58
C ARG B 40 29.61 11.01 17.69
N ASN B 41 30.68 11.27 16.91
CA ASN B 41 30.72 12.47 16.08
C ASN B 41 29.77 12.34 14.88
N CYS B 42 29.68 11.14 14.30
CA CYS B 42 28.72 10.92 13.24
C CYS B 42 27.29 11.06 13.76
N SER B 43 27.01 10.51 14.94
CA SER B 43 25.65 10.59 15.47
C SER B 43 25.29 12.02 15.82
N LEU B 44 26.27 12.79 16.29
CA LEU B 44 26.06 14.21 16.53
C LEU B 44 25.83 14.95 15.20
N ALA B 45 26.67 14.68 14.20
CA ALA B 45 26.46 15.25 12.88
C ALA B 45 25.03 15.03 12.39
N VAL B 46 24.55 13.78 12.47
CA VAL B 46 23.20 13.46 12.00
C VAL B 46 22.15 14.27 12.77
N LEU B 47 22.30 14.39 14.09
CA LEU B 47 21.30 15.13 14.84
C LEU B 47 21.33 16.63 14.56
N ASN B 48 22.35 17.13 13.87
CA ASN B 48 22.43 18.56 13.58
C ASN B 48 22.03 18.86 12.16
N SER B 49 21.43 17.89 11.49
CA SER B 49 21.09 18.04 10.10
C SER B 49 20.05 19.14 9.95
N GLY B 50 20.31 20.08 9.04
CA GLY B 50 19.37 21.15 8.75
C GLY B 50 19.32 22.25 9.79
N SER B 51 20.12 22.19 10.85
CA SER B 51 20.30 23.33 11.75
C SER B 51 21.09 24.41 11.02
N LEU B 52 20.44 25.54 10.73
CA LEU B 52 21.06 26.57 9.91
C LEU B 52 22.28 27.15 10.63
N THR B 53 23.41 27.18 9.92
CA THR B 53 24.70 27.54 10.49
C THR B 53 25.65 27.88 9.37
N ASP B 54 26.55 28.83 9.65
CA ASP B 54 27.55 29.27 8.69
C ASP B 54 28.69 28.26 8.58
N ASN B 55 29.36 27.98 9.70
CA ASN B 55 30.45 27.02 9.78
C ASN B 55 29.93 25.80 10.52
N SER B 56 30.00 24.63 9.87
CA SER B 56 29.48 23.42 10.51
C SER B 56 30.46 22.85 11.53
N LYS B 57 31.77 23.05 11.32
CA LYS B 57 32.75 22.56 12.29
C LYS B 57 32.53 23.20 13.65
N GLU B 58 32.18 24.49 13.68
CA GLU B 58 31.93 25.15 14.96
C GLU B 58 30.56 24.79 15.52
N LEU B 59 29.60 24.43 14.66
CA LEU B 59 28.28 24.07 15.16
C LEU B 59 28.34 22.84 16.07
N LEU B 60 29.03 21.79 15.61
CA LEU B 60 29.17 20.58 16.42
C LEU B 60 29.97 20.86 17.69
N SER B 61 30.93 21.78 17.64
CA SER B 61 31.71 22.21 18.80
C SER B 61 30.87 23.00 19.81
N ARG B 62 29.58 23.12 19.59
CA ARG B 62 28.67 23.70 20.58
C ARG B 62 28.00 22.65 21.47
N PHE B 63 28.15 21.36 21.16
CA PHE B 63 27.53 20.32 21.94
C PHE B 63 28.60 19.38 22.49
N GLU B 64 29.60 19.93 23.16
CA GLU B 64 30.70 19.10 23.65
C GLU B 64 30.28 18.18 24.77
N ASN B 65 29.15 18.44 25.42
CA ASN B 65 28.60 17.62 26.48
C ASN B 65 27.63 16.56 25.96
N PHE B 66 27.55 16.39 24.64
CA PHE B 66 26.70 15.35 24.07
C PHE B 66 27.46 14.03 24.09
N ASP B 67 26.73 12.96 24.43
CA ASP B 67 27.27 11.60 24.30
C ASP B 67 26.14 10.64 23.92
N ILE B 68 26.54 9.42 23.55
CA ILE B 68 25.58 8.43 23.08
C ILE B 68 26.04 7.06 23.54
N ASN B 69 25.13 6.28 24.12
CA ASN B 69 25.38 4.91 24.51
C ASN B 69 24.46 3.97 23.76
N VAL B 70 24.95 2.75 23.56
CA VAL B 70 24.15 1.66 23.01
C VAL B 70 23.52 0.89 24.16
N LEU B 71 22.20 0.77 24.15
CA LEU B 71 21.46 0.06 25.18
C LEU B 71 21.08 -1.33 24.69
N ARG B 72 21.34 -2.35 25.51
CA ARG B 72 20.86 -3.69 25.21
C ARG B 72 19.46 -3.89 25.80
N ARG B 73 18.62 -4.55 25.01
CA ARG B 73 17.34 -5.09 25.45
C ARG B 73 17.24 -6.51 24.89
N GLU B 74 16.35 -7.30 25.50
CA GLU B 74 16.15 -8.66 25.01
C GLU B 74 15.88 -8.68 23.51
N ARG B 75 15.07 -7.72 23.02
CA ARG B 75 14.65 -7.72 21.63
C ARG B 75 15.70 -7.16 20.69
N GLY B 76 16.73 -6.51 21.21
CA GLY B 76 17.62 -5.78 20.32
C GLY B 76 18.20 -4.52 21.01
N VAL B 77 18.27 -3.44 20.23
CA VAL B 77 19.12 -2.32 20.59
C VAL B 77 18.26 -1.07 20.74
N LYS B 78 18.67 -0.20 21.66
CA LYS B 78 18.15 1.16 21.77
C LYS B 78 19.33 2.12 21.87
N LEU B 79 19.07 3.38 21.53
CA LEU B 79 20.10 4.41 21.61
C LEU B 79 19.75 5.37 22.74
N GLU B 80 20.75 5.68 23.56
CA GLU B 80 20.62 6.64 24.66
C GLU B 80 21.35 7.90 24.23
N LEU B 81 20.60 8.99 24.14
CA LEU B 81 21.17 10.28 23.79
C LEU B 81 21.32 11.09 25.07
N ILE B 82 22.51 11.66 25.26
CA ILE B 82 22.84 12.48 26.41
C ILE B 82 23.17 13.89 25.91
N ASN B 83 22.34 14.85 26.30
CA ASN B 83 22.50 16.25 25.90
C ASN B 83 22.48 16.38 24.39
N PRO B 84 21.49 15.80 23.70
CA PRO B 84 21.41 15.96 22.25
C PRO B 84 21.00 17.37 21.88
N PRO B 85 21.28 17.80 20.65
CA PRO B 85 20.76 19.10 20.19
C PRO B 85 19.24 19.16 20.32
N GLU B 86 18.76 20.23 20.94
CA GLU B 86 17.33 20.39 21.20
C GLU B 86 16.54 20.45 19.90
N GLU B 87 17.11 21.09 18.88
CA GLU B 87 16.37 21.33 17.66
C GLU B 87 15.99 20.03 16.98
N ALA B 88 16.56 18.93 17.40
CA ALA B 88 16.26 17.62 16.84
C ALA B 88 15.01 16.99 17.45
N PHE B 89 14.29 17.71 18.31
CA PHE B 89 13.17 17.15 19.04
C PHE B 89 11.94 18.03 18.87
N VAL B 90 10.77 17.42 18.79
CA VAL B 90 9.52 18.13 18.58
C VAL B 90 8.58 17.71 19.71
N ASP B 91 8.34 18.64 20.64
CA ASP B 91 7.60 18.34 21.88
C ASP B 91 8.08 17.03 22.47
N GLY B 92 9.40 16.88 22.54
CA GLY B 92 10.00 15.76 23.21
C GLY B 92 10.25 14.51 22.37
N ARG B 93 9.68 14.40 21.17
CA ARG B 93 9.93 13.20 20.36
C ARG B 93 10.95 13.56 19.28
N ILE B 94 11.93 12.67 19.09
CA ILE B 94 12.93 12.91 18.05
C ILE B 94 12.25 12.91 16.69
N ILE B 95 12.71 13.82 15.82
CA ILE B 95 12.20 13.92 14.46
C ILE B 95 12.57 12.67 13.66
N ARG B 96 11.58 12.07 13.00
CA ARG B 96 11.77 10.75 12.37
C ARG B 96 12.96 10.70 11.42
N ALA B 97 13.17 11.75 10.62
CA ALA B 97 14.26 11.68 9.64
C ALA B 97 15.60 11.56 10.34
N LEU B 98 15.83 12.39 11.37
CA LEU B 98 17.04 12.26 12.19
C LEU B 98 17.13 10.88 12.83
N GLN B 99 16.00 10.34 13.31
CA GLN B 99 16.00 9.04 13.94
C GLN B 99 16.49 7.95 12.99
N ALA B 100 16.00 7.96 11.73
CA ALA B 100 16.47 6.98 10.76
C ALA B 100 17.94 7.18 10.42
N ASN B 101 18.37 8.42 10.21
CA ASN B 101 19.79 8.65 9.94
C ASN B 101 20.64 8.23 11.14
N LEU B 102 20.11 8.41 12.35
CA LEU B 102 20.83 7.99 13.54
C LEU B 102 21.08 6.49 13.52
N PHE B 103 20.08 5.70 13.14
CA PHE B 103 20.29 4.26 13.09
C PHE B 103 21.06 3.82 11.85
N ALA B 104 21.10 4.64 10.79
CA ALA B 104 22.02 4.33 9.71
C ALA B 104 23.46 4.51 10.16
N VAL B 105 23.71 5.51 11.01
CA VAL B 105 25.06 5.68 11.53
C VAL B 105 25.45 4.50 12.41
N LEU B 106 24.53 4.04 13.27
CA LEU B 106 24.79 2.84 14.05
C LEU B 106 25.10 1.65 13.14
N ARG B 107 24.26 1.43 12.12
CA ARG B 107 24.48 0.34 11.19
C ARG B 107 25.82 0.47 10.48
N ASP B 108 26.09 1.61 9.83
CA ASP B 108 27.25 1.63 8.95
C ASP B 108 28.57 1.83 9.72
N ILE B 109 28.55 2.44 10.89
CA ILE B 109 29.77 2.73 11.63
C ILE B 109 30.10 1.60 12.61
N LEU B 110 29.13 1.21 13.43
CA LEU B 110 29.37 0.18 14.44
C LEU B 110 29.31 -1.23 13.83
N PHE B 111 28.28 -1.51 13.04
CA PHE B 111 28.09 -2.88 12.55
C PHE B 111 28.98 -3.21 11.35
N VAL B 112 29.11 -2.31 10.40
CA VAL B 112 29.92 -2.59 9.21
C VAL B 112 31.36 -2.12 9.43
N TYR B 113 31.56 -0.82 9.59
CA TYR B 113 32.92 -0.29 9.69
C TYR B 113 33.68 -0.90 10.86
N GLY B 114 33.00 -1.15 11.98
CA GLY B 114 33.67 -1.71 13.14
C GLY B 114 34.21 -3.10 12.91
N GLN B 115 33.67 -3.82 11.94
CA GLN B 115 34.17 -5.15 11.61
C GLN B 115 35.14 -5.14 10.43
N ILE B 116 35.68 -3.97 10.10
CA ILE B 116 36.52 -3.80 8.92
C ILE B 116 37.77 -3.03 9.33
N HIS B 117 37.56 -2.00 10.14
CA HIS B 117 38.61 -1.11 10.61
C HIS B 117 39.50 -1.81 11.64
N ASN B 118 40.82 -1.74 11.42
CA ASN B 118 41.84 -2.26 12.33
C ASN B 118 42.02 -3.76 12.19
N THR B 119 40.92 -4.52 12.19
CA THR B 119 40.98 -5.90 11.76
C THR B 119 39.66 -6.23 11.07
N VAL B 120 39.77 -6.97 9.96
CA VAL B 120 38.60 -7.49 9.26
C VAL B 120 38.09 -8.71 10.01
N ARG B 121 36.86 -8.62 10.54
CA ARG B 121 36.23 -9.72 11.26
C ARG B 121 35.13 -10.40 10.46
N PHE B 122 34.66 -9.80 9.37
CA PHE B 122 33.81 -10.51 8.43
C PHE B 122 34.53 -11.76 7.92
N PRO B 123 33.90 -12.93 8.00
CA PRO B 123 34.61 -14.20 7.71
C PRO B 123 34.98 -14.31 6.24
N ASN B 124 36.28 -14.53 5.99
CA ASN B 124 36.80 -14.74 4.63
C ASN B 124 36.65 -13.52 3.73
N LEU B 125 36.70 -12.32 4.29
CA LEU B 125 36.74 -11.11 3.49
C LEU B 125 38.19 -10.71 3.29
N ASN B 126 38.62 -10.66 2.03
CA ASN B 126 39.96 -10.21 1.68
C ASN B 126 39.81 -8.86 0.97
N LEU B 127 40.03 -7.78 1.72
CA LEU B 127 39.89 -6.45 1.16
C LEU B 127 40.97 -6.12 0.16
N ASP B 128 41.91 -7.00 -0.06
CA ASP B 128 42.84 -6.78 -1.15
C ASP B 128 42.37 -7.42 -2.45
N ASN B 129 41.22 -8.12 -2.40
CA ASN B 129 40.72 -8.88 -3.54
C ASN B 129 39.63 -8.09 -4.26
N SER B 130 39.86 -7.78 -5.54
CA SER B 130 38.97 -6.88 -6.24
C SER B 130 37.52 -7.37 -6.30
N VAL B 131 37.29 -8.68 -6.42
CA VAL B 131 35.92 -9.19 -6.42
C VAL B 131 35.29 -9.07 -5.03
N HIS B 132 36.05 -9.38 -3.97
CA HIS B 132 35.53 -9.18 -2.63
C HIS B 132 35.10 -7.74 -2.43
N ILE B 133 35.92 -6.78 -2.85
CA ILE B 133 35.56 -5.38 -2.66
C ILE B 133 34.19 -5.11 -3.26
N THR B 134 34.02 -5.44 -4.56
CA THR B 134 32.76 -5.20 -5.24
C THR B 134 31.61 -5.87 -4.50
N ASN B 135 31.78 -7.14 -4.10
CA ASN B 135 30.70 -7.80 -3.36
C ASN B 135 30.43 -7.12 -2.01
N LEU B 136 31.47 -6.59 -1.36
CA LEU B 136 31.27 -5.83 -0.12
C LEU B 136 30.40 -4.60 -0.37
N VAL B 137 30.78 -3.76 -1.33
CA VAL B 137 30.00 -2.57 -1.67
C VAL B 137 28.54 -2.94 -1.88
N PHE B 138 28.29 -4.04 -2.58
CA PHE B 138 26.93 -4.52 -2.77
C PHE B 138 26.29 -4.93 -1.44
N SER B 139 27.03 -5.61 -0.57
CA SER B 139 26.47 -6.04 0.71
C SER B 139 26.13 -4.84 1.58
N ILE B 140 26.95 -3.81 1.56
CA ILE B 140 26.64 -2.62 2.34
C ILE B 140 25.34 -2.00 1.82
N LEU B 141 25.27 -1.78 0.49
CA LEU B 141 24.07 -1.18 -0.07
C LEU B 141 22.84 -2.06 0.16
N ARG B 142 22.99 -3.37 0.09
CA ARG B 142 21.86 -4.26 0.34
C ARG B 142 21.47 -4.21 1.80
N ASN B 143 22.47 -4.21 2.67
CA ASN B 143 22.21 -4.12 4.10
C ASN B 143 21.45 -2.84 4.43
N ALA B 144 21.84 -1.72 3.81
CA ALA B 144 21.11 -0.47 3.96
C ALA B 144 19.74 -0.49 3.31
N ARG B 145 19.32 -1.60 2.68
CA ARG B 145 18.03 -1.66 2.03
C ARG B 145 17.92 -0.67 0.88
N ALA B 146 19.04 -0.38 0.23
CA ALA B 146 19.06 0.65 -0.81
C ALA B 146 18.89 0.09 -2.23
N LEU B 147 18.79 -1.23 -2.40
CA LEU B 147 18.67 -1.86 -3.72
C LEU B 147 17.30 -2.52 -3.80
N HIS B 148 16.43 -1.99 -4.63
CA HIS B 148 15.07 -2.51 -4.70
C HIS B 148 14.96 -3.58 -5.79
N VAL B 149 14.30 -4.67 -5.45
CA VAL B 149 14.08 -5.73 -6.41
C VAL B 149 13.08 -5.25 -7.45
N GLY B 150 13.42 -5.45 -8.73
CA GLY B 150 12.50 -5.19 -9.82
C GLY B 150 12.29 -3.74 -10.20
N GLU B 151 12.77 -2.76 -9.43
CA GLU B 151 12.52 -1.36 -9.76
C GLU B 151 13.23 -0.98 -11.06
N ALA B 152 12.44 -0.51 -12.04
CA ALA B 152 12.96 0.07 -13.27
C ALA B 152 13.93 1.21 -12.95
N PRO B 153 14.98 1.39 -13.75
CA PRO B 153 16.06 2.34 -13.38
C PRO B 153 15.59 3.80 -13.40
N ASN B 154 16.00 4.57 -12.39
CA ASN B 154 15.70 6.00 -12.35
C ASN B 154 16.53 6.77 -11.33
N MET B 155 17.73 6.31 -11.05
CA MET B 155 18.61 6.91 -10.05
C MET B 155 19.67 7.74 -10.76
N VAL B 156 19.69 9.05 -10.53
CA VAL B 156 20.70 9.91 -11.12
C VAL B 156 21.65 10.36 -10.02
N VAL B 157 22.95 10.09 -10.20
CA VAL B 157 23.97 10.54 -9.27
C VAL B 157 24.45 11.92 -9.69
N CYS B 158 24.50 12.86 -8.74
CA CYS B 158 24.98 14.23 -8.96
C CYS B 158 26.25 14.49 -8.18
N TRP B 159 27.28 14.96 -8.87
CA TRP B 159 28.57 15.29 -8.26
C TRP B 159 28.81 16.78 -8.38
N GLY B 160 29.56 17.35 -7.44
CA GLY B 160 29.86 18.76 -7.52
C GLY B 160 30.29 19.35 -6.18
N GLY B 161 30.66 20.63 -6.25
CA GLY B 161 31.37 21.25 -5.15
C GLY B 161 30.60 21.26 -3.84
N HIS B 162 31.35 21.04 -2.75
CA HIS B 162 30.82 21.30 -1.42
C HIS B 162 30.48 22.78 -1.26
N SER B 163 31.35 23.67 -1.76
CA SER B 163 31.23 25.12 -1.58
C SER B 163 31.04 25.80 -2.93
N ILE B 164 29.85 26.34 -3.19
CA ILE B 164 29.51 26.92 -4.50
C ILE B 164 28.74 28.22 -4.30
N ASN B 165 28.81 29.09 -5.30
CA ASN B 165 28.19 30.40 -5.21
C ASN B 165 26.69 30.31 -5.53
N GLU B 166 26.00 31.43 -5.37
CA GLU B 166 24.54 31.42 -5.51
C GLU B 166 24.11 31.05 -6.93
N ASN B 167 24.82 31.54 -7.93
CA ASN B 167 24.48 31.21 -9.31
C ASN B 167 24.53 29.70 -9.51
N GLU B 168 25.64 29.08 -9.11
CA GLU B 168 25.77 27.65 -9.24
C GLU B 168 24.71 26.90 -8.43
N TYR B 169 24.46 27.33 -7.19
CA TYR B 169 23.47 26.63 -6.39
C TYR B 169 22.08 26.75 -7.02
N LEU B 170 21.75 27.92 -7.56
CA LEU B 170 20.46 28.10 -8.25
C LEU B 170 20.34 27.17 -9.44
N TYR B 171 21.37 27.11 -10.29
CA TYR B 171 21.31 26.29 -11.49
C TYR B 171 21.18 24.82 -11.13
N ALA B 172 21.99 24.36 -10.16
CA ALA B 172 21.92 22.97 -9.73
C ALA B 172 20.55 22.66 -9.15
N ARG B 173 20.00 23.59 -8.36
CA ARG B 173 18.65 23.42 -7.88
C ARG B 173 17.68 23.26 -9.05
N ARG B 174 17.87 24.03 -10.12
CA ARG B 174 16.96 23.94 -11.26
C ARG B 174 17.10 22.58 -11.97
N VAL B 175 18.32 22.10 -12.15
CA VAL B 175 18.48 20.77 -12.72
C VAL B 175 17.71 19.76 -11.87
N GLY B 176 17.93 19.79 -10.56
CA GLY B 176 17.22 18.84 -9.70
C GLY B 176 15.71 18.99 -9.83
N ASN B 177 15.23 20.22 -9.90
CA ASN B 177 13.79 20.39 -10.10
C ASN B 177 13.35 19.75 -11.42
N GLN B 178 14.14 19.89 -12.48
CA GLN B 178 13.79 19.29 -13.76
C GLN B 178 13.89 17.77 -13.72
N LEU B 179 14.86 17.23 -12.98
CA LEU B 179 14.89 15.79 -12.72
C LEU B 179 13.69 15.36 -11.88
N GLY B 180 13.30 16.19 -10.91
CA GLY B 180 12.14 15.85 -10.09
C GLY B 180 10.86 15.81 -10.89
N LEU B 181 10.69 16.77 -11.81
CA LEU B 181 9.48 16.80 -12.64
C LEU B 181 9.40 15.58 -13.55
N ARG B 182 10.52 14.89 -13.75
CA ARG B 182 10.53 13.69 -14.57
C ARG B 182 10.59 12.42 -13.72
N GLU B 183 10.30 12.56 -12.42
CA GLU B 183 10.19 11.39 -11.53
C GLU B 183 11.51 10.63 -11.46
N LEU B 184 12.62 11.36 -11.52
CA LEU B 184 13.94 10.76 -11.32
C LEU B 184 14.38 10.95 -9.86
N ASN B 185 15.15 10.00 -9.35
CA ASN B 185 15.66 10.11 -7.99
C ASN B 185 17.12 10.57 -8.02
N ILE B 186 17.62 11.01 -6.86
CA ILE B 186 18.90 11.71 -6.73
C ILE B 186 19.76 11.04 -5.69
N CYS B 187 21.02 10.78 -6.03
CA CYS B 187 22.02 10.33 -5.06
C CYS B 187 23.20 11.29 -5.15
N THR B 188 23.64 11.79 -3.99
CA THR B 188 24.78 12.70 -3.95
C THR B 188 25.70 12.33 -2.80
N GLY B 189 26.77 13.09 -2.67
CA GLY B 189 27.71 12.92 -1.59
C GLY B 189 27.21 13.32 -0.24
N CYS B 190 26.00 13.87 -0.14
CA CYS B 190 25.33 13.99 1.15
C CYS B 190 25.52 15.35 1.85
N GLY B 191 26.48 16.16 1.41
CA GLY B 191 26.79 17.39 2.10
C GLY B 191 26.05 18.61 1.57
N PRO B 192 26.65 19.79 1.76
CA PRO B 192 26.01 21.02 1.29
C PRO B 192 26.28 21.29 -0.17
N GLY B 193 25.96 22.51 -0.61
CA GLY B 193 26.37 22.94 -1.94
C GLY B 193 25.69 22.15 -3.04
N ALA B 194 26.50 21.70 -3.99
CA ALA B 194 25.94 20.97 -5.11
C ALA B 194 25.41 19.62 -4.67
N MET B 195 25.85 19.10 -3.53
CA MET B 195 25.28 17.85 -3.10
C MET B 195 23.88 18.00 -2.53
N GLU B 196 23.44 19.23 -2.27
CA GLU B 196 22.15 19.51 -1.67
C GLU B 196 21.16 20.17 -2.64
N ALA B 197 21.59 21.17 -3.39
CA ALA B 197 20.70 21.89 -4.31
C ALA B 197 19.91 20.96 -5.22
N PRO B 198 20.50 19.96 -5.89
CA PRO B 198 19.68 19.12 -6.78
C PRO B 198 18.63 18.33 -6.02
N MET B 199 18.90 17.87 -4.79
CA MET B 199 17.85 17.19 -4.02
C MET B 199 16.74 18.16 -3.65
N LYS B 200 17.09 19.38 -3.24
CA LYS B 200 16.08 20.36 -2.90
C LYS B 200 15.17 20.64 -4.09
N GLY B 201 15.77 20.84 -5.27
CA GLY B 201 14.97 21.01 -6.46
C GLY B 201 14.10 19.80 -6.75
N ALA B 202 14.71 18.60 -6.70
CA ALA B 202 13.94 17.40 -7.04
C ALA B 202 12.79 17.17 -6.07
N ALA B 203 12.93 17.58 -4.81
CA ALA B 203 11.82 17.42 -3.88
C ALA B 203 10.61 18.26 -4.31
N VAL B 204 10.86 19.51 -4.75
CA VAL B 204 9.77 20.32 -5.27
C VAL B 204 9.15 19.64 -6.48
N GLY B 205 10.00 19.15 -7.40
CA GLY B 205 9.51 18.47 -8.58
C GLY B 205 8.65 17.26 -8.24
N HIS B 206 9.09 16.46 -7.27
CA HIS B 206 8.32 15.28 -6.90
C HIS B 206 6.93 15.66 -6.40
N ALA B 207 6.84 16.74 -5.62
CA ALA B 207 5.53 17.12 -5.11
C ALA B 207 4.60 17.49 -6.25
N GLN B 208 5.13 18.18 -7.26
CA GLN B 208 4.29 18.59 -8.37
C GLN B 208 3.74 17.38 -9.13
N GLN B 209 4.56 16.33 -9.29
CA GLN B 209 4.10 15.15 -9.99
C GLN B 209 3.41 14.16 -9.07
N ARG B 210 3.16 14.55 -7.82
CA ARG B 210 2.55 13.64 -6.84
C ARG B 210 3.32 12.35 -6.73
N TYR B 211 4.63 12.44 -6.86
CA TYR B 211 5.50 11.29 -6.77
C TYR B 211 5.83 11.08 -5.29
N LYS B 212 5.48 9.92 -4.74
CA LYS B 212 5.57 9.73 -3.29
C LYS B 212 6.72 8.80 -2.88
N ASP B 213 7.59 8.42 -3.81
CA ASP B 213 8.69 7.53 -3.47
C ASP B 213 10.04 8.20 -3.70
N SER B 214 10.20 9.43 -3.25
CA SER B 214 11.48 10.10 -3.35
C SER B 214 12.55 9.30 -2.65
N ARG B 215 13.65 9.07 -3.33
CA ARG B 215 14.84 8.49 -2.74
C ARG B 215 15.94 9.53 -2.89
N PHE B 216 16.30 10.18 -1.80
CA PHE B 216 17.42 11.11 -1.76
C PHE B 216 18.54 10.41 -0.97
N ILE B 217 19.47 9.82 -1.71
CA ILE B 217 20.51 8.97 -1.15
C ILE B 217 21.75 9.81 -0.88
N GLY B 218 22.16 9.87 0.38
CA GLY B 218 23.39 10.55 0.73
C GLY B 218 24.46 9.52 0.99
N MET B 219 25.41 9.44 0.06
CA MET B 219 26.48 8.44 0.06
C MET B 219 27.77 9.13 0.53
N THR B 220 28.17 8.86 1.76
CA THR B 220 29.27 9.59 2.38
C THR B 220 30.30 8.56 2.85
N GLU B 221 31.16 8.98 3.77
CA GLU B 221 32.13 8.08 4.38
C GLU B 221 32.52 8.68 5.73
N PRO B 222 33.16 7.88 6.59
CA PRO B 222 33.18 8.24 8.02
C PRO B 222 33.92 9.53 8.34
N SER B 223 35.09 9.75 7.74
CA SER B 223 35.81 10.99 8.00
C SER B 223 34.99 12.22 7.62
N ILE B 224 34.17 12.12 6.58
CA ILE B 224 33.40 13.28 6.14
C ILE B 224 32.18 13.51 7.02
N ILE B 225 31.37 12.47 7.24
CA ILE B 225 30.13 12.67 8.00
C ILE B 225 30.44 13.02 9.44
N ALA B 226 31.65 12.73 9.91
CA ALA B 226 31.96 13.05 11.30
C ALA B 226 32.03 14.55 11.51
N ALA B 227 32.32 15.32 10.46
CA ALA B 227 32.45 16.76 10.56
C ALA B 227 31.36 17.54 9.83
N GLU B 228 30.56 16.88 9.00
CA GLU B 228 29.58 17.56 8.15
C GLU B 228 28.22 16.89 8.34
N PRO B 229 27.23 17.57 8.93
CA PRO B 229 25.90 16.96 9.00
C PRO B 229 25.38 16.70 7.60
N PRO B 230 24.70 15.58 7.37
CA PRO B 230 24.10 15.38 6.05
C PRO B 230 23.11 16.50 5.79
N ASN B 231 22.98 16.89 4.51
CA ASN B 231 22.04 17.96 4.23
C ASN B 231 20.63 17.50 4.58
N PRO B 232 19.72 18.43 4.83
CA PRO B 232 18.41 18.04 5.37
C PRO B 232 17.53 17.27 4.41
N LEU B 233 17.78 17.31 3.09
CA LEU B 233 16.94 16.57 2.15
C LEU B 233 17.18 15.06 2.20
N VAL B 234 18.36 14.62 2.64
CA VAL B 234 18.73 13.22 2.56
C VAL B 234 17.78 12.36 3.39
N ASN B 235 17.21 11.34 2.76
CA ASN B 235 16.35 10.40 3.45
C ASN B 235 16.83 8.95 3.37
N GLU B 236 17.99 8.70 2.75
CA GLU B 236 18.62 7.37 2.80
C GLU B 236 20.12 7.63 2.96
N LEU B 237 20.61 7.51 4.19
CA LEU B 237 22.01 7.76 4.49
C LEU B 237 22.77 6.45 4.43
N ILE B 238 23.87 6.44 3.69
CA ILE B 238 24.77 5.31 3.57
C ILE B 238 26.18 5.82 3.74
N ILE B 239 26.92 5.24 4.67
CA ILE B 239 28.31 5.58 4.92
C ILE B 239 29.15 4.40 4.45
N MET B 240 29.92 4.60 3.38
CA MET B 240 30.82 3.58 2.88
C MET B 240 32.17 3.65 3.60
N PRO B 241 32.87 2.53 3.67
CA PRO B 241 34.06 2.49 4.53
C PRO B 241 35.16 3.46 4.12
N ASP B 242 35.37 3.73 2.83
CA ASP B 242 36.40 4.66 2.40
C ASP B 242 36.02 5.22 1.04
N ILE B 243 36.86 6.15 0.53
CA ILE B 243 36.47 6.92 -0.65
C ILE B 243 36.46 6.06 -1.91
N GLU B 244 37.40 5.11 -2.03
CA GLU B 244 37.39 4.22 -3.20
C GLU B 244 36.10 3.43 -3.28
N LYS B 245 35.60 2.96 -2.13
CA LYS B 245 34.36 2.18 -2.10
C LYS B 245 33.16 3.07 -2.33
N ARG B 246 33.21 4.30 -1.83
CA ARG B 246 32.15 5.26 -2.14
C ARG B 246 32.05 5.52 -3.63
N LEU B 247 33.20 5.71 -4.30
CA LEU B 247 33.20 5.95 -5.74
C LEU B 247 32.64 4.73 -6.49
N GLU B 248 33.10 3.53 -6.13
CA GLU B 248 32.56 2.34 -6.77
C GLU B 248 31.06 2.24 -6.56
N ALA B 249 30.58 2.63 -5.37
CA ALA B 249 29.14 2.60 -5.12
C ALA B 249 28.42 3.62 -6.00
N PHE B 250 28.96 4.83 -6.14
CA PHE B 250 28.33 5.78 -7.04
C PHE B 250 28.13 5.14 -8.40
N VAL B 251 29.21 4.59 -8.96
CA VAL B 251 29.17 4.04 -10.31
C VAL B 251 28.15 2.91 -10.40
N ARG B 252 28.08 2.04 -9.40
CA ARG B 252 27.30 0.81 -9.56
C ARG B 252 25.81 1.02 -9.34
N ILE B 253 25.40 2.01 -8.54
CA ILE B 253 23.97 2.28 -8.41
C ILE B 253 23.51 3.30 -9.42
N ALA B 254 24.41 4.07 -10.02
CA ALA B 254 23.99 5.12 -10.93
C ALA B 254 23.32 4.52 -12.15
N HIS B 255 22.22 5.14 -12.58
CA HIS B 255 21.71 4.97 -13.92
C HIS B 255 22.09 6.14 -14.82
N GLY B 256 22.59 7.23 -14.24
CA GLY B 256 23.13 8.32 -15.00
C GLY B 256 23.94 9.14 -14.02
N ILE B 257 24.90 9.91 -14.53
CA ILE B 257 25.72 10.75 -13.68
C ILE B 257 25.71 12.16 -14.24
N ILE B 258 25.56 13.15 -13.34
CA ILE B 258 25.61 14.57 -13.69
C ILE B 258 26.70 15.20 -12.85
N ILE B 259 27.61 15.92 -13.50
CA ILE B 259 28.71 16.58 -12.82
C ILE B 259 28.48 18.09 -12.89
N PHE B 260 28.27 18.72 -11.75
CA PHE B 260 28.32 20.18 -11.66
C PHE B 260 29.75 20.60 -11.38
N PRO B 261 30.05 21.89 -11.48
CA PRO B 261 31.42 22.37 -11.18
C PRO B 261 31.81 22.06 -9.74
N GLY B 262 33.08 21.74 -9.54
CA GLY B 262 33.59 21.42 -8.22
C GLY B 262 35.08 21.68 -8.02
N GLY B 263 35.62 22.67 -8.72
CA GLY B 263 37.04 22.97 -8.58
C GLY B 263 37.95 22.02 -9.33
N VAL B 264 39.12 21.71 -8.76
CA VAL B 264 40.03 20.78 -9.40
C VAL B 264 39.47 19.37 -9.32
N GLY B 265 38.86 19.02 -8.18
CA GLY B 265 38.30 17.68 -8.02
C GLY B 265 37.42 17.26 -9.18
N THR B 266 36.72 18.22 -9.80
CA THR B 266 35.88 17.86 -10.94
C THR B 266 36.66 17.12 -12.01
N ALA B 267 37.88 17.59 -12.33
CA ALA B 267 38.64 16.92 -13.39
C ALA B 267 39.13 15.55 -12.94
N GLU B 268 39.44 15.41 -11.64
CA GLU B 268 39.77 14.10 -11.11
C GLU B 268 38.59 13.14 -11.20
N GLU B 269 37.37 13.66 -11.01
CA GLU B 269 36.18 12.81 -11.08
C GLU B 269 35.94 12.34 -12.51
N LEU B 270 36.02 13.28 -13.46
CA LEU B 270 35.82 12.95 -14.86
C LEU B 270 36.87 11.96 -15.35
N LEU B 271 38.11 12.07 -14.87
CA LEU B 271 39.15 11.14 -15.31
C LEU B 271 38.90 9.75 -14.76
N TYR B 272 38.50 9.66 -13.48
CA TYR B 272 38.07 8.38 -12.93
C TYR B 272 36.97 7.76 -13.79
N LEU B 273 35.97 8.56 -14.17
CA LEU B 273 34.86 8.00 -14.94
C LEU B 273 35.32 7.60 -16.34
N LEU B 274 36.11 8.45 -17.00
CA LEU B 274 36.61 8.08 -18.32
C LEU B 274 37.49 6.83 -18.26
N GLY B 275 38.31 6.70 -17.20
CA GLY B 275 39.13 5.50 -17.08
C GLY B 275 38.28 4.24 -17.02
N ILE B 276 37.15 4.31 -16.32
CA ILE B 276 36.17 3.22 -16.37
C ILE B 276 35.51 3.15 -17.74
N LEU B 277 34.91 4.27 -18.19
CA LEU B 277 34.04 4.19 -19.35
C LEU B 277 34.80 3.90 -20.64
N MET B 278 36.11 4.09 -20.66
CA MET B 278 36.89 3.83 -21.87
C MET B 278 37.60 2.50 -21.81
N ASN B 279 37.53 1.78 -20.71
CA ASN B 279 38.05 0.44 -20.71
C ASN B 279 37.35 -0.32 -21.82
N PRO B 280 38.07 -0.86 -22.79
CA PRO B 280 37.43 -1.71 -23.81
C PRO B 280 36.47 -2.74 -23.22
N ALA B 281 36.67 -3.21 -21.99
CA ALA B 281 35.71 -4.17 -21.43
C ALA B 281 34.34 -3.53 -21.25
N ASN B 282 34.24 -2.22 -21.18
CA ASN B 282 32.97 -1.57 -20.93
C ASN B 282 32.38 -0.94 -22.19
N LYS B 283 32.79 -1.39 -23.38
CA LYS B 283 32.37 -0.73 -24.60
C LYS B 283 30.88 -0.81 -24.84
N ASP B 284 30.18 -1.79 -24.25
CA ASP B 284 28.74 -1.91 -24.45
C ASP B 284 27.92 -1.45 -23.25
N GLN B 285 28.55 -0.84 -22.25
CA GLN B 285 27.79 -0.34 -21.10
C GLN B 285 27.04 0.92 -21.48
N VAL B 286 25.94 1.18 -20.78
CA VAL B 286 25.18 2.41 -20.96
C VAL B 286 25.17 3.12 -19.62
N LEU B 287 25.74 4.32 -19.58
CA LEU B 287 25.81 5.11 -18.37
C LEU B 287 26.01 6.57 -18.78
N PRO B 288 24.92 7.27 -19.04
CA PRO B 288 25.01 8.66 -19.49
C PRO B 288 25.70 9.56 -18.45
N LEU B 289 26.62 10.38 -18.94
CA LEU B 289 27.42 11.31 -18.14
C LEU B 289 27.28 12.70 -18.74
N ILE B 290 26.81 13.64 -17.96
CA ILE B 290 26.55 14.98 -18.46
C ILE B 290 27.25 15.97 -17.53
N LEU B 291 28.08 16.82 -18.10
CA LEU B 291 28.69 17.91 -17.33
C LEU B 291 27.87 19.16 -17.60
N THR B 292 27.56 19.89 -16.55
CA THR B 292 26.64 21.01 -16.74
C THR B 292 26.87 22.04 -15.66
N GLY B 293 26.76 23.32 -16.05
CA GLY B 293 26.87 24.45 -15.15
C GLY B 293 26.06 25.62 -15.68
N PRO B 294 26.01 26.73 -14.93
CA PRO B 294 25.39 27.94 -15.46
C PRO B 294 26.31 28.57 -16.49
N LYS B 295 25.79 29.58 -17.22
CA LYS B 295 26.54 30.13 -18.36
C LYS B 295 27.95 30.57 -17.95
N GLU B 296 28.14 30.94 -16.68
CA GLU B 296 29.40 31.45 -16.18
C GLU B 296 30.47 30.38 -15.96
N SER B 297 30.13 29.10 -16.08
CA SER B 297 31.08 27.99 -16.00
C SER B 297 31.54 27.53 -17.38
N ALA B 298 31.14 28.22 -18.45
CA ALA B 298 31.48 27.78 -19.80
C ALA B 298 32.98 27.59 -19.97
N ASP B 299 33.79 28.57 -19.53
CA ASP B 299 35.22 28.46 -19.73
C ASP B 299 35.84 27.44 -18.80
N TYR B 300 35.18 27.17 -17.68
CA TYR B 300 35.61 26.13 -16.78
C TYR B 300 35.49 24.76 -17.44
N PHE B 301 34.37 24.51 -18.11
CA PHE B 301 34.23 23.23 -18.79
C PHE B 301 35.02 23.19 -20.08
N ARG B 302 35.34 24.35 -20.67
CA ARG B 302 36.10 24.38 -21.92
C ARG B 302 37.53 23.88 -21.70
N VAL B 303 38.23 24.43 -20.71
CA VAL B 303 39.59 24.00 -20.42
C VAL B 303 39.60 22.52 -20.08
N LEU B 304 38.62 22.08 -19.28
CA LEU B 304 38.51 20.67 -18.94
C LEU B 304 38.37 19.82 -20.19
N ASP B 305 37.43 20.19 -21.05
CA ASP B 305 37.19 19.41 -22.25
C ASP B 305 38.39 19.46 -23.19
N GLU B 306 39.10 20.60 -23.22
CA GLU B 306 40.30 20.74 -24.00
C GLU B 306 41.40 19.79 -23.50
N PHE B 307 41.52 19.66 -22.18
CA PHE B 307 42.53 18.77 -21.63
C PHE B 307 42.21 17.31 -21.91
N VAL B 308 40.93 16.94 -21.81
CA VAL B 308 40.55 15.56 -22.03
C VAL B 308 40.83 15.15 -23.47
N VAL B 309 40.39 15.98 -24.42
CA VAL B 309 40.50 15.58 -25.82
C VAL B 309 41.96 15.53 -26.26
N HIS B 310 42.77 16.48 -25.81
CA HIS B 310 44.17 16.56 -26.24
C HIS B 310 45.11 15.61 -25.50
N THR B 311 44.60 14.77 -24.59
CA THR B 311 45.44 13.79 -23.94
C THR B 311 44.84 12.40 -24.12
N LEU B 312 43.50 12.31 -24.15
CA LEU B 312 42.82 11.03 -24.35
C LEU B 312 42.23 10.87 -25.75
N GLY B 313 42.08 11.96 -26.49
CA GLY B 313 41.65 11.91 -27.86
C GLY B 313 40.20 12.31 -28.06
N GLU B 314 39.84 12.43 -29.32
CA GLU B 314 38.48 12.77 -29.71
C GLU B 314 37.49 11.70 -29.28
N ASN B 315 37.94 10.45 -29.20
CA ASN B 315 37.06 9.38 -28.76
C ASN B 315 36.53 9.63 -27.35
N ALA B 316 37.26 10.39 -26.55
CA ALA B 316 36.78 10.64 -25.19
C ALA B 316 35.37 11.22 -25.21
N ARG B 317 35.02 11.99 -26.25
CA ARG B 317 33.72 12.63 -26.27
C ARG B 317 32.56 11.68 -26.55
N ARG B 318 32.83 10.44 -26.92
CA ARG B 318 31.76 9.46 -27.04
C ARG B 318 31.12 9.20 -25.69
N HIS B 319 31.81 9.54 -24.59
CA HIS B 319 31.44 9.10 -23.26
C HIS B 319 30.91 10.20 -22.36
N TYR B 320 31.10 11.47 -22.72
CA TYR B 320 30.55 12.54 -21.90
C TYR B 320 30.03 13.63 -22.82
N ARG B 321 29.09 14.40 -22.29
CA ARG B 321 28.47 15.48 -23.02
C ARG B 321 28.40 16.70 -22.12
N ILE B 322 28.77 17.87 -22.67
CA ILE B 322 28.72 19.11 -21.92
C ILE B 322 27.47 19.90 -22.31
N ILE B 323 26.80 20.48 -21.31
CA ILE B 323 25.57 21.25 -21.49
C ILE B 323 25.63 22.47 -20.59
N ILE B 324 25.62 23.66 -21.19
CA ILE B 324 25.72 24.90 -20.44
C ILE B 324 24.34 25.54 -20.34
N ASP B 325 23.99 25.96 -19.14
CA ASP B 325 22.75 26.70 -18.84
C ASP B 325 21.55 26.22 -19.66
N ASP B 326 21.11 24.98 -19.44
CA ASP B 326 19.88 24.46 -20.00
C ASP B 326 19.40 23.32 -19.11
N ALA B 327 18.89 23.67 -17.93
CA ALA B 327 18.57 22.64 -16.95
C ALA B 327 17.59 21.63 -17.52
N ALA B 328 16.62 22.11 -18.30
CA ALA B 328 15.59 21.23 -18.81
C ALA B 328 16.18 20.17 -19.72
N GLU B 329 17.18 20.54 -20.54
CA GLU B 329 17.75 19.58 -21.47
C GLU B 329 18.61 18.52 -20.77
N VAL B 330 19.31 18.92 -19.70
CA VAL B 330 20.02 17.94 -18.87
C VAL B 330 19.05 16.86 -18.40
N ALA B 331 17.98 17.27 -17.72
CA ALA B 331 17.04 16.28 -17.19
C ALA B 331 16.39 15.49 -18.33
N ARG B 332 15.93 16.20 -19.37
CA ARG B 332 15.29 15.54 -20.52
C ARG B 332 16.17 14.41 -21.03
N GLN B 333 17.46 14.62 -21.09
CA GLN B 333 18.34 13.58 -21.61
C GLN B 333 18.55 12.45 -20.61
N MET B 334 18.69 12.79 -19.34
CA MET B 334 18.68 11.74 -18.35
C MET B 334 17.41 10.91 -18.49
N LYS B 335 16.25 11.57 -18.49
CA LYS B 335 14.99 10.83 -18.52
C LYS B 335 14.91 9.92 -19.72
N LYS B 336 15.43 10.38 -20.87
CA LYS B 336 15.35 9.60 -22.09
C LYS B 336 16.27 8.39 -22.05
N SER B 337 17.33 8.43 -21.23
CA SER B 337 18.29 7.33 -21.22
C SER B 337 17.90 6.20 -20.30
N MET B 338 17.07 6.46 -19.30
CA MET B 338 16.63 5.39 -18.40
C MET B 338 16.15 4.15 -19.14
N PRO B 339 15.26 4.24 -20.13
CA PRO B 339 14.87 3.03 -20.85
C PRO B 339 16.03 2.37 -21.56
N LEU B 340 17.06 3.13 -21.92
CA LEU B 340 18.21 2.46 -22.56
C LEU B 340 19.05 1.74 -21.53
N VAL B 341 19.20 2.32 -20.34
CA VAL B 341 19.89 1.62 -19.26
C VAL B 341 19.14 0.35 -18.88
N LYS B 342 17.81 0.41 -18.82
CA LYS B 342 17.04 -0.79 -18.56
C LYS B 342 17.32 -1.88 -19.60
N GLU B 343 17.30 -1.51 -20.89
CA GLU B 343 17.59 -2.50 -21.93
C GLU B 343 19.00 -3.03 -21.82
N ASN B 344 19.96 -2.16 -21.55
CA ASN B 344 21.33 -2.61 -21.37
C ASN B 344 21.44 -3.61 -20.23
N ARG B 345 20.74 -3.36 -19.12
CA ARG B 345 20.74 -4.31 -18.01
C ARG B 345 20.07 -5.62 -18.41
N ARG B 346 18.92 -5.53 -19.09
CA ARG B 346 18.29 -6.75 -19.59
C ARG B 346 19.21 -7.48 -20.54
N ASP B 347 19.97 -6.74 -21.33
CA ASP B 347 20.85 -7.37 -22.32
C ASP B 347 21.88 -8.28 -21.67
N THR B 348 22.46 -7.85 -20.57
CA THR B 348 23.49 -8.66 -19.94
C THR B 348 22.97 -9.44 -18.75
N GLY B 349 21.65 -9.43 -18.53
CA GLY B 349 21.05 -9.99 -17.33
C GLY B 349 21.54 -9.36 -16.05
N ASP B 350 22.10 -8.15 -16.14
CA ASP B 350 22.56 -7.44 -14.96
C ASP B 350 21.36 -6.97 -14.13
N ALA B 351 21.64 -6.61 -12.88
CA ALA B 351 20.62 -6.12 -11.98
C ALA B 351 20.23 -4.68 -12.34
N TYR B 352 18.94 -4.37 -12.15
CA TYR B 352 18.47 -3.02 -12.42
C TYR B 352 19.06 -2.04 -11.44
N SER B 353 19.27 -2.45 -10.19
CA SER B 353 19.62 -1.52 -9.13
C SER B 353 21.12 -1.45 -8.84
N PHE B 354 21.91 -2.33 -9.45
CA PHE B 354 23.33 -2.40 -9.15
C PHE B 354 24.05 -2.93 -10.39
N ASN B 355 24.93 -2.11 -10.96
CA ASN B 355 25.57 -2.48 -12.21
C ASN B 355 26.76 -3.40 -11.89
N TRP B 356 26.50 -4.72 -11.89
CA TRP B 356 27.56 -5.73 -11.73
C TRP B 356 28.54 -5.75 -12.93
N SER B 357 28.06 -5.61 -14.16
CA SER B 357 28.93 -6.00 -15.26
C SER B 357 29.98 -4.97 -15.63
N MET B 358 29.81 -3.70 -15.25
CA MET B 358 30.87 -2.71 -15.41
C MET B 358 32.16 -3.20 -14.76
N ARG B 359 33.26 -3.12 -15.51
CA ARG B 359 34.58 -3.51 -15.02
C ARG B 359 35.28 -2.28 -14.45
N ILE B 360 35.55 -2.31 -13.14
CA ILE B 360 36.32 -1.28 -12.43
C ILE B 360 37.66 -1.89 -12.05
N ALA B 361 38.71 -1.50 -12.75
CA ALA B 361 40.02 -2.12 -12.61
C ALA B 361 40.50 -2.04 -11.17
N PRO B 362 41.19 -3.06 -10.67
CA PRO B 362 41.60 -3.06 -9.25
C PRO B 362 42.37 -1.81 -8.83
N ASP B 363 43.12 -1.18 -9.74
CA ASP B 363 43.85 0.04 -9.37
C ASP B 363 42.88 1.16 -9.04
N LEU B 364 41.70 1.17 -9.65
CA LEU B 364 40.70 2.17 -9.34
C LEU B 364 40.07 1.94 -7.98
N GLN B 365 40.17 0.74 -7.43
CA GLN B 365 39.69 0.45 -6.09
C GLN B 365 40.76 0.67 -5.04
N MET B 366 41.97 0.88 -5.45
CA MET B 366 42.88 0.95 -4.37
C MET B 366 43.31 2.38 -4.16
N PRO B 367 43.75 2.74 -2.95
CA PRO B 367 44.26 4.09 -2.75
C PRO B 367 45.56 4.31 -3.54
N PHE B 368 45.92 5.57 -3.68
CA PHE B 368 47.13 5.96 -4.41
C PHE B 368 47.92 6.92 -3.53
N GLU B 369 49.16 6.56 -3.19
CA GLU B 369 50.03 7.42 -2.40
C GLU B 369 50.88 8.27 -3.33
N PRO B 370 50.73 9.60 -3.30
CA PRO B 370 51.46 10.49 -4.24
C PRO B 370 52.94 10.68 -3.89
N SER B 371 53.62 9.60 -3.54
CA SER B 371 55.04 9.66 -3.28
C SER B 371 55.82 9.92 -4.56
N HIS B 372 57.07 10.34 -4.41
CA HIS B 372 57.93 10.59 -5.56
C HIS B 372 58.15 9.31 -6.37
N GLU B 373 58.35 8.19 -5.69
CA GLU B 373 58.41 6.90 -6.37
C GLU B 373 57.18 6.69 -7.24
N ASN B 374 56.00 6.71 -6.62
CA ASN B 374 54.77 6.42 -7.36
C ASN B 374 54.53 7.44 -8.45
N MET B 375 54.65 8.73 -8.12
CA MET B 375 54.57 9.75 -9.15
C MET B 375 55.50 9.40 -10.31
N ALA B 376 56.67 8.84 -10.00
CA ALA B 376 57.65 8.54 -11.05
C ALA B 376 57.19 7.40 -11.94
N ASN B 377 56.59 6.35 -11.36
CA ASN B 377 56.17 5.14 -12.09
C ASN B 377 55.03 5.39 -13.09
N LEU B 378 54.39 6.56 -13.06
CA LEU B 378 53.29 6.80 -13.99
C LEU B 378 53.82 6.94 -15.42
N LYS B 379 53.22 6.20 -16.35
CA LYS B 379 53.64 6.23 -17.76
C LYS B 379 52.67 7.16 -18.50
N LEU B 380 53.00 8.44 -18.54
CA LEU B 380 52.13 9.46 -19.11
C LEU B 380 52.43 9.69 -20.60
N TYR B 381 52.28 8.61 -21.37
CA TYR B 381 52.69 8.63 -22.77
C TYR B 381 51.53 8.28 -23.69
N PRO B 382 51.45 8.95 -24.85
CA PRO B 382 50.32 8.70 -25.77
C PRO B 382 50.20 7.28 -26.25
N ASP B 383 51.27 6.50 -26.21
CA ASP B 383 51.22 5.13 -26.69
C ASP B 383 50.60 4.16 -25.69
N GLN B 384 50.21 4.62 -24.50
CA GLN B 384 49.58 3.74 -23.53
C GLN B 384 48.13 3.46 -23.93
N PRO B 385 47.58 2.31 -23.52
CA PRO B 385 46.12 2.15 -23.56
C PRO B 385 45.40 3.33 -22.92
N VAL B 386 44.39 3.85 -23.61
CA VAL B 386 43.76 5.11 -23.23
C VAL B 386 43.18 5.02 -21.81
N GLU B 387 42.59 3.87 -21.46
CA GLU B 387 42.05 3.71 -20.11
C GLU B 387 43.14 3.67 -19.05
N VAL B 388 44.31 3.11 -19.37
CA VAL B 388 45.41 3.19 -18.42
C VAL B 388 45.93 4.62 -18.34
N LEU B 389 46.00 5.31 -19.48
CA LEU B 389 46.50 6.69 -19.46
C LEU B 389 45.54 7.60 -18.70
N ALA B 390 44.23 7.46 -18.95
CA ALA B 390 43.24 8.18 -18.14
C ALA B 390 43.51 7.96 -16.66
N ALA B 391 43.70 6.70 -16.28
CA ALA B 391 43.88 6.40 -14.86
C ALA B 391 45.14 7.07 -14.34
N ASP B 392 46.28 6.85 -15.01
CA ASP B 392 47.53 7.48 -14.60
C ASP B 392 47.42 9.00 -14.61
N LEU B 393 46.66 9.56 -15.54
CA LEU B 393 46.49 11.01 -15.55
C LEU B 393 45.78 11.48 -14.27
N ARG B 394 44.71 10.76 -13.87
CA ARG B 394 44.07 11.10 -12.61
C ARG B 394 45.08 11.07 -11.47
N ARG B 395 45.84 9.98 -11.35
CA ARG B 395 46.84 9.89 -10.29
C ARG B 395 47.78 11.09 -10.32
N ALA B 396 48.26 11.48 -11.51
CA ALA B 396 49.28 12.52 -11.59
C ALA B 396 48.69 13.89 -11.28
N PHE B 397 47.54 14.20 -11.88
CA PHE B 397 46.86 15.44 -11.58
C PHE B 397 46.57 15.56 -10.10
N SER B 398 46.11 14.48 -9.49
CA SER B 398 45.84 14.52 -8.07
C SER B 398 47.11 14.82 -7.27
N GLY B 399 48.24 14.28 -7.72
CA GLY B 399 49.48 14.48 -6.99
C GLY B 399 50.03 15.88 -7.15
N ILE B 400 50.02 16.40 -8.38
CA ILE B 400 50.49 17.76 -8.62
C ILE B 400 49.69 18.76 -7.79
N VAL B 401 48.36 18.59 -7.74
CA VAL B 401 47.53 19.55 -7.02
C VAL B 401 47.76 19.45 -5.51
N ALA B 402 47.82 18.21 -4.99
CA ALA B 402 48.16 18.05 -3.59
C ALA B 402 49.49 18.71 -3.26
N GLY B 403 50.47 18.59 -4.16
CA GLY B 403 51.76 19.23 -3.94
C GLY B 403 51.69 20.73 -3.90
N ASN B 404 50.56 21.32 -4.28
CA ASN B 404 50.37 22.75 -4.20
C ASN B 404 49.50 23.19 -3.03
N VAL B 405 48.53 22.38 -2.63
CA VAL B 405 47.41 22.88 -1.84
C VAL B 405 47.26 22.13 -0.53
N LYS B 406 47.67 20.85 -0.52
CA LYS B 406 47.55 20.02 0.68
C LYS B 406 48.85 20.05 1.48
N GLU B 407 48.72 20.17 2.80
CA GLU B 407 49.92 20.30 3.63
C GLU B 407 50.75 19.02 3.62
N VAL B 408 50.12 17.85 3.48
CA VAL B 408 50.91 16.63 3.39
C VAL B 408 51.67 16.59 2.06
N GLY B 409 51.14 17.28 1.04
CA GLY B 409 51.79 17.31 -0.26
C GLY B 409 52.89 18.35 -0.33
N ILE B 410 52.59 19.57 0.13
CA ILE B 410 53.62 20.58 0.26
C ILE B 410 54.79 20.03 1.06
N ARG B 411 54.50 19.29 2.13
CA ARG B 411 55.56 18.69 2.95
C ARG B 411 56.48 17.83 2.09
N ALA B 412 55.91 16.98 1.23
CA ALA B 412 56.73 16.15 0.37
C ALA B 412 57.58 16.99 -0.57
N ILE B 413 56.98 18.04 -1.16
CA ILE B 413 57.73 18.84 -2.12
C ILE B 413 58.89 19.58 -1.43
N GLU B 414 58.62 20.19 -0.26
CA GLU B 414 59.69 20.88 0.47
C GLU B 414 60.82 19.93 0.82
N GLU B 415 60.49 18.76 1.35
CA GLU B 415 61.50 17.82 1.78
C GLU B 415 62.34 17.32 0.60
N PHE B 416 61.68 16.93 -0.49
CA PHE B 416 62.33 16.14 -1.53
C PHE B 416 62.35 16.81 -2.90
N GLY B 417 61.93 18.06 -3.01
CA GLY B 417 61.90 18.71 -4.31
C GLY B 417 60.75 18.25 -5.18
N PRO B 418 60.68 18.82 -6.38
CA PRO B 418 59.57 18.52 -7.29
C PRO B 418 59.45 17.03 -7.60
N TYR B 419 58.28 16.63 -8.08
CA TYR B 419 58.07 15.29 -8.61
C TYR B 419 58.79 15.12 -9.94
N LYS B 420 59.32 13.91 -10.18
CA LYS B 420 59.93 13.54 -11.45
C LYS B 420 58.90 12.77 -12.27
N ILE B 421 58.44 13.37 -13.36
CA ILE B 421 57.34 12.83 -14.17
C ILE B 421 57.91 12.26 -15.47
N ASN B 422 57.70 10.95 -15.67
CA ASN B 422 58.00 10.29 -16.95
C ASN B 422 56.78 10.45 -17.85
N GLY B 423 56.78 11.49 -18.67
CA GLY B 423 55.65 11.72 -19.56
C GLY B 423 56.05 12.44 -20.83
N ASP B 424 55.30 12.17 -21.89
CA ASP B 424 55.33 13.00 -23.08
C ASP B 424 55.15 14.46 -22.71
N LYS B 425 56.00 15.33 -23.24
CA LYS B 425 55.90 16.74 -22.89
C LYS B 425 54.72 17.42 -23.58
N GLU B 426 54.14 16.81 -24.60
CA GLU B 426 52.85 17.28 -25.10
C GLU B 426 51.77 17.10 -24.04
N ILE B 427 51.63 15.88 -23.51
CA ILE B 427 50.66 15.62 -22.45
C ILE B 427 50.91 16.54 -21.26
N MET B 428 52.18 16.66 -20.84
CA MET B 428 52.50 17.48 -19.67
C MET B 428 52.19 18.95 -19.91
N ARG B 429 52.31 19.42 -21.16
CA ARG B 429 51.91 20.80 -21.48
C ARG B 429 50.41 20.98 -21.32
N ARG B 430 49.62 20.07 -21.91
CA ARG B 430 48.18 20.06 -21.71
C ARG B 430 47.82 20.19 -20.22
N MET B 431 48.56 19.49 -19.37
CA MET B 431 48.27 19.54 -17.93
C MET B 431 48.56 20.92 -17.37
N ASP B 432 49.67 21.54 -17.77
CA ASP B 432 49.99 22.87 -17.27
C ASP B 432 48.99 23.90 -17.77
N ASP B 433 48.46 23.72 -18.98
CA ASP B 433 47.38 24.57 -19.45
C ASP B 433 46.15 24.44 -18.56
N LEU B 434 45.73 23.20 -18.31
CA LEU B 434 44.57 22.95 -17.48
C LEU B 434 44.78 23.50 -16.07
N LEU B 435 45.91 23.15 -15.44
CA LEU B 435 46.21 23.72 -14.14
C LEU B 435 46.21 25.24 -14.19
N GLN B 436 46.93 25.82 -15.15
CA GLN B 436 46.93 27.27 -15.31
C GLN B 436 45.51 27.80 -15.46
N GLY B 437 44.69 27.10 -16.26
CA GLY B 437 43.31 27.52 -16.44
C GLY B 437 42.56 27.66 -15.14
N PHE B 438 42.66 26.65 -14.27
CA PHE B 438 41.93 26.73 -13.00
C PHE B 438 42.48 27.82 -12.09
N VAL B 439 43.79 28.06 -12.12
CA VAL B 439 44.35 29.15 -11.32
C VAL B 439 43.82 30.49 -11.83
N ALA B 440 43.96 30.73 -13.14
CA ALA B 440 43.49 31.99 -13.73
C ALA B 440 42.03 32.25 -13.42
N GLN B 441 41.19 31.22 -13.52
CA GLN B 441 39.76 31.35 -13.28
C GLN B 441 39.40 31.34 -11.80
N HIS B 442 40.37 31.42 -10.91
CA HIS B 442 40.17 31.36 -9.47
C HIS B 442 39.42 30.11 -9.02
N ARG B 443 39.23 29.12 -9.91
CA ARG B 443 38.66 27.86 -9.46
C ARG B 443 39.67 27.08 -8.59
N MET B 444 40.96 27.32 -8.79
CA MET B 444 42.01 26.77 -7.96
C MET B 444 42.71 27.91 -7.21
N LYS B 445 42.71 27.85 -5.88
CA LYS B 445 43.28 28.91 -5.03
C LYS B 445 44.52 28.37 -4.32
N LEU B 446 45.70 28.74 -4.84
CA LEU B 446 47.02 28.32 -4.40
C LEU B 446 47.46 29.12 -3.18
N PRO B 447 48.04 28.47 -2.18
CA PRO B 447 48.64 29.22 -1.06
C PRO B 447 49.79 30.07 -1.57
N GLY B 448 49.78 31.35 -1.19
CA GLY B 448 50.76 32.26 -1.75
C GLY B 448 50.29 32.85 -3.07
N SER B 449 51.21 32.98 -4.03
CA SER B 449 50.92 33.72 -5.25
C SER B 449 50.82 32.82 -6.49
N ALA B 450 51.79 32.94 -7.40
CA ALA B 450 51.71 32.30 -8.71
C ALA B 450 51.71 30.78 -8.60
N TYR B 451 51.24 30.13 -9.66
CA TYR B 451 51.12 28.68 -9.67
C TYR B 451 52.50 28.03 -9.72
N ILE B 452 52.73 27.09 -8.80
CA ILE B 452 54.01 26.36 -8.71
C ILE B 452 53.89 25.09 -9.52
N PRO B 453 54.79 24.83 -10.48
CA PRO B 453 54.79 23.51 -11.14
C PRO B 453 54.88 22.38 -10.13
N CYS B 454 55.86 22.42 -9.22
CA CYS B 454 56.15 21.33 -8.28
C CYS B 454 56.34 19.99 -8.99
N TYR B 455 56.68 20.02 -10.29
CA TYR B 455 57.01 18.80 -11.01
C TYR B 455 58.01 19.12 -12.11
N GLU B 456 58.72 18.08 -12.56
CA GLU B 456 59.71 18.16 -13.61
C GLU B 456 59.62 16.93 -14.51
N ILE B 457 59.86 17.12 -15.80
CA ILE B 457 59.62 16.08 -16.81
C ILE B 457 60.93 15.34 -17.03
N CYS B 458 61.18 14.29 -16.25
CA CYS B 458 62.35 13.43 -16.47
C CYS B 458 62.22 12.13 -15.68
N THR B 459 63.35 11.50 -15.35
CA THR B 459 63.33 10.24 -14.60
C THR B 459 64.01 10.38 -13.24
N ARG C 5 -35.24 -7.07 23.79
CA ARG C 5 -34.38 -7.96 24.58
C ARG C 5 -32.87 -7.75 24.26
N ALA C 6 -32.27 -8.59 23.39
CA ALA C 6 -30.83 -8.50 23.07
C ALA C 6 -30.59 -7.50 21.94
N ILE C 7 -29.81 -6.46 22.22
CA ILE C 7 -29.68 -5.28 21.36
C ILE C 7 -28.21 -4.98 21.12
N THR C 8 -27.83 -4.82 19.85
CA THR C 8 -26.48 -4.37 19.52
C THR C 8 -26.55 -3.28 18.46
N HIS C 9 -25.54 -2.42 18.45
CA HIS C 9 -25.42 -1.31 17.50
C HIS C 9 -24.23 -1.54 16.57
N ILE C 10 -24.43 -1.32 15.27
CA ILE C 10 -23.42 -1.65 14.26
C ILE C 10 -23.04 -0.38 13.51
N SER C 11 -21.75 -0.07 13.48
CA SER C 11 -21.30 1.04 12.65
C SER C 11 -21.19 0.64 11.18
N PRO C 12 -21.24 1.63 10.28
CA PRO C 12 -21.19 1.35 8.83
C PRO C 12 -19.89 0.66 8.43
N LEU C 13 -19.94 -0.06 7.32
CA LEU C 13 -18.73 -0.65 6.77
C LEU C 13 -18.86 -0.79 5.27
N GLY C 14 -18.03 -0.05 4.52
CA GLY C 14 -18.05 -0.14 3.06
C GLY C 14 -19.15 0.64 2.37
N SER C 15 -20.04 1.29 3.11
CA SER C 15 -21.03 2.15 2.49
C SER C 15 -21.73 2.94 3.58
N MET C 16 -22.39 4.02 3.19
CA MET C 16 -23.21 4.80 4.11
C MET C 16 -22.38 5.30 5.30
N ASP C 17 -21.11 5.61 5.05
CA ASP C 17 -20.21 6.10 6.07
C ASP C 17 -19.97 7.60 6.01
N MET C 18 -20.63 8.32 5.09
CA MET C 18 -20.37 9.76 4.97
C MET C 18 -21.64 10.42 4.42
N LEU C 19 -22.57 10.71 5.32
CA LEU C 19 -23.95 11.04 5.00
C LEU C 19 -24.28 12.45 5.48
N SER C 20 -25.15 13.14 4.74
CA SER C 20 -25.61 14.43 5.21
C SER C 20 -26.76 14.27 6.20
N GLN C 21 -27.00 15.32 6.99
CA GLN C 21 -28.10 15.25 7.95
C GLN C 21 -29.43 15.05 7.22
N LEU C 22 -29.64 15.77 6.12
CA LEU C 22 -30.84 15.51 5.32
C LEU C 22 -30.91 14.03 4.93
N GLU C 23 -29.80 13.43 4.49
CA GLU C 23 -29.83 12.02 4.11
C GLU C 23 -30.19 11.13 5.30
N VAL C 24 -29.58 11.36 6.47
CA VAL C 24 -29.92 10.56 7.64
C VAL C 24 -31.40 10.74 8.02
N ASP C 25 -31.90 11.98 8.03
CA ASP C 25 -33.34 12.19 8.23
C ASP C 25 -34.12 11.27 7.30
N MET C 26 -33.75 11.28 6.02
CA MET C 26 -34.48 10.50 5.03
C MET C 26 -34.47 9.02 5.35
N LEU C 27 -33.28 8.48 5.65
CA LEU C 27 -33.18 7.06 5.99
C LEU C 27 -34.08 6.72 7.16
N LYS C 28 -34.13 7.59 8.17
CA LYS C 28 -34.94 7.28 9.35
C LYS C 28 -36.42 7.27 9.00
N ARG C 29 -36.90 8.24 8.21
CA ARG C 29 -38.30 8.23 7.81
C ARG C 29 -38.60 6.98 6.99
N THR C 30 -37.74 6.66 6.03
CA THR C 30 -38.01 5.50 5.18
C THR C 30 -38.07 4.22 5.99
N ALA C 31 -37.15 4.04 6.94
CA ALA C 31 -37.18 2.86 7.78
C ALA C 31 -38.48 2.77 8.58
N SER C 32 -39.13 3.91 8.81
CA SER C 32 -40.39 3.96 9.54
C SER C 32 -41.61 3.73 8.65
N SER C 33 -41.43 3.63 7.33
CA SER C 33 -42.54 3.55 6.39
C SER C 33 -42.97 2.11 6.17
N ASP C 34 -43.94 1.93 5.27
CA ASP C 34 -44.37 0.59 4.94
C ASP C 34 -43.30 -0.19 4.21
N LEU C 35 -42.17 0.45 3.90
CA LEU C 35 -41.00 -0.28 3.42
C LEU C 35 -40.38 -1.14 4.50
N TYR C 36 -40.69 -0.88 5.76
CA TYR C 36 -39.86 -1.41 6.84
C TYR C 36 -39.78 -2.92 6.79
N GLN C 37 -40.84 -3.58 6.32
CA GLN C 37 -40.88 -5.03 6.36
C GLN C 37 -39.84 -5.62 5.40
N LEU C 38 -39.76 -5.07 4.19
CA LEU C 38 -38.76 -5.56 3.24
C LEU C 38 -37.36 -5.28 3.78
N PHE C 39 -37.15 -4.07 4.31
CA PHE C 39 -35.87 -3.70 4.90
C PHE C 39 -35.48 -4.65 6.02
N ARG C 40 -36.47 -5.05 6.82
CA ARG C 40 -36.20 -5.94 7.94
C ARG C 40 -35.88 -7.35 7.44
N ASN C 41 -36.58 -7.81 6.41
CA ASN C 41 -36.38 -9.17 5.96
C ASN C 41 -35.06 -9.32 5.21
N CYS C 42 -34.69 -8.34 4.38
CA CYS C 42 -33.39 -8.41 3.72
C CYS C 42 -32.26 -8.34 4.74
N SER C 43 -32.43 -7.53 5.79
CA SER C 43 -31.41 -7.45 6.85
C SER C 43 -31.31 -8.78 7.58
N LEU C 44 -32.44 -9.42 7.87
CA LEU C 44 -32.41 -10.71 8.55
C LEU C 44 -31.73 -11.76 7.67
N ALA C 45 -31.98 -11.74 6.38
CA ALA C 45 -31.42 -12.73 5.47
C ALA C 45 -29.90 -12.60 5.40
N VAL C 46 -29.42 -11.37 5.23
CA VAL C 46 -28.00 -11.09 5.29
C VAL C 46 -27.39 -11.67 6.56
N LEU C 47 -28.02 -11.41 7.71
CA LEU C 47 -27.43 -11.89 8.96
C LEU C 47 -27.45 -13.41 9.08
N ASN C 48 -28.21 -14.10 8.23
CA ASN C 48 -28.25 -15.56 8.25
C ASN C 48 -27.33 -16.19 7.23
N SER C 49 -26.56 -15.37 6.52
CA SER C 49 -25.64 -15.88 5.50
C SER C 49 -24.79 -17.02 6.04
N GLY C 50 -24.64 -18.06 5.24
CA GLY C 50 -23.77 -19.16 5.60
C GLY C 50 -24.27 -19.99 6.76
N SER C 51 -25.59 -20.04 6.97
CA SER C 51 -26.14 -20.91 7.99
C SER C 51 -26.29 -22.32 7.46
N LEU C 52 -26.41 -23.27 8.38
CA LEU C 52 -26.49 -24.69 8.04
C LEU C 52 -27.90 -25.20 8.29
N THR C 53 -28.84 -24.75 7.47
CA THR C 53 -30.19 -25.27 7.45
C THR C 53 -30.54 -25.66 6.03
N ASP C 54 -31.54 -26.54 5.90
CA ASP C 54 -31.96 -27.02 4.58
C ASP C 54 -32.99 -26.09 3.93
N ASN C 55 -33.98 -25.60 4.67
CA ASN C 55 -34.99 -24.69 4.16
C ASN C 55 -34.64 -23.26 4.53
N SER C 56 -34.50 -22.38 3.52
CA SER C 56 -34.31 -20.96 3.79
C SER C 56 -35.55 -20.34 4.42
N LYS C 57 -36.73 -20.88 4.11
CA LYS C 57 -37.96 -20.29 4.65
C LYS C 57 -38.16 -20.69 6.11
N GLU C 58 -37.87 -21.96 6.47
CA GLU C 58 -37.99 -22.36 7.86
C GLU C 58 -36.91 -21.72 8.72
N LEU C 59 -35.76 -21.40 8.15
CA LEU C 59 -34.71 -20.73 8.91
C LEU C 59 -35.12 -19.32 9.27
N LEU C 60 -35.46 -18.51 8.26
CA LEU C 60 -35.89 -17.14 8.48
C LEU C 60 -37.27 -17.06 9.14
N SER C 61 -37.89 -18.19 9.45
CA SER C 61 -39.15 -18.20 10.16
C SER C 61 -39.00 -18.16 11.67
N ARG C 62 -37.84 -18.56 12.20
CA ARG C 62 -37.63 -18.63 13.64
C ARG C 62 -37.01 -17.36 14.22
N PHE C 63 -37.08 -16.23 13.50
CA PHE C 63 -36.54 -14.99 14.01
C PHE C 63 -37.64 -13.95 14.11
N GLU C 64 -38.76 -14.34 14.71
CA GLU C 64 -39.95 -13.48 14.75
C GLU C 64 -39.73 -12.27 15.63
N ASN C 65 -38.88 -12.37 16.66
CA ASN C 65 -38.61 -11.26 17.56
C ASN C 65 -37.41 -10.42 17.12
N PHE C 66 -36.97 -10.56 15.88
CA PHE C 66 -35.88 -9.75 15.37
C PHE C 66 -36.47 -8.48 14.76
N ASP C 67 -35.81 -7.35 15.03
CA ASP C 67 -36.14 -6.10 14.37
C ASP C 67 -34.88 -5.26 14.23
N ILE C 68 -35.01 -4.14 13.52
CA ILE C 68 -33.86 -3.32 13.16
C ILE C 68 -34.29 -1.86 13.06
N ASN C 69 -33.48 -0.98 13.62
CA ASN C 69 -33.75 0.46 13.59
C ASN C 69 -32.55 1.20 13.01
N VAL C 70 -32.86 2.30 12.32
CA VAL C 70 -31.86 3.26 11.85
C VAL C 70 -31.67 4.32 12.93
N LEU C 71 -30.48 4.37 13.54
CA LEU C 71 -30.14 5.39 14.52
C LEU C 71 -29.23 6.44 13.88
N ARG C 72 -29.30 7.67 14.42
CA ARG C 72 -28.29 8.69 14.12
C ARG C 72 -27.28 8.74 15.26
N ARG C 73 -26.01 8.51 14.92
CA ARG C 73 -24.90 8.63 15.86
C ARG C 73 -23.72 9.29 15.16
N GLU C 74 -23.04 10.19 15.89
CA GLU C 74 -21.89 10.91 15.36
C GLU C 74 -22.19 11.52 13.99
N ARG C 75 -23.43 11.98 13.83
CA ARG C 75 -23.95 12.61 12.62
C ARG C 75 -24.07 11.64 11.46
N GLY C 76 -23.74 10.36 11.66
CA GLY C 76 -23.99 9.39 10.62
C GLY C 76 -25.03 8.40 11.08
N VAL C 77 -24.98 7.18 10.57
CA VAL C 77 -25.99 6.19 10.89
C VAL C 77 -25.34 5.05 11.66
N LYS C 78 -26.13 4.41 12.52
CA LYS C 78 -25.81 3.12 13.10
C LYS C 78 -27.04 2.25 12.99
N LEU C 79 -26.85 0.96 12.81
CA LEU C 79 -27.97 0.03 12.74
C LEU C 79 -28.18 -0.59 14.11
N GLU C 80 -29.38 -0.46 14.65
CA GLU C 80 -29.74 -1.11 15.90
C GLU C 80 -30.38 -2.46 15.58
N LEU C 81 -29.74 -3.53 16.04
CA LEU C 81 -30.25 -4.88 15.83
C LEU C 81 -30.89 -5.36 17.12
N ILE C 82 -32.15 -5.80 17.02
CA ILE C 82 -32.88 -6.36 18.16
C ILE C 82 -33.07 -7.84 17.91
N ASN C 83 -32.56 -8.66 18.83
CA ASN C 83 -32.62 -10.11 18.74
C ASN C 83 -32.09 -10.63 17.41
N PRO C 84 -30.88 -10.26 17.02
CA PRO C 84 -30.27 -10.82 15.80
C PRO C 84 -29.83 -12.27 16.01
N PRO C 85 -29.64 -13.02 14.93
CA PRO C 85 -29.11 -14.39 15.06
C PRO C 85 -27.72 -14.36 15.65
N GLU C 86 -27.48 -15.18 16.69
CA GLU C 86 -26.18 -15.15 17.35
C GLU C 86 -25.06 -15.64 16.44
N GLU C 87 -25.36 -16.49 15.47
CA GLU C 87 -24.34 -17.01 14.57
C GLU C 87 -23.62 -15.89 13.82
N ALA C 88 -24.20 -14.69 13.78
CA ALA C 88 -23.59 -13.59 13.06
C ALA C 88 -22.55 -12.84 13.90
N PHE C 89 -22.24 -13.30 15.10
CA PHE C 89 -21.37 -12.56 16.01
C PHE C 89 -20.25 -13.46 16.52
N VAL C 90 -19.06 -12.88 16.65
CA VAL C 90 -17.91 -13.54 17.26
C VAL C 90 -17.52 -12.73 18.50
N ASP C 91 -17.55 -13.37 19.66
CA ASP C 91 -17.28 -12.74 20.96
C ASP C 91 -17.92 -11.37 21.05
N GLY C 92 -19.18 -11.30 20.61
CA GLY C 92 -19.93 -10.08 20.63
C GLY C 92 -19.72 -9.13 19.46
N ARG C 93 -18.74 -9.37 18.60
CA ARG C 93 -18.49 -8.47 17.48
C ARG C 93 -19.11 -9.04 16.21
N ILE C 94 -19.84 -8.23 15.46
CA ILE C 94 -20.41 -8.74 14.23
C ILE C 94 -19.32 -9.07 13.21
N ILE C 95 -19.53 -10.14 12.46
CA ILE C 95 -18.56 -10.58 11.46
C ILE C 95 -18.52 -9.58 10.31
N ARG C 96 -17.30 -9.16 9.94
CA ARG C 96 -17.14 -8.05 9.00
C ARG C 96 -17.88 -8.30 7.70
N ALA C 97 -17.83 -9.54 7.18
CA ALA C 97 -18.53 -9.84 5.93
C ALA C 97 -20.00 -9.53 6.06
N LEU C 98 -20.63 -10.05 7.12
CA LEU C 98 -22.05 -9.78 7.36
C LEU C 98 -22.30 -8.30 7.59
N GLN C 99 -21.37 -7.62 8.25
CA GLN C 99 -21.53 -6.20 8.50
C GLN C 99 -21.63 -5.43 7.19
N ALA C 100 -20.69 -5.67 6.27
CA ALA C 100 -20.71 -4.97 4.99
C ALA C 100 -21.99 -5.26 4.21
N ASN C 101 -22.42 -6.52 4.16
CA ASN C 101 -23.68 -6.84 3.48
C ASN C 101 -24.85 -6.11 4.14
N LEU C 102 -24.82 -6.02 5.48
CA LEU C 102 -25.90 -5.34 6.21
C LEU C 102 -26.03 -3.88 5.75
N PHE C 103 -24.91 -3.17 5.63
CA PHE C 103 -25.00 -1.81 5.15
C PHE C 103 -25.22 -1.75 3.65
N ALA C 104 -24.94 -2.84 2.92
CA ALA C 104 -25.33 -2.87 1.50
C ALA C 104 -26.85 -2.96 1.36
N VAL C 105 -27.51 -3.71 2.24
CA VAL C 105 -28.97 -3.68 2.31
C VAL C 105 -29.47 -2.27 2.58
N LEU C 106 -28.89 -1.60 3.58
CA LEU C 106 -29.32 -0.25 3.92
C LEU C 106 -29.16 0.67 2.72
N ARG C 107 -28.00 0.61 2.07
CA ARG C 107 -27.72 1.40 0.88
C ARG C 107 -28.76 1.14 -0.20
N ASP C 108 -28.94 -0.13 -0.59
CA ASP C 108 -29.70 -0.38 -1.80
C ASP C 108 -31.20 -0.49 -1.55
N ILE C 109 -31.61 -0.94 -0.36
CA ILE C 109 -33.03 -1.00 -0.06
C ILE C 109 -33.57 0.37 0.34
N LEU C 110 -33.01 0.97 1.41
CA LEU C 110 -33.57 2.20 1.95
C LEU C 110 -33.13 3.43 1.17
N PHE C 111 -31.84 3.51 0.81
CA PHE C 111 -31.33 4.74 0.23
C PHE C 111 -31.58 4.82 -1.28
N VAL C 112 -31.59 3.68 -1.99
CA VAL C 112 -31.84 3.65 -3.43
C VAL C 112 -33.28 3.28 -3.73
N TYR C 113 -33.65 2.03 -3.44
CA TYR C 113 -34.99 1.53 -3.74
C TYR C 113 -36.08 2.39 -3.09
N GLY C 114 -35.84 2.84 -1.86
CA GLY C 114 -36.84 3.66 -1.20
C GLY C 114 -37.06 4.98 -1.91
N GLN C 115 -36.03 5.49 -2.58
CA GLN C 115 -36.00 6.87 -3.03
C GLN C 115 -36.30 7.04 -4.50
N ILE C 116 -36.28 5.96 -5.28
CA ILE C 116 -36.62 6.09 -6.70
C ILE C 116 -38.13 6.17 -6.87
N HIS C 117 -38.87 5.42 -6.05
CA HIS C 117 -40.32 5.34 -6.10
C HIS C 117 -41.01 6.70 -5.96
N PRO C 123 -36.36 12.44 -9.12
CA PRO C 123 -36.71 13.84 -9.38
C PRO C 123 -37.11 14.08 -10.84
N ASN C 124 -36.11 14.12 -11.73
CA ASN C 124 -36.36 14.10 -13.17
C ASN C 124 -36.23 12.69 -13.74
N LEU C 125 -36.20 11.66 -12.89
CA LEU C 125 -35.90 10.30 -13.33
C LEU C 125 -37.14 9.65 -13.94
N ASN C 126 -37.04 9.25 -15.22
CA ASN C 126 -38.15 8.62 -15.92
C ASN C 126 -37.85 7.12 -16.05
N LEU C 127 -38.44 6.31 -15.17
CA LEU C 127 -38.19 4.87 -15.17
C LEU C 127 -38.69 4.18 -16.44
N ASP C 128 -39.39 4.88 -17.32
CA ASP C 128 -39.82 4.31 -18.59
C ASP C 128 -38.86 4.65 -19.73
N ASN C 129 -37.84 5.47 -19.46
CA ASN C 129 -36.90 5.91 -20.48
C ASN C 129 -35.65 5.02 -20.50
N SER C 130 -35.38 4.42 -21.67
CA SER C 130 -34.32 3.42 -21.79
C SER C 130 -32.98 3.96 -21.31
N VAL C 131 -32.64 5.19 -21.71
CA VAL C 131 -31.35 5.76 -21.34
C VAL C 131 -31.27 6.00 -19.84
N HIS C 132 -32.37 6.45 -19.22
CA HIS C 132 -32.42 6.60 -17.77
C HIS C 132 -32.19 5.27 -17.07
N ILE C 133 -32.82 4.20 -17.55
CA ILE C 133 -32.66 2.91 -16.92
C ILE C 133 -31.18 2.56 -16.87
N THR C 134 -30.51 2.63 -18.01
CA THR C 134 -29.09 2.27 -18.04
C THR C 134 -28.28 3.21 -17.14
N ASN C 135 -28.56 4.50 -17.17
CA ASN C 135 -27.77 5.39 -16.32
C ASN C 135 -28.08 5.16 -14.85
N LEU C 136 -29.31 4.73 -14.52
CA LEU C 136 -29.62 4.31 -13.16
C LEU C 136 -28.75 3.12 -12.75
N VAL C 137 -28.73 2.06 -13.58
CA VAL C 137 -27.92 0.88 -13.24
C VAL C 137 -26.47 1.28 -13.00
N PHE C 138 -25.91 2.12 -13.86
CA PHE C 138 -24.54 2.58 -13.63
C PHE C 138 -24.46 3.30 -12.28
N SER C 139 -25.41 4.16 -11.99
CA SER C 139 -25.40 4.95 -10.76
C SER C 139 -25.43 4.06 -9.55
N ILE C 140 -26.28 3.03 -9.58
CA ILE C 140 -26.35 2.14 -8.44
C ILE C 140 -25.02 1.42 -8.27
N LEU C 141 -24.41 0.99 -9.38
CA LEU C 141 -23.11 0.34 -9.30
C LEU C 141 -22.04 1.29 -8.78
N ARG C 142 -21.98 2.51 -9.36
CA ARG C 142 -21.02 3.48 -8.87
C ARG C 142 -21.20 3.71 -7.39
N ASN C 143 -22.45 3.83 -6.96
CA ASN C 143 -22.71 4.10 -5.56
C ASN C 143 -22.26 2.96 -4.66
N ALA C 144 -22.37 1.71 -5.13
CA ALA C 144 -21.83 0.58 -4.38
C ALA C 144 -20.31 0.46 -4.47
N ARG C 145 -19.60 1.47 -5.00
CA ARG C 145 -18.15 1.39 -5.09
C ARG C 145 -17.72 0.11 -5.79
N ALA C 146 -18.47 -0.27 -6.83
CA ALA C 146 -18.26 -1.53 -7.52
C ALA C 146 -17.65 -1.37 -8.91
N LEU C 147 -17.39 -0.14 -9.36
CA LEU C 147 -16.78 0.13 -10.67
C LEU C 147 -15.42 0.78 -10.45
N HIS C 148 -14.36 0.03 -10.70
CA HIS C 148 -13.01 0.51 -10.44
C HIS C 148 -12.47 1.26 -11.66
N VAL C 149 -11.70 2.32 -11.42
CA VAL C 149 -11.13 3.10 -12.51
C VAL C 149 -9.85 2.42 -12.99
N GLY C 150 -9.70 2.29 -14.30
CA GLY C 150 -8.49 1.78 -14.91
C GLY C 150 -8.31 0.27 -14.90
N GLU C 151 -9.13 -0.48 -14.15
CA GLU C 151 -8.85 -1.89 -13.85
C GLU C 151 -9.05 -2.78 -15.08
N ALA C 152 -7.98 -3.48 -15.48
CA ALA C 152 -8.00 -4.41 -16.60
C ALA C 152 -9.14 -5.44 -16.49
N PRO C 153 -9.83 -5.73 -17.58
CA PRO C 153 -10.96 -6.68 -17.55
C PRO C 153 -10.55 -8.01 -16.94
N ASN C 154 -11.45 -8.58 -16.12
CA ASN C 154 -11.16 -9.86 -15.49
C ASN C 154 -12.38 -10.43 -14.76
N MET C 155 -13.55 -9.83 -14.98
CA MET C 155 -14.75 -10.21 -14.24
C MET C 155 -15.59 -11.17 -15.07
N VAL C 156 -15.78 -12.38 -14.55
CA VAL C 156 -16.56 -13.41 -15.23
C VAL C 156 -17.89 -13.58 -14.49
N VAL C 157 -18.99 -13.30 -15.19
CA VAL C 157 -20.33 -13.54 -14.64
C VAL C 157 -20.67 -15.01 -14.81
N CYS C 158 -21.21 -15.61 -13.76
CA CYS C 158 -21.61 -17.00 -13.78
C CYS C 158 -23.10 -17.09 -13.47
N TRP C 159 -23.84 -17.79 -14.33
CA TRP C 159 -25.27 -18.00 -14.18
C TRP C 159 -25.52 -19.49 -14.02
N GLY C 160 -26.49 -19.86 -13.19
CA GLY C 160 -26.81 -21.27 -13.02
C GLY C 160 -27.85 -21.48 -11.94
N GLY C 161 -28.30 -22.74 -11.86
CA GLY C 161 -29.41 -23.07 -11.00
C GLY C 161 -29.04 -22.94 -9.53
N HIS C 162 -29.96 -22.38 -8.75
CA HIS C 162 -29.77 -22.27 -7.32
C HIS C 162 -29.84 -23.62 -6.62
N SER C 163 -30.40 -24.64 -7.27
CA SER C 163 -30.51 -25.97 -6.71
C SER C 163 -29.95 -26.96 -7.71
N ILE C 164 -28.82 -27.60 -7.39
CA ILE C 164 -28.11 -28.46 -8.32
C ILE C 164 -27.57 -29.66 -7.57
N ASN C 165 -27.33 -30.75 -8.32
CA ASN C 165 -26.85 -31.97 -7.68
C ASN C 165 -25.34 -31.86 -7.41
N GLU C 166 -24.84 -32.85 -6.68
CA GLU C 166 -23.44 -32.83 -6.27
C GLU C 166 -22.50 -32.79 -7.47
N ASN C 167 -22.87 -33.48 -8.55
CA ASN C 167 -22.00 -33.52 -9.72
C ASN C 167 -21.90 -32.14 -10.37
N GLU C 168 -23.02 -31.44 -10.52
CA GLU C 168 -23.00 -30.10 -11.10
C GLU C 168 -22.28 -29.11 -10.19
N TYR C 169 -22.50 -29.20 -8.88
CA TYR C 169 -21.80 -28.33 -7.95
C TYR C 169 -20.30 -28.51 -8.06
N LEU C 170 -19.83 -29.75 -7.97
CA LEU C 170 -18.39 -30.03 -8.08
C LEU C 170 -17.80 -29.45 -9.37
N TYR C 171 -18.48 -29.69 -10.50
CA TYR C 171 -17.97 -29.17 -11.75
C TYR C 171 -17.85 -27.65 -11.71
N ALA C 172 -18.90 -26.98 -11.21
CA ALA C 172 -18.86 -25.53 -11.16
C ALA C 172 -17.76 -25.05 -10.21
N ARG C 173 -17.51 -25.80 -9.14
CA ARG C 173 -16.36 -25.49 -8.30
C ARG C 173 -15.05 -25.64 -9.08
N ARG C 174 -14.94 -26.67 -9.93
CA ARG C 174 -13.73 -26.84 -10.74
C ARG C 174 -13.56 -25.68 -11.71
N VAL C 175 -14.63 -25.25 -12.38
CA VAL C 175 -14.54 -24.07 -13.24
C VAL C 175 -14.09 -22.86 -12.42
N GLY C 176 -14.63 -22.69 -11.22
CA GLY C 176 -14.18 -21.60 -10.37
C GLY C 176 -12.70 -21.69 -10.03
N ASN C 177 -12.24 -22.87 -9.62
CA ASN C 177 -10.83 -23.02 -9.32
C ASN C 177 -9.97 -22.66 -10.53
N GLN C 178 -10.29 -23.23 -11.71
CA GLN C 178 -9.53 -22.93 -12.93
C GLN C 178 -9.61 -21.47 -13.30
N LEU C 179 -10.77 -20.84 -13.07
CA LEU C 179 -10.88 -19.40 -13.29
C LEU C 179 -10.01 -18.63 -12.30
N GLY C 180 -10.06 -18.99 -11.01
CA GLY C 180 -9.26 -18.28 -10.01
C GLY C 180 -7.76 -18.50 -10.19
N LEU C 181 -7.34 -19.70 -10.61
CA LEU C 181 -5.94 -19.95 -10.91
C LEU C 181 -5.48 -19.08 -12.06
N ARG C 182 -6.40 -18.46 -12.79
CA ARG C 182 -6.04 -17.53 -13.85
C ARG C 182 -6.30 -16.10 -13.44
N GLU C 183 -6.52 -15.86 -12.15
CA GLU C 183 -6.71 -14.52 -11.61
C GLU C 183 -7.91 -13.80 -12.22
N LEU C 184 -9.02 -14.53 -12.39
CA LEU C 184 -10.28 -13.93 -12.80
C LEU C 184 -11.23 -13.84 -11.60
N ASN C 185 -11.99 -12.75 -11.53
CA ASN C 185 -12.99 -12.56 -10.48
C ASN C 185 -14.36 -13.08 -10.94
N ILE C 186 -15.28 -13.21 -9.98
CA ILE C 186 -16.56 -13.89 -10.19
C ILE C 186 -17.73 -13.01 -9.75
N CYS C 187 -18.78 -12.94 -10.58
CA CYS C 187 -20.05 -12.32 -10.23
C CYS C 187 -21.18 -13.30 -10.52
N THR C 188 -21.90 -13.71 -9.48
CA THR C 188 -23.07 -14.55 -9.61
C THR C 188 -24.27 -13.81 -9.03
N GLY C 189 -25.46 -14.43 -9.15
CA GLY C 189 -26.69 -13.93 -8.56
C GLY C 189 -26.71 -14.00 -7.04
N CYS C 190 -25.71 -14.64 -6.44
CA CYS C 190 -25.34 -14.47 -5.03
C CYS C 190 -25.96 -15.52 -4.10
N GLY C 191 -26.85 -16.36 -4.60
CA GLY C 191 -27.43 -17.41 -3.79
C GLY C 191 -26.58 -18.66 -3.71
N PRO C 192 -27.23 -19.82 -3.46
CA PRO C 192 -26.50 -21.10 -3.33
C PRO C 192 -26.33 -21.84 -4.65
N GLY C 193 -25.89 -23.10 -4.59
CA GLY C 193 -25.76 -23.87 -5.81
C GLY C 193 -24.73 -23.31 -6.78
N ALA C 194 -25.12 -23.19 -8.05
CA ALA C 194 -24.21 -22.70 -9.07
C ALA C 194 -23.80 -21.25 -8.82
N MET C 195 -24.62 -20.47 -8.10
CA MET C 195 -24.19 -19.12 -7.76
C MET C 195 -23.12 -19.10 -6.67
N GLU C 196 -22.83 -20.23 -6.04
CA GLU C 196 -21.87 -20.32 -4.95
C GLU C 196 -20.61 -21.10 -5.32
N ALA C 197 -20.74 -22.25 -5.98
CA ALA C 197 -19.59 -23.11 -6.24
C ALA C 197 -18.47 -22.43 -7.02
N PRO C 198 -18.75 -21.70 -8.11
CA PRO C 198 -17.63 -21.01 -8.80
C PRO C 198 -16.85 -20.09 -7.88
N MET C 199 -17.54 -19.40 -6.99
CA MET C 199 -16.87 -18.53 -6.02
C MET C 199 -16.01 -19.34 -5.06
N LYS C 200 -16.56 -20.44 -4.53
CA LYS C 200 -15.80 -21.31 -3.65
C LYS C 200 -14.52 -21.77 -4.34
N GLY C 201 -14.65 -22.21 -5.60
CA GLY C 201 -13.48 -22.66 -6.33
C GLY C 201 -12.51 -21.52 -6.62
N ALA C 202 -13.03 -20.36 -6.99
CA ALA C 202 -12.12 -19.28 -7.35
C ALA C 202 -11.31 -18.80 -6.15
N ALA C 203 -11.87 -18.89 -4.94
CA ALA C 203 -11.11 -18.43 -3.77
C ALA C 203 -9.91 -19.32 -3.52
N VAL C 204 -10.08 -20.64 -3.70
CA VAL C 204 -8.95 -21.56 -3.59
C VAL C 204 -7.86 -21.21 -4.60
N GLY C 205 -8.26 -20.89 -5.84
CA GLY C 205 -7.29 -20.60 -6.89
C GLY C 205 -6.57 -19.28 -6.67
N HIS C 206 -7.33 -18.24 -6.32
CA HIS C 206 -6.68 -16.99 -5.90
C HIS C 206 -5.62 -17.27 -4.85
N ALA C 207 -5.97 -18.06 -3.83
CA ALA C 207 -4.98 -18.32 -2.78
C ALA C 207 -3.72 -18.95 -3.36
N GLN C 208 -3.88 -19.93 -4.25
CA GLN C 208 -2.68 -20.55 -4.80
C GLN C 208 -1.86 -19.58 -5.65
N GLN C 209 -2.46 -18.54 -6.19
CA GLN C 209 -1.73 -17.60 -7.02
C GLN C 209 -1.29 -16.37 -6.25
N ARG C 210 -1.45 -16.36 -4.92
CA ARG C 210 -1.17 -15.18 -4.12
C ARG C 210 -1.93 -13.97 -4.63
N TYR C 211 -3.09 -14.21 -5.23
CA TYR C 211 -3.92 -13.13 -5.71
C TYR C 211 -4.72 -12.56 -4.55
N LYS C 212 -4.55 -11.26 -4.30
CA LYS C 212 -5.06 -10.63 -3.10
C LYS C 212 -6.36 -9.85 -3.30
N ASP C 213 -6.68 -9.48 -4.53
CA ASP C 213 -7.81 -8.60 -4.82
C ASP C 213 -9.08 -9.37 -5.21
N SER C 214 -9.50 -10.35 -4.41
CA SER C 214 -10.63 -11.18 -4.82
C SER C 214 -11.89 -10.34 -4.85
N ARG C 215 -12.57 -10.30 -5.97
CA ARG C 215 -13.90 -9.71 -6.04
C ARG C 215 -14.90 -10.83 -6.29
N PHE C 216 -15.82 -11.01 -5.36
CA PHE C 216 -16.92 -11.97 -5.53
C PHE C 216 -18.20 -11.16 -5.36
N ILE C 217 -18.76 -10.73 -6.48
CA ILE C 217 -19.90 -9.83 -6.49
C ILE C 217 -21.17 -10.67 -6.51
N GLY C 218 -22.05 -10.42 -5.55
CA GLY C 218 -23.35 -11.06 -5.54
C GLY C 218 -24.39 -10.03 -5.92
N MET C 219 -25.03 -10.24 -7.06
CA MET C 219 -25.97 -9.29 -7.63
C MET C 219 -27.37 -9.89 -7.52
N THR C 220 -28.26 -9.20 -6.82
CA THR C 220 -29.56 -9.76 -6.52
C THR C 220 -30.60 -8.65 -6.65
N GLU C 221 -31.81 -8.93 -6.15
CA GLU C 221 -32.98 -8.06 -6.30
C GLU C 221 -33.80 -8.21 -5.03
N PRO C 222 -34.58 -7.19 -4.66
CA PRO C 222 -35.15 -7.17 -3.29
C PRO C 222 -36.05 -8.37 -2.96
N SER C 223 -36.84 -8.86 -3.91
CA SER C 223 -37.67 -10.02 -3.59
C SER C 223 -36.86 -11.30 -3.41
N ILE C 224 -35.76 -11.48 -4.14
CA ILE C 224 -34.96 -12.69 -3.98
C ILE C 224 -34.29 -12.73 -2.62
N ILE C 225 -33.52 -11.69 -2.30
CA ILE C 225 -32.67 -11.74 -1.12
C ILE C 225 -33.52 -11.70 0.14
N ALA C 226 -34.69 -11.05 0.08
CA ALA C 226 -35.56 -11.02 1.26
C ALA C 226 -35.88 -12.41 1.78
N ALA C 227 -35.75 -13.43 0.92
CA ALA C 227 -35.95 -14.82 1.32
C ALA C 227 -34.72 -15.70 1.17
N GLU C 228 -33.70 -15.29 0.41
CA GLU C 228 -32.53 -16.13 0.18
C GLU C 228 -31.29 -15.44 0.72
N PRO C 229 -30.71 -15.91 1.82
CA PRO C 229 -29.47 -15.31 2.32
C PRO C 229 -28.35 -15.43 1.29
N PRO C 230 -27.59 -14.36 1.04
CA PRO C 230 -26.41 -14.47 0.17
C PRO C 230 -25.53 -15.61 0.66
N ASN C 231 -24.73 -16.20 -0.26
CA ASN C 231 -23.81 -17.24 0.19
C ASN C 231 -22.63 -16.63 0.93
N PRO C 232 -21.94 -17.41 1.76
CA PRO C 232 -20.88 -16.83 2.60
C PRO C 232 -19.68 -16.33 1.81
N LEU C 233 -19.55 -16.68 0.52
CA LEU C 233 -18.39 -16.24 -0.27
C LEU C 233 -18.52 -14.79 -0.75
N VAL C 234 -19.74 -14.31 -0.99
CA VAL C 234 -19.92 -12.98 -1.58
C VAL C 234 -19.26 -11.93 -0.71
N ASN C 235 -18.43 -11.07 -1.32
CA ASN C 235 -17.84 -9.95 -0.60
C ASN C 235 -18.18 -8.59 -1.20
N GLU C 236 -19.08 -8.53 -2.17
CA GLU C 236 -19.65 -7.26 -2.62
C GLU C 236 -21.11 -7.53 -2.98
N LEU C 237 -22.02 -7.17 -2.08
CA LEU C 237 -23.44 -7.37 -2.29
C LEU C 237 -24.03 -6.14 -2.99
N ILE C 238 -24.77 -6.37 -4.06
CA ILE C 238 -25.44 -5.32 -4.82
C ILE C 238 -26.88 -5.76 -5.03
N ILE C 239 -27.83 -5.01 -4.49
CA ILE C 239 -29.24 -5.32 -4.70
C ILE C 239 -29.76 -4.33 -5.73
N MET C 240 -30.02 -4.82 -6.94
CA MET C 240 -30.63 -4.02 -7.98
C MET C 240 -32.15 -3.99 -7.74
N PRO C 241 -32.82 -2.94 -8.23
CA PRO C 241 -34.22 -2.72 -7.83
C PRO C 241 -35.22 -3.73 -8.41
N ASP C 242 -34.95 -4.32 -9.57
CA ASP C 242 -35.84 -5.36 -10.11
C ASP C 242 -35.03 -6.34 -10.97
N ILE C 243 -35.71 -7.40 -11.45
CA ILE C 243 -35.01 -8.42 -12.21
C ILE C 243 -34.44 -7.87 -13.49
N GLU C 244 -35.16 -6.94 -14.13
CA GLU C 244 -34.69 -6.34 -15.38
C GLU C 244 -33.44 -5.50 -15.17
N LYS C 245 -33.36 -4.80 -14.04
CA LYS C 245 -32.17 -3.99 -13.81
C LYS C 245 -31.00 -4.85 -13.34
N ARG C 246 -31.30 -5.97 -12.69
CA ARG C 246 -30.26 -6.92 -12.37
C ARG C 246 -29.68 -7.56 -13.64
N LEU C 247 -30.53 -7.91 -14.60
CA LEU C 247 -30.04 -8.52 -15.83
C LEU C 247 -29.18 -7.53 -16.60
N GLU C 248 -29.63 -6.28 -16.72
CA GLU C 248 -28.81 -5.30 -17.38
C GLU C 248 -27.47 -5.13 -16.64
N ALA C 249 -27.51 -5.06 -15.31
CA ALA C 249 -26.27 -4.93 -14.54
C ALA C 249 -25.30 -6.05 -14.90
N PHE C 250 -25.78 -7.30 -14.88
CA PHE C 250 -24.95 -8.45 -15.25
C PHE C 250 -24.26 -8.22 -16.59
N VAL C 251 -25.04 -7.83 -17.60
CA VAL C 251 -24.48 -7.73 -18.94
C VAL C 251 -23.44 -6.63 -18.99
N ARG C 252 -23.67 -5.53 -18.27
CA ARG C 252 -22.81 -4.37 -18.39
C ARG C 252 -21.52 -4.48 -17.58
N ILE C 253 -21.50 -5.28 -16.49
CA ILE C 253 -20.23 -5.42 -15.79
C ILE C 253 -19.42 -6.61 -16.29
N ALA C 254 -20.03 -7.53 -17.03
CA ALA C 254 -19.33 -8.75 -17.37
C ALA C 254 -18.26 -8.48 -18.42
N HIS C 255 -17.18 -9.25 -18.32
CA HIS C 255 -16.24 -9.33 -19.41
C HIS C 255 -16.34 -10.64 -20.18
N GLY C 256 -16.86 -11.69 -19.55
CA GLY C 256 -17.36 -12.88 -20.21
C GLY C 256 -18.48 -13.43 -19.35
N ILE C 257 -19.20 -14.41 -19.89
CA ILE C 257 -20.31 -15.05 -19.17
C ILE C 257 -20.21 -16.56 -19.30
N ILE C 258 -20.44 -17.25 -18.20
CA ILE C 258 -20.49 -18.71 -18.17
C ILE C 258 -21.86 -19.08 -17.66
N ILE C 259 -22.59 -19.88 -18.44
CA ILE C 259 -23.91 -20.37 -18.04
C ILE C 259 -23.80 -21.84 -17.70
N PHE C 260 -24.07 -22.18 -16.44
CA PHE C 260 -24.20 -23.57 -16.03
C PHE C 260 -25.64 -24.05 -16.22
N PRO C 261 -25.88 -25.35 -16.13
CA PRO C 261 -27.25 -25.86 -16.16
C PRO C 261 -28.10 -25.14 -15.13
N GLY C 262 -29.36 -24.87 -15.50
CA GLY C 262 -30.29 -24.18 -14.64
C GLY C 262 -31.75 -24.45 -14.96
N GLY C 263 -32.05 -25.67 -15.40
CA GLY C 263 -33.43 -26.01 -15.71
C GLY C 263 -33.89 -25.25 -16.94
N VAL C 264 -35.20 -24.98 -16.99
CA VAL C 264 -35.73 -24.32 -18.17
C VAL C 264 -35.47 -22.81 -18.13
N GLY C 265 -35.26 -22.24 -16.93
CA GLY C 265 -34.85 -20.84 -16.84
C GLY C 265 -33.67 -20.53 -17.74
N THR C 266 -32.67 -21.42 -17.76
CA THR C 266 -31.49 -21.23 -18.61
C THR C 266 -31.88 -20.91 -20.05
N ALA C 267 -33.01 -21.43 -20.53
CA ALA C 267 -33.42 -21.13 -21.89
C ALA C 267 -33.77 -19.65 -22.02
N GLU C 268 -34.50 -19.11 -21.03
CA GLU C 268 -34.76 -17.67 -20.99
C GLU C 268 -33.46 -16.90 -20.94
N GLU C 269 -32.55 -17.32 -20.06
CA GLU C 269 -31.24 -16.69 -19.96
C GLU C 269 -30.58 -16.58 -21.33
N LEU C 270 -30.37 -17.72 -21.97
CA LEU C 270 -29.68 -17.76 -23.25
C LEU C 270 -30.37 -16.87 -24.29
N LEU C 271 -31.71 -16.87 -24.31
CA LEU C 271 -32.45 -16.04 -25.26
C LEU C 271 -32.24 -14.56 -24.98
N TYR C 272 -32.27 -14.18 -23.70
CA TYR C 272 -31.96 -12.81 -23.32
C TYR C 272 -30.64 -12.34 -23.94
N LEU C 273 -29.55 -13.09 -23.71
CA LEU C 273 -28.24 -12.68 -24.20
C LEU C 273 -28.19 -12.68 -25.73
N LEU C 274 -28.78 -13.71 -26.35
CA LEU C 274 -28.80 -13.77 -27.82
C LEU C 274 -29.63 -12.62 -28.38
N GLY C 275 -30.71 -12.24 -27.68
CA GLY C 275 -31.43 -11.04 -28.08
C GLY C 275 -30.56 -9.80 -28.10
N ILE C 276 -29.60 -9.73 -27.17
CA ILE C 276 -28.64 -8.62 -27.16
C ILE C 276 -27.53 -8.84 -28.17
N LEU C 277 -26.91 -10.03 -28.14
CA LEU C 277 -25.71 -10.26 -28.95
C LEU C 277 -26.00 -10.29 -30.46
N MET C 278 -27.15 -10.81 -30.88
CA MET C 278 -27.49 -10.84 -32.31
C MET C 278 -28.12 -9.54 -32.80
N ASN C 279 -28.21 -8.53 -31.94
CA ASN C 279 -28.71 -7.23 -32.39
C ASN C 279 -27.68 -6.57 -33.29
N PRO C 280 -28.01 -6.27 -34.55
CA PRO C 280 -26.96 -5.77 -35.47
C PRO C 280 -26.19 -4.61 -34.90
N ALA C 281 -26.79 -3.84 -33.99
CA ALA C 281 -26.10 -2.71 -33.37
C ALA C 281 -24.88 -3.14 -32.59
N ASN C 282 -24.84 -4.38 -32.13
CA ASN C 282 -23.74 -4.89 -31.32
C ASN C 282 -22.80 -5.79 -32.11
N LYS C 283 -22.85 -5.71 -33.44
CA LYS C 283 -22.09 -6.66 -34.23
C LYS C 283 -20.60 -6.61 -33.91
N ASP C 284 -20.08 -5.47 -33.41
CA ASP C 284 -18.66 -5.34 -33.10
C ASP C 284 -18.36 -5.49 -31.60
N GLN C 285 -19.35 -5.87 -30.79
CA GLN C 285 -19.14 -6.04 -29.36
C GLN C 285 -18.43 -7.35 -29.08
N VAL C 286 -17.54 -7.35 -28.08
CA VAL C 286 -16.78 -8.53 -27.68
C VAL C 286 -17.27 -8.97 -26.30
N LEU C 287 -18.05 -10.05 -26.23
CA LEU C 287 -18.50 -10.60 -24.95
C LEU C 287 -18.52 -12.11 -25.00
N PRO C 288 -17.41 -12.76 -24.68
CA PRO C 288 -17.37 -14.22 -24.71
C PRO C 288 -18.48 -14.83 -23.85
N LEU C 289 -19.27 -15.73 -24.46
CA LEU C 289 -20.30 -16.48 -23.76
C LEU C 289 -19.99 -17.97 -23.89
N ILE C 290 -19.90 -18.68 -22.77
CA ILE C 290 -19.67 -20.12 -22.76
C ILE C 290 -20.77 -20.80 -21.96
N LEU C 291 -21.33 -21.87 -22.50
CA LEU C 291 -22.24 -22.75 -21.77
C LEU C 291 -21.48 -24.02 -21.43
N THR C 292 -21.59 -24.48 -20.19
CA THR C 292 -20.74 -25.58 -19.76
C THR C 292 -21.37 -26.31 -18.58
N GLY C 293 -21.11 -27.60 -18.52
CA GLY C 293 -21.60 -28.43 -17.44
C GLY C 293 -20.78 -29.70 -17.41
N PRO C 294 -21.05 -30.57 -16.47
CA PRO C 294 -20.36 -31.86 -16.44
C PRO C 294 -20.84 -32.79 -17.57
N LYS C 295 -20.21 -33.96 -17.71
CA LYS C 295 -20.57 -34.84 -18.82
C LYS C 295 -22.07 -35.13 -18.86
N GLU C 296 -22.70 -35.22 -17.70
CA GLU C 296 -24.14 -35.50 -17.58
C GLU C 296 -25.03 -34.39 -18.16
N SER C 297 -24.49 -33.23 -18.52
CA SER C 297 -25.31 -32.12 -19.02
C SER C 297 -25.37 -32.07 -20.54
N ALA C 298 -24.73 -33.02 -21.23
CA ALA C 298 -24.65 -33.00 -22.68
C ALA C 298 -26.05 -32.94 -23.32
N ASP C 299 -26.92 -33.89 -23.00
CA ASP C 299 -28.26 -33.90 -23.61
C ASP C 299 -28.97 -32.58 -23.40
N TYR C 300 -28.86 -32.03 -22.19
CA TYR C 300 -29.51 -30.78 -21.84
C TYR C 300 -29.03 -29.64 -22.74
N PHE C 301 -27.70 -29.52 -22.92
CA PHE C 301 -27.19 -28.44 -23.76
C PHE C 301 -27.45 -28.72 -25.24
N ARG C 302 -27.51 -30.00 -25.64
CA ARG C 302 -27.78 -30.31 -27.05
C ARG C 302 -29.18 -29.85 -27.44
N VAL C 303 -30.20 -30.26 -26.66
CA VAL C 303 -31.56 -29.84 -26.96
C VAL C 303 -31.66 -28.32 -26.93
N LEU C 304 -31.00 -27.68 -25.97
CA LEU C 304 -30.96 -26.22 -25.94
C LEU C 304 -30.34 -25.67 -27.23
N ASP C 305 -29.21 -26.24 -27.65
CA ASP C 305 -28.58 -25.75 -28.87
C ASP C 305 -29.45 -26.03 -30.09
N GLU C 306 -30.14 -27.17 -30.10
CA GLU C 306 -30.99 -27.51 -31.23
C GLU C 306 -32.15 -26.52 -31.35
N PHE C 307 -32.74 -26.12 -30.21
CA PHE C 307 -33.81 -25.13 -30.24
C PHE C 307 -33.32 -23.78 -30.77
N VAL C 308 -32.11 -23.37 -30.37
CA VAL C 308 -31.64 -22.02 -30.71
C VAL C 308 -31.31 -21.92 -32.20
N VAL C 309 -30.55 -22.88 -32.72
CA VAL C 309 -30.13 -22.79 -34.11
C VAL C 309 -31.35 -22.84 -35.04
N HIS C 310 -32.35 -23.64 -34.69
CA HIS C 310 -33.48 -23.79 -35.58
C HIS C 310 -34.44 -22.61 -35.50
N THR C 311 -34.57 -21.97 -34.35
CA THR C 311 -35.43 -20.78 -34.30
C THR C 311 -34.71 -19.52 -34.79
N LEU C 312 -33.42 -19.34 -34.45
CA LEU C 312 -32.70 -18.11 -34.77
C LEU C 312 -31.65 -18.29 -35.86
N GLY C 313 -31.32 -19.52 -36.25
CA GLY C 313 -30.38 -19.75 -37.32
C GLY C 313 -29.00 -20.13 -36.80
N GLU C 314 -28.23 -20.83 -37.65
CA GLU C 314 -26.85 -21.14 -37.33
C GLU C 314 -26.04 -19.89 -36.98
N ASN C 315 -26.55 -18.69 -37.32
CA ASN C 315 -25.85 -17.47 -36.92
C ASN C 315 -25.78 -17.34 -35.39
N ALA C 316 -26.79 -17.83 -34.67
CA ALA C 316 -26.78 -17.74 -33.21
C ALA C 316 -25.51 -18.32 -32.61
N ARG C 317 -24.89 -19.29 -33.30
CA ARG C 317 -23.67 -19.92 -32.82
C ARG C 317 -22.44 -19.05 -32.97
N ARG C 318 -22.54 -17.94 -33.71
CA ARG C 318 -21.45 -16.96 -33.63
C ARG C 318 -21.25 -16.42 -32.22
N HIS C 319 -22.24 -16.56 -31.33
CA HIS C 319 -22.27 -15.82 -30.09
C HIS C 319 -22.17 -16.66 -28.83
N TYR C 320 -21.98 -17.96 -28.95
CA TYR C 320 -21.73 -18.76 -27.77
C TYR C 320 -20.93 -19.98 -28.17
N ARG C 321 -20.41 -20.66 -27.16
CA ARG C 321 -19.67 -21.90 -27.31
C ARG C 321 -20.09 -22.83 -26.18
N ILE C 322 -20.30 -24.09 -26.50
CA ILE C 322 -20.61 -25.12 -25.52
C ILE C 322 -19.37 -25.95 -25.28
N ILE C 323 -19.03 -26.18 -24.02
CA ILE C 323 -17.93 -27.01 -23.60
C ILE C 323 -18.46 -27.95 -22.53
N ILE C 324 -18.35 -29.26 -22.76
CA ILE C 324 -18.83 -30.25 -21.81
C ILE C 324 -17.64 -30.82 -21.05
N ASP C 325 -17.69 -30.72 -19.73
CA ASP C 325 -16.74 -31.37 -18.83
C ASP C 325 -15.29 -31.10 -19.25
N ASP C 326 -14.93 -29.81 -19.21
CA ASP C 326 -13.55 -29.39 -19.42
C ASP C 326 -13.35 -28.04 -18.72
N ALA C 327 -13.16 -28.09 -17.40
CA ALA C 327 -13.04 -26.87 -16.60
C ALA C 327 -11.86 -26.02 -17.04
N ALA C 328 -10.66 -26.60 -17.12
CA ALA C 328 -9.49 -25.84 -17.54
C ALA C 328 -9.77 -25.10 -18.84
N GLU C 329 -10.36 -25.82 -19.82
CA GLU C 329 -10.58 -25.21 -21.14
C GLU C 329 -11.59 -24.07 -21.05
N VAL C 330 -12.64 -24.22 -20.24
CA VAL C 330 -13.52 -23.09 -19.99
C VAL C 330 -12.71 -21.89 -19.50
N ALA C 331 -11.97 -22.06 -18.41
CA ALA C 331 -11.24 -20.91 -17.87
C ALA C 331 -10.19 -20.42 -18.85
N ARG C 332 -9.48 -21.35 -19.48
CA ARG C 332 -8.49 -20.97 -20.48
C ARG C 332 -9.09 -20.00 -21.52
N GLN C 333 -10.29 -20.30 -22.04
CA GLN C 333 -10.89 -19.43 -23.03
C GLN C 333 -11.22 -18.07 -22.44
N MET C 334 -11.86 -18.06 -21.27
CA MET C 334 -12.14 -16.80 -20.58
C MET C 334 -10.88 -15.96 -20.46
N LYS C 335 -9.81 -16.55 -19.87
CA LYS C 335 -8.56 -15.79 -19.71
C LYS C 335 -8.08 -15.23 -21.03
N LYS C 336 -8.06 -16.07 -22.08
CA LYS C 336 -7.60 -15.64 -23.40
C LYS C 336 -8.44 -14.52 -23.98
N SER C 337 -9.71 -14.40 -23.56
CA SER C 337 -10.57 -13.37 -24.12
C SER C 337 -10.34 -12.01 -23.47
N MET C 338 -9.85 -11.98 -22.24
CA MET C 338 -9.75 -10.74 -21.51
C MET C 338 -9.02 -9.63 -22.29
N PRO C 339 -7.90 -9.91 -22.97
CA PRO C 339 -7.25 -8.88 -23.81
C PRO C 339 -8.08 -8.42 -24.99
N LEU C 340 -8.87 -9.31 -25.59
CA LEU C 340 -9.76 -8.88 -26.67
C LEU C 340 -10.82 -7.93 -26.14
N VAL C 341 -11.34 -8.18 -24.93
CA VAL C 341 -12.32 -7.26 -24.35
C VAL C 341 -11.67 -5.92 -24.06
N LYS C 342 -10.48 -5.93 -23.45
CA LYS C 342 -9.80 -4.67 -23.19
C LYS C 342 -9.60 -3.91 -24.49
N GLU C 343 -9.08 -4.59 -25.51
CA GLU C 343 -8.93 -3.93 -26.81
C GLU C 343 -10.27 -3.42 -27.34
N ASN C 344 -11.32 -4.24 -27.23
CA ASN C 344 -12.64 -3.80 -27.69
C ASN C 344 -13.08 -2.50 -27.00
N ARG C 345 -12.80 -2.38 -25.68
CA ARG C 345 -13.16 -1.15 -24.98
C ARG C 345 -12.23 0.00 -25.36
N ARG C 346 -10.93 -0.27 -25.46
CA ARG C 346 -10.00 0.73 -25.94
C ARG C 346 -10.47 1.31 -27.27
N ASP C 347 -11.00 0.46 -28.14
CA ASP C 347 -11.33 0.89 -29.51
C ASP C 347 -12.61 1.71 -29.56
N THR C 348 -13.64 1.37 -28.80
CA THR C 348 -14.82 2.21 -28.80
C THR C 348 -14.74 3.36 -27.79
N GLY C 349 -13.61 3.53 -27.11
CA GLY C 349 -13.54 4.54 -26.07
C GLY C 349 -14.42 4.26 -24.86
N ASP C 350 -14.76 2.99 -24.64
CA ASP C 350 -15.68 2.57 -23.61
C ASP C 350 -14.96 2.36 -22.29
N ALA C 351 -15.73 2.34 -21.20
CA ALA C 351 -15.19 2.04 -19.88
C ALA C 351 -14.80 0.57 -19.77
N TYR C 352 -13.77 0.29 -18.99
CA TYR C 352 -13.43 -1.11 -18.76
C TYR C 352 -14.39 -1.76 -17.80
N SER C 353 -14.87 -1.02 -16.81
CA SER C 353 -15.66 -1.59 -15.73
C SER C 353 -17.15 -1.63 -16.07
N PHE C 354 -17.57 -0.99 -17.14
CA PHE C 354 -19.00 -0.90 -17.42
C PHE C 354 -19.16 -0.67 -18.91
N ASN C 355 -19.78 -1.62 -19.58
CA ASN C 355 -19.93 -1.58 -21.04
C ASN C 355 -21.11 -0.68 -21.41
N TRP C 356 -20.80 0.55 -21.81
CA TRP C 356 -21.84 1.48 -22.23
C TRP C 356 -22.37 1.18 -23.63
N SER C 357 -21.55 0.65 -24.54
CA SER C 357 -21.95 0.62 -25.94
C SER C 357 -22.83 -0.55 -26.30
N MET C 358 -22.94 -1.56 -25.45
CA MET C 358 -23.88 -2.63 -25.71
C MET C 358 -25.27 -2.03 -25.82
N ARG C 359 -25.95 -2.28 -26.93
CA ARG C 359 -27.33 -1.85 -27.09
C ARG C 359 -28.23 -2.91 -26.49
N ILE C 360 -29.04 -2.54 -25.50
CA ILE C 360 -30.07 -3.42 -24.95
C ILE C 360 -31.40 -2.80 -25.33
N ALA C 361 -32.17 -3.50 -26.16
CA ALA C 361 -33.43 -2.97 -26.67
C ALA C 361 -34.38 -2.69 -25.50
N PRO C 362 -35.15 -1.60 -25.57
CA PRO C 362 -36.04 -1.25 -24.43
C PRO C 362 -36.91 -2.41 -23.97
N ASP C 363 -37.54 -3.15 -24.89
CA ASP C 363 -38.40 -4.24 -24.44
C ASP C 363 -37.70 -5.18 -23.48
N LEU C 364 -36.38 -5.35 -23.64
CA LEU C 364 -35.58 -6.21 -22.77
C LEU C 364 -35.32 -5.58 -21.41
N GLN C 365 -35.55 -4.29 -21.24
CA GLN C 365 -35.46 -3.63 -19.95
C GLN C 365 -36.80 -3.58 -19.22
N MET C 366 -37.83 -4.23 -19.75
CA MET C 366 -39.16 -4.08 -19.21
C MET C 366 -39.73 -5.43 -18.82
N PRO C 367 -40.62 -5.47 -17.83
CA PRO C 367 -41.24 -6.74 -17.44
C PRO C 367 -42.25 -7.23 -18.46
N PHE C 368 -42.82 -8.40 -18.20
CA PHE C 368 -43.81 -8.98 -19.11
C PHE C 368 -44.75 -9.85 -18.31
N GLU C 369 -46.02 -9.47 -18.31
CA GLU C 369 -47.06 -10.23 -17.63
C GLU C 369 -47.70 -11.18 -18.64
N PRO C 370 -47.67 -12.49 -18.40
CA PRO C 370 -48.23 -13.44 -19.39
C PRO C 370 -49.75 -13.46 -19.39
N SER C 371 -50.36 -12.30 -19.59
CA SER C 371 -51.80 -12.23 -19.84
C SER C 371 -52.08 -12.69 -21.27
N HIS C 372 -53.20 -13.39 -21.44
CA HIS C 372 -53.56 -13.90 -22.76
C HIS C 372 -53.42 -12.83 -23.84
N GLU C 373 -53.71 -11.58 -23.50
CA GLU C 373 -53.56 -10.51 -24.48
C GLU C 373 -52.09 -10.22 -24.78
N ASN C 374 -51.23 -10.19 -23.75
CA ASN C 374 -49.80 -10.02 -24.00
C ASN C 374 -49.24 -11.21 -24.76
N MET C 375 -49.56 -12.42 -24.29
CA MET C 375 -49.15 -13.62 -24.99
C MET C 375 -49.44 -13.50 -26.49
N ALA C 376 -50.61 -13.00 -26.85
CA ALA C 376 -51.06 -13.05 -28.24
C ALA C 376 -50.51 -11.91 -29.09
N ASN C 377 -49.81 -10.94 -28.51
CA ASN C 377 -49.21 -9.86 -29.30
C ASN C 377 -47.78 -10.15 -29.75
N LEU C 378 -47.22 -11.31 -29.39
CA LEU C 378 -45.87 -11.65 -29.75
C LEU C 378 -45.83 -12.19 -31.17
N LYS C 379 -44.85 -11.75 -31.96
CA LYS C 379 -44.73 -12.14 -33.36
C LYS C 379 -43.64 -13.21 -33.50
N LEU C 380 -44.05 -14.47 -33.39
CA LEU C 380 -43.14 -15.62 -33.45
C LEU C 380 -42.99 -16.14 -34.89
N TYR C 381 -42.51 -15.28 -35.76
CA TYR C 381 -42.32 -15.68 -37.15
C TYR C 381 -40.84 -15.65 -37.52
N PRO C 382 -40.35 -16.65 -38.27
CA PRO C 382 -38.97 -16.59 -38.77
C PRO C 382 -38.73 -15.41 -39.71
N ASP C 383 -39.78 -14.62 -39.95
CA ASP C 383 -39.67 -13.39 -40.74
C ASP C 383 -39.19 -12.21 -39.90
N GLN C 384 -39.51 -12.21 -38.60
CA GLN C 384 -39.10 -11.14 -37.71
C GLN C 384 -37.57 -10.97 -37.74
N PRO C 385 -37.07 -9.76 -37.52
CA PRO C 385 -35.64 -9.61 -37.23
C PRO C 385 -35.24 -10.60 -36.15
N VAL C 386 -34.02 -11.13 -36.24
CA VAL C 386 -33.62 -12.21 -35.34
C VAL C 386 -33.55 -11.72 -33.90
N GLU C 387 -32.98 -10.52 -33.69
CA GLU C 387 -32.94 -9.94 -32.34
C GLU C 387 -34.32 -9.79 -31.75
N VAL C 388 -35.32 -9.45 -32.57
CA VAL C 388 -36.66 -9.27 -32.04
C VAL C 388 -37.34 -10.60 -31.79
N LEU C 389 -37.15 -11.57 -32.71
CA LEU C 389 -37.72 -12.89 -32.52
C LEU C 389 -37.24 -13.53 -31.22
N ALA C 390 -35.98 -13.30 -30.85
CA ALA C 390 -35.45 -13.85 -29.60
C ALA C 390 -36.10 -13.20 -28.40
N ALA C 391 -36.17 -11.86 -28.39
CA ALA C 391 -36.81 -11.17 -27.28
C ALA C 391 -38.23 -11.66 -27.09
N ASP C 392 -38.94 -11.92 -28.19
CA ASP C 392 -40.31 -12.43 -28.08
C ASP C 392 -40.34 -13.92 -27.79
N LEU C 393 -39.37 -14.67 -28.34
CA LEU C 393 -39.26 -16.09 -28.01
C LEU C 393 -39.04 -16.30 -26.51
N ARG C 394 -38.17 -15.48 -25.91
CA ARG C 394 -38.00 -15.55 -24.47
C ARG C 394 -39.29 -15.20 -23.75
N ARG C 395 -39.97 -14.15 -24.20
CA ARG C 395 -41.22 -13.75 -23.55
C ARG C 395 -42.25 -14.86 -23.63
N ALA C 396 -42.35 -15.51 -24.80
CA ALA C 396 -43.27 -16.63 -24.96
C ALA C 396 -42.87 -17.82 -24.10
N PHE C 397 -41.60 -17.87 -23.66
CA PHE C 397 -41.17 -18.95 -22.78
C PHE C 397 -41.59 -18.71 -21.34
N SER C 398 -41.46 -17.47 -20.85
CA SER C 398 -41.96 -17.17 -19.52
C SER C 398 -43.40 -17.60 -19.40
N GLY C 399 -44.20 -17.32 -20.43
CA GLY C 399 -45.63 -17.58 -20.42
C GLY C 399 -45.99 -19.03 -20.51
N ILE C 400 -45.58 -19.69 -21.60
CA ILE C 400 -45.96 -21.09 -21.79
C ILE C 400 -45.53 -21.93 -20.59
N VAL C 401 -44.33 -21.68 -20.07
CA VAL C 401 -43.86 -22.48 -18.94
C VAL C 401 -44.59 -22.11 -17.66
N ALA C 402 -44.83 -20.80 -17.43
CA ALA C 402 -45.66 -20.43 -16.28
C ALA C 402 -47.04 -21.07 -16.38
N GLY C 403 -47.62 -21.08 -17.58
CA GLY C 403 -48.91 -21.69 -17.79
C GLY C 403 -48.88 -23.21 -17.84
N ASN C 404 -47.78 -23.78 -17.34
CA ASN C 404 -47.65 -25.22 -17.15
C ASN C 404 -47.22 -25.61 -15.75
N VAL C 405 -46.67 -24.68 -14.97
CA VAL C 405 -46.08 -25.00 -13.67
C VAL C 405 -46.51 -23.96 -12.65
N LYS C 406 -46.73 -22.72 -13.10
CA LYS C 406 -47.11 -21.65 -12.20
C LYS C 406 -48.63 -21.60 -12.06
N GLU C 407 -49.10 -21.56 -10.81
CA GLU C 407 -50.53 -21.68 -10.55
C GLU C 407 -51.32 -20.56 -11.22
N VAL C 408 -50.82 -19.32 -11.12
CA VAL C 408 -51.52 -18.19 -11.74
C VAL C 408 -51.66 -18.40 -13.25
N GLY C 409 -50.68 -19.05 -13.87
CA GLY C 409 -50.72 -19.33 -15.29
C GLY C 409 -51.47 -20.61 -15.61
N ILE C 410 -51.41 -21.58 -14.69
CA ILE C 410 -52.22 -22.79 -14.86
C ILE C 410 -53.70 -22.45 -14.76
N ARG C 411 -54.06 -21.66 -13.73
CA ARG C 411 -55.46 -21.24 -13.58
C ARG C 411 -55.90 -20.33 -14.71
N ALA C 412 -54.96 -19.62 -15.33
CA ALA C 412 -55.32 -18.75 -16.46
C ALA C 412 -55.65 -19.56 -17.70
N ILE C 413 -54.95 -20.69 -17.91
CA ILE C 413 -55.27 -21.53 -19.07
C ILE C 413 -56.56 -22.31 -18.82
N GLU C 414 -56.82 -22.69 -17.56
CA GLU C 414 -58.04 -23.44 -17.23
C GLU C 414 -59.26 -22.55 -17.06
N GLU C 415 -59.08 -21.27 -16.77
CA GLU C 415 -60.18 -20.35 -16.52
C GLU C 415 -60.30 -19.25 -17.58
N PHE C 416 -59.51 -19.32 -18.65
CA PHE C 416 -59.59 -18.31 -19.70
C PHE C 416 -59.23 -18.83 -21.08
N GLY C 417 -58.89 -20.12 -21.24
CA GLY C 417 -58.52 -20.66 -22.53
C GLY C 417 -57.03 -20.87 -22.68
N PRO C 418 -56.61 -21.52 -23.76
CA PRO C 418 -55.18 -21.63 -24.05
C PRO C 418 -54.63 -20.28 -24.49
N TYR C 419 -53.31 -20.11 -24.31
CA TYR C 419 -52.72 -18.81 -24.57
C TYR C 419 -52.87 -18.37 -26.01
N LYS C 420 -53.27 -19.26 -26.92
CA LYS C 420 -53.62 -18.86 -28.29
C LYS C 420 -52.62 -17.88 -28.87
N ILE C 421 -51.46 -18.38 -29.31
CA ILE C 421 -50.39 -17.56 -29.83
C ILE C 421 -50.54 -17.42 -31.34
N ASN C 422 -49.81 -16.49 -31.94
CA ASN C 422 -49.83 -16.30 -33.40
C ASN C 422 -48.40 -16.44 -33.89
N GLY C 423 -47.97 -17.69 -34.09
CA GLY C 423 -46.62 -17.94 -34.53
C GLY C 423 -46.58 -19.03 -35.61
N ASP C 424 -45.51 -18.96 -36.40
CA ASP C 424 -45.20 -20.01 -37.37
C ASP C 424 -45.33 -21.39 -36.72
N LYS C 425 -45.75 -22.38 -37.52
CA LYS C 425 -45.91 -23.73 -37.00
C LYS C 425 -44.56 -24.30 -36.57
N GLU C 426 -43.55 -24.19 -37.44
CA GLU C 426 -42.24 -24.75 -37.14
C GLU C 426 -41.61 -24.09 -35.92
N ILE C 427 -41.72 -22.76 -35.81
CA ILE C 427 -41.24 -22.08 -34.62
C ILE C 427 -41.84 -22.70 -33.37
N MET C 428 -43.17 -22.80 -33.34
CA MET C 428 -43.86 -23.37 -32.18
C MET C 428 -43.43 -24.81 -31.93
N ARG C 429 -43.28 -25.59 -33.01
CA ARG C 429 -42.95 -27.01 -32.89
C ARG C 429 -41.62 -27.22 -32.19
N ARG C 430 -40.61 -26.42 -32.54
CA ARG C 430 -39.33 -26.45 -31.84
C ARG C 430 -39.51 -26.19 -30.35
N MET C 431 -40.43 -25.29 -30.01
CA MET C 431 -40.69 -25.00 -28.61
C MET C 431 -41.16 -26.25 -27.87
N ASP C 432 -42.11 -26.99 -28.44
CA ASP C 432 -42.54 -28.23 -27.78
C ASP C 432 -41.39 -29.23 -27.70
N ASP C 433 -40.57 -29.32 -28.76
CA ASP C 433 -39.41 -30.19 -28.75
C ASP C 433 -38.53 -29.91 -27.53
N LEU C 434 -38.21 -28.63 -27.32
CA LEU C 434 -37.41 -28.24 -26.17
C LEU C 434 -38.08 -28.63 -24.87
N LEU C 435 -39.31 -28.15 -24.65
CA LEU C 435 -40.02 -28.45 -23.41
C LEU C 435 -40.19 -29.95 -23.22
N GLN C 436 -40.60 -30.66 -24.29
CA GLN C 436 -40.66 -32.12 -24.23
C GLN C 436 -39.31 -32.71 -23.88
N GLY C 437 -38.23 -32.15 -24.45
CA GLY C 437 -36.89 -32.62 -24.11
C GLY C 437 -36.54 -32.41 -22.65
N PHE C 438 -36.77 -31.20 -22.13
CA PHE C 438 -36.50 -30.94 -20.72
C PHE C 438 -37.37 -31.82 -19.82
N VAL C 439 -38.66 -31.96 -20.18
CA VAL C 439 -39.55 -32.83 -19.43
C VAL C 439 -39.06 -34.27 -19.46
N ALA C 440 -38.67 -34.74 -20.64
CA ALA C 440 -38.20 -36.13 -20.75
C ALA C 440 -36.87 -36.35 -20.04
N GLN C 441 -35.97 -35.36 -20.09
CA GLN C 441 -34.68 -35.48 -19.41
C GLN C 441 -34.79 -35.32 -17.90
N HIS C 442 -35.97 -35.05 -17.37
CA HIS C 442 -36.20 -34.74 -15.96
C HIS C 442 -35.58 -33.40 -15.56
N ARG C 443 -35.18 -32.58 -16.52
CA ARG C 443 -34.66 -31.26 -16.20
C ARG C 443 -35.79 -30.33 -15.75
N MET C 444 -36.94 -30.42 -16.42
CA MET C 444 -38.13 -29.66 -16.07
C MET C 444 -39.22 -30.64 -15.67
N LYS C 445 -39.62 -30.56 -14.40
CA LYS C 445 -40.56 -31.51 -13.79
C LYS C 445 -41.94 -30.86 -13.69
N LEU C 446 -42.95 -31.51 -14.29
CA LEU C 446 -44.33 -30.98 -14.30
C LEU C 446 -45.22 -31.55 -13.18
N TYR C 451 -47.02 -32.71 -20.12
CA TYR C 451 -46.78 -31.42 -20.74
C TYR C 451 -47.94 -30.97 -21.63
N ILE C 452 -48.57 -29.86 -21.26
CA ILE C 452 -49.78 -29.32 -21.91
C ILE C 452 -49.44 -28.09 -22.75
N PRO C 453 -49.28 -28.23 -24.09
CA PRO C 453 -49.08 -27.02 -24.92
C PRO C 453 -50.23 -26.05 -24.81
N CYS C 454 -50.00 -24.85 -24.27
CA CYS C 454 -51.08 -23.90 -24.01
C CYS C 454 -51.33 -22.94 -25.17
N TYR C 455 -51.05 -23.33 -26.42
CA TYR C 455 -51.21 -22.39 -27.51
C TYR C 455 -52.28 -22.84 -28.49
N GLU C 456 -52.30 -22.25 -29.69
CA GLU C 456 -53.35 -22.48 -30.68
C GLU C 456 -52.88 -22.23 -32.10
N ILE C 457 -51.98 -21.27 -32.26
CA ILE C 457 -51.47 -20.88 -33.57
C ILE C 457 -52.60 -20.37 -34.46
N PRO D 2 -8.18 24.90 -40.31
CA PRO D 2 -7.73 24.79 -38.91
C PRO D 2 -6.32 25.26 -38.72
N ALA D 3 -6.17 26.39 -38.02
CA ALA D 3 -4.86 26.99 -37.80
C ALA D 3 -3.96 26.09 -36.96
N LEU D 4 -2.66 26.27 -37.13
CA LEU D 4 -1.68 25.56 -36.32
C LEU D 4 -1.81 25.96 -34.85
N ARG D 5 -2.00 24.97 -33.97
CA ARG D 5 -2.21 25.25 -32.56
C ARG D 5 -1.66 24.11 -31.72
N ALA D 6 -1.32 24.41 -30.47
CA ALA D 6 -0.81 23.40 -29.56
C ALA D 6 -1.98 22.69 -28.87
N ILE D 7 -2.03 21.37 -29.00
CA ILE D 7 -3.21 20.59 -28.60
C ILE D 7 -2.77 19.42 -27.73
N THR D 8 -3.64 19.08 -26.77
CA THR D 8 -3.44 17.90 -25.95
C THR D 8 -4.77 17.46 -25.38
N HIS D 9 -4.88 16.17 -25.11
CA HIS D 9 -6.02 15.63 -24.40
C HIS D 9 -5.56 15.13 -23.05
N ILE D 10 -6.25 15.55 -21.99
CA ILE D 10 -5.93 15.17 -20.62
C ILE D 10 -7.05 14.27 -20.10
N SER D 11 -6.66 13.16 -19.49
CA SER D 11 -7.66 12.30 -18.86
C SER D 11 -7.89 12.71 -17.42
N PRO D 12 -9.05 12.38 -16.86
CA PRO D 12 -9.39 12.81 -15.51
C PRO D 12 -8.40 12.27 -14.50
N LEU D 13 -8.08 13.08 -13.50
CA LEU D 13 -7.16 12.70 -12.42
C LEU D 13 -7.72 13.23 -11.11
N GLY D 14 -7.93 12.35 -10.14
CA GLY D 14 -8.38 12.77 -8.83
C GLY D 14 -9.86 13.06 -8.70
N SER D 15 -10.58 13.13 -9.80
CA SER D 15 -12.01 13.41 -9.76
C SER D 15 -12.53 13.41 -11.18
N MET D 16 -13.85 13.25 -11.32
CA MET D 16 -14.53 13.20 -12.60
C MET D 16 -14.09 11.99 -13.41
N ASP D 17 -13.72 10.90 -12.73
CA ASP D 17 -13.20 9.71 -13.37
C ASP D 17 -14.23 8.59 -13.48
N MET D 18 -15.43 8.77 -12.92
CA MET D 18 -16.49 7.76 -13.01
C MET D 18 -17.78 8.55 -13.19
N LEU D 19 -18.00 9.03 -14.41
CA LEU D 19 -19.18 9.80 -14.76
C LEU D 19 -20.18 8.95 -15.52
N SER D 20 -21.45 9.25 -15.31
CA SER D 20 -22.51 8.73 -16.15
C SER D 20 -22.55 9.48 -17.47
N GLN D 21 -23.17 8.85 -18.47
CA GLN D 21 -23.28 9.49 -19.78
C GLN D 21 -24.20 10.69 -19.74
N LEU D 22 -25.27 10.63 -18.94
CA LEU D 22 -26.11 11.81 -18.72
C LEU D 22 -25.32 12.93 -18.05
N GLU D 23 -24.45 12.59 -17.09
CA GLU D 23 -23.59 13.59 -16.48
C GLU D 23 -22.66 14.23 -17.50
N VAL D 24 -22.01 13.39 -18.33
CA VAL D 24 -21.10 13.92 -19.33
C VAL D 24 -21.85 14.83 -20.30
N ASP D 25 -23.07 14.45 -20.69
CA ASP D 25 -23.88 15.29 -21.57
C ASP D 25 -24.09 16.66 -20.95
N MET D 26 -24.48 16.70 -19.67
CA MET D 26 -24.61 17.97 -18.96
C MET D 26 -23.32 18.78 -19.00
N LEU D 27 -22.18 18.14 -18.70
CA LEU D 27 -20.90 18.85 -18.72
C LEU D 27 -20.70 19.57 -20.05
N LYS D 28 -20.85 18.84 -21.16
CA LYS D 28 -20.68 19.45 -22.48
C LYS D 28 -21.65 20.63 -22.67
N ARG D 29 -22.90 20.49 -22.22
CA ARG D 29 -23.85 21.59 -22.39
C ARG D 29 -23.41 22.81 -21.58
N THR D 30 -23.14 22.62 -20.30
CA THR D 30 -22.63 23.71 -19.48
C THR D 30 -21.39 24.33 -20.07
N ALA D 31 -20.48 23.51 -20.59
CA ALA D 31 -19.21 24.04 -21.05
C ALA D 31 -19.37 24.92 -22.27
N SER D 32 -20.43 24.74 -23.03
CA SER D 32 -20.64 25.63 -24.16
C SER D 32 -21.61 26.78 -23.85
N SER D 33 -22.26 26.75 -22.69
CA SER D 33 -23.08 27.86 -22.22
C SER D 33 -22.27 29.12 -22.01
N ASP D 34 -22.90 30.15 -21.43
CA ASP D 34 -22.19 31.41 -21.19
C ASP D 34 -21.26 31.32 -19.99
N LEU D 35 -21.32 30.23 -19.22
CA LEU D 35 -20.32 29.93 -18.21
C LEU D 35 -18.94 29.70 -18.81
N TYR D 36 -18.82 29.61 -20.15
CA TYR D 36 -17.56 29.20 -20.75
C TYR D 36 -16.42 30.12 -20.36
N GLN D 37 -16.64 31.44 -20.36
CA GLN D 37 -15.56 32.36 -20.01
C GLN D 37 -15.04 32.07 -18.60
N LEU D 38 -15.95 31.94 -17.63
CA LEU D 38 -15.55 31.64 -16.27
C LEU D 38 -14.76 30.35 -16.21
N PHE D 39 -15.33 29.27 -16.76
CA PHE D 39 -14.63 28.00 -16.87
C PHE D 39 -13.27 28.16 -17.54
N ARG D 40 -13.20 28.96 -18.60
CA ARG D 40 -11.94 29.04 -19.32
C ARG D 40 -10.91 29.82 -18.52
N ASN D 41 -11.35 30.87 -17.84
CA ASN D 41 -10.41 31.68 -17.06
C ASN D 41 -9.89 30.90 -15.86
N CYS D 42 -10.76 30.17 -15.17
CA CYS D 42 -10.31 29.35 -14.04
C CYS D 42 -9.36 28.25 -14.50
N SER D 43 -9.65 27.60 -15.64
CA SER D 43 -8.73 26.60 -16.16
C SER D 43 -7.39 27.21 -16.49
N LEU D 44 -7.37 28.44 -17.01
CA LEU D 44 -6.10 29.05 -17.34
C LEU D 44 -5.33 29.39 -16.07
N ALA D 45 -6.03 29.90 -15.05
CA ALA D 45 -5.36 30.23 -13.80
C ALA D 45 -4.68 29.00 -13.24
N VAL D 46 -5.42 27.89 -13.18
CA VAL D 46 -4.85 26.64 -12.71
C VAL D 46 -3.58 26.30 -13.49
N LEU D 47 -3.60 26.49 -14.81
CA LEU D 47 -2.45 26.08 -15.62
C LEU D 47 -1.27 27.03 -15.46
N ASN D 48 -1.49 28.19 -14.84
CA ASN D 48 -0.44 29.13 -14.51
C ASN D 48 0.04 29.03 -13.06
N SER D 49 -0.45 28.06 -12.31
CA SER D 49 0.03 27.86 -10.95
C SER D 49 1.55 27.78 -10.93
N GLY D 50 2.19 28.57 -10.08
CA GLY D 50 3.62 28.43 -9.92
C GLY D 50 4.47 29.48 -10.62
N SER D 51 4.09 29.91 -11.82
CA SER D 51 4.79 31.02 -12.49
C SER D 51 4.95 32.19 -11.53
N LEU D 52 5.94 33.07 -11.77
CA LEU D 52 6.29 34.08 -10.80
C LEU D 52 5.83 35.49 -11.15
N THR D 53 5.20 35.71 -12.31
CA THR D 53 4.75 37.04 -12.69
C THR D 53 3.48 37.43 -11.91
N ASP D 54 3.15 38.72 -11.94
CA ASP D 54 1.93 39.20 -11.31
C ASP D 54 0.71 38.88 -12.17
N ASN D 55 -0.39 38.50 -11.50
CA ASN D 55 -1.55 37.94 -12.19
C ASN D 55 -2.28 38.98 -13.02
N SER D 56 -3.39 38.56 -13.61
CA SER D 56 -4.19 39.39 -14.51
C SER D 56 -3.36 39.85 -15.71
N LYS D 57 -2.27 40.57 -15.46
CA LYS D 57 -1.38 40.94 -16.56
C LYS D 57 -0.66 39.73 -17.13
N GLU D 58 -0.49 38.67 -16.34
CA GLU D 58 0.09 37.44 -16.85
C GLU D 58 -0.97 36.48 -17.40
N LEU D 59 -2.21 36.56 -16.91
CA LEU D 59 -3.25 35.64 -17.36
C LEU D 59 -3.75 36.05 -18.74
N LEU D 60 -5.08 36.20 -18.89
CA LEU D 60 -5.73 36.34 -20.20
C LEU D 60 -4.86 37.07 -21.21
N SER D 61 -4.06 38.03 -20.73
CA SER D 61 -3.25 38.87 -21.61
C SER D 61 -2.34 38.03 -22.50
N ARG D 62 -1.46 37.23 -21.89
CA ARG D 62 -0.48 36.50 -22.68
C ARG D 62 -1.05 35.25 -23.35
N PHE D 63 -2.20 34.76 -22.89
CA PHE D 63 -2.77 33.54 -23.45
C PHE D 63 -4.14 33.82 -24.06
N GLU D 64 -4.21 34.79 -24.97
CA GLU D 64 -5.47 35.06 -25.64
C GLU D 64 -5.88 33.89 -26.52
N ASN D 65 -4.93 33.13 -27.05
CA ASN D 65 -5.23 32.01 -27.92
C ASN D 65 -5.53 30.72 -27.17
N PHE D 66 -5.58 30.77 -25.82
CA PHE D 66 -5.95 29.59 -25.04
C PHE D 66 -7.44 29.31 -25.17
N ASP D 67 -7.79 28.04 -25.31
CA ASP D 67 -9.18 27.63 -25.21
C ASP D 67 -9.23 26.22 -24.64
N ILE D 68 -10.41 25.83 -24.16
CA ILE D 68 -10.54 24.50 -23.57
C ILE D 68 -11.90 23.95 -23.95
N ASN D 69 -11.92 22.69 -24.40
CA ASN D 69 -13.13 21.99 -24.76
C ASN D 69 -13.29 20.77 -23.88
N VAL D 70 -14.53 20.49 -23.52
CA VAL D 70 -14.88 19.23 -22.88
C VAL D 70 -15.13 18.20 -23.98
N LEU D 71 -14.43 17.08 -23.91
CA LEU D 71 -14.59 16.01 -24.88
C LEU D 71 -15.42 14.88 -24.28
N ARG D 72 -16.29 14.31 -25.10
CA ARG D 72 -17.09 13.18 -24.70
C ARG D 72 -16.47 11.90 -25.24
N ARG D 73 -16.48 10.86 -24.41
CA ARG D 73 -16.15 9.50 -24.79
C ARG D 73 -17.20 8.60 -24.16
N GLU D 74 -17.35 7.40 -24.68
CA GLU D 74 -18.29 6.47 -24.08
C GLU D 74 -18.02 6.35 -22.59
N ARG D 75 -16.75 6.27 -22.21
CA ARG D 75 -16.36 5.99 -20.81
C ARG D 75 -16.54 7.19 -19.89
N GLY D 76 -16.52 8.40 -20.44
CA GLY D 76 -16.52 9.57 -19.59
C GLY D 76 -16.07 10.81 -20.33
N VAL D 77 -15.24 11.62 -19.68
CA VAL D 77 -14.88 12.96 -20.13
C VAL D 77 -13.38 13.01 -20.32
N LYS D 78 -12.95 13.84 -21.27
CA LYS D 78 -11.57 14.26 -21.41
C LYS D 78 -11.56 15.76 -21.65
N LEU D 79 -10.45 16.39 -21.31
CA LEU D 79 -10.30 17.83 -21.52
C LEU D 79 -9.32 18.04 -22.66
N GLU D 80 -9.69 18.91 -23.59
CA GLU D 80 -8.83 19.29 -24.70
C GLU D 80 -8.32 20.70 -24.43
N LEU D 81 -7.01 20.85 -24.35
CA LEU D 81 -6.38 22.15 -24.16
C LEU D 81 -5.79 22.61 -25.49
N ILE D 82 -6.16 23.82 -25.90
CA ILE D 82 -5.64 24.50 -27.08
C ILE D 82 -4.74 25.63 -26.62
N ASN D 83 -3.48 25.57 -27.01
CA ASN D 83 -2.49 26.58 -26.65
C ASN D 83 -2.40 26.81 -25.13
N PRO D 84 -2.26 25.72 -24.34
CA PRO D 84 -2.10 25.94 -22.88
C PRO D 84 -0.74 26.54 -22.55
N PRO D 85 -0.56 27.13 -21.38
CA PRO D 85 0.77 27.63 -20.99
C PRO D 85 1.82 26.53 -21.00
N GLU D 86 2.96 26.81 -21.64
CA GLU D 86 3.95 25.77 -21.88
C GLU D 86 4.53 25.20 -20.59
N GLU D 87 4.78 26.04 -19.59
CA GLU D 87 5.37 25.56 -18.34
C GLU D 87 4.45 24.63 -17.56
N ALA D 88 3.19 24.44 -17.97
CA ALA D 88 2.35 23.42 -17.35
C ALA D 88 2.70 22.01 -17.83
N PHE D 89 3.68 21.86 -18.72
CA PHE D 89 3.95 20.57 -19.32
C PHE D 89 5.40 20.20 -19.19
N VAL D 90 5.64 18.91 -18.95
CA VAL D 90 6.97 18.35 -18.91
C VAL D 90 7.08 17.36 -20.05
N ASP D 91 7.99 17.64 -20.98
CA ASP D 91 8.16 16.85 -22.19
C ASP D 91 6.79 16.45 -22.76
N GLY D 92 5.91 17.43 -22.87
CA GLY D 92 4.64 17.23 -23.53
C GLY D 92 3.53 16.73 -22.64
N ARG D 93 3.84 16.39 -21.38
CA ARG D 93 2.85 15.78 -20.50
C ARG D 93 2.55 16.71 -19.35
N ILE D 94 1.27 16.82 -19.03
CA ILE D 94 0.84 17.83 -18.07
C ILE D 94 1.33 17.43 -16.69
N ILE D 95 1.79 18.43 -15.94
CA ILE D 95 2.22 18.19 -14.57
C ILE D 95 1.03 17.75 -13.73
N ARG D 96 1.23 16.70 -12.93
CA ARG D 96 0.11 16.00 -12.31
C ARG D 96 -0.69 16.90 -11.37
N ALA D 97 -0.02 17.76 -10.61
CA ALA D 97 -0.79 18.62 -9.70
C ALA D 97 -1.68 19.58 -10.49
N LEU D 98 -1.16 20.15 -11.60
CA LEU D 98 -2.01 20.95 -12.47
C LEU D 98 -3.18 20.14 -12.99
N GLN D 99 -2.92 18.87 -13.33
CA GLN D 99 -3.97 18.01 -13.88
C GLN D 99 -5.08 17.79 -12.87
N ALA D 100 -4.72 17.50 -11.62
CA ALA D 100 -5.74 17.34 -10.59
C ALA D 100 -6.53 18.65 -10.41
N ASN D 101 -5.83 19.80 -10.44
CA ASN D 101 -6.51 21.08 -10.23
C ASN D 101 -7.46 21.38 -11.39
N LEU D 102 -7.06 21.03 -12.62
CA LEU D 102 -7.91 21.21 -13.79
C LEU D 102 -9.24 20.48 -13.63
N PHE D 103 -9.20 19.25 -13.12
CA PHE D 103 -10.44 18.51 -12.98
C PHE D 103 -11.21 18.91 -11.72
N ALA D 104 -10.54 19.48 -10.71
CA ALA D 104 -11.30 20.11 -9.64
C ALA D 104 -12.05 21.33 -10.19
N VAL D 105 -11.43 22.07 -11.11
CA VAL D 105 -12.12 23.19 -11.73
C VAL D 105 -13.36 22.71 -12.49
N LEU D 106 -13.22 21.65 -13.29
CA LEU D 106 -14.35 21.08 -14.00
C LEU D 106 -15.43 20.61 -13.04
N ARG D 107 -15.02 19.92 -11.97
CA ARG D 107 -15.95 19.45 -10.94
C ARG D 107 -16.75 20.60 -10.33
N ASP D 108 -16.06 21.66 -9.92
CA ASP D 108 -16.70 22.68 -9.09
C ASP D 108 -17.31 23.84 -9.89
N ILE D 109 -16.69 24.25 -11.00
CA ILE D 109 -17.27 25.27 -11.87
C ILE D 109 -18.44 24.70 -12.66
N LEU D 110 -18.20 23.68 -13.48
CA LEU D 110 -19.16 23.16 -14.45
C LEU D 110 -20.11 22.12 -13.88
N PHE D 111 -19.58 21.09 -13.20
CA PHE D 111 -20.45 20.05 -12.67
C PHE D 111 -21.28 20.56 -11.50
N VAL D 112 -20.68 21.39 -10.62
CA VAL D 112 -21.44 21.80 -9.45
C VAL D 112 -22.50 22.85 -9.80
N TYR D 113 -22.20 23.77 -10.73
CA TYR D 113 -23.25 24.66 -11.25
C TYR D 113 -24.28 23.90 -12.09
N GLY D 114 -23.85 23.01 -12.97
CA GLY D 114 -24.75 22.27 -13.85
C GLY D 114 -25.88 21.59 -13.10
N GLN D 115 -25.77 21.50 -11.78
CA GLN D 115 -26.83 20.95 -10.95
C GLN D 115 -27.40 21.99 -9.96
N ILE D 116 -27.09 23.27 -10.14
CA ILE D 116 -27.37 24.31 -9.15
C ILE D 116 -28.11 25.49 -9.81
N ASN D 126 -33.76 25.05 -2.76
CA ASN D 126 -33.85 26.43 -2.32
C ASN D 126 -32.56 26.88 -1.62
N LEU D 127 -31.74 27.63 -2.33
CA LEU D 127 -30.49 28.08 -1.75
C LEU D 127 -30.65 29.33 -0.91
N ASP D 128 -31.87 29.61 -0.45
CA ASP D 128 -32.13 30.67 0.52
C ASP D 128 -32.31 30.12 1.92
N ASN D 129 -32.45 28.81 2.06
CA ASN D 129 -32.74 28.18 3.33
C ASN D 129 -31.44 27.69 3.96
N SER D 130 -31.20 28.11 5.21
CA SER D 130 -29.92 27.84 5.85
C SER D 130 -29.60 26.35 5.89
N VAL D 131 -30.62 25.50 6.00
CA VAL D 131 -30.42 24.06 6.00
C VAL D 131 -29.90 23.59 4.64
N HIS D 132 -30.43 24.18 3.57
CA HIS D 132 -29.99 23.77 2.23
C HIS D 132 -28.62 24.34 1.90
N ILE D 133 -28.27 25.49 2.44
CA ILE D 133 -26.93 26.02 2.18
C ILE D 133 -25.88 25.10 2.81
N THR D 134 -26.10 24.71 4.06
CA THR D 134 -25.15 23.84 4.75
C THR D 134 -25.11 22.46 4.09
N ASN D 135 -26.27 21.90 3.74
CA ASN D 135 -26.28 20.65 3.01
C ASN D 135 -25.47 20.76 1.72
N LEU D 136 -25.61 21.89 1.01
CA LEU D 136 -24.86 22.08 -0.23
C LEU D 136 -23.37 22.15 0.05
N VAL D 137 -22.96 22.89 1.08
CA VAL D 137 -21.54 22.98 1.41
C VAL D 137 -20.99 21.59 1.76
N PHE D 138 -21.72 20.83 2.60
CA PHE D 138 -21.31 19.46 2.86
C PHE D 138 -21.16 18.67 1.56
N SER D 139 -22.18 18.72 0.70
CA SER D 139 -22.20 17.86 -0.48
C SER D 139 -21.03 18.17 -1.40
N ILE D 140 -20.69 19.44 -1.53
CA ILE D 140 -19.54 19.81 -2.34
C ILE D 140 -18.27 19.25 -1.72
N LEU D 141 -18.07 19.47 -0.43
CA LEU D 141 -16.89 18.92 0.24
C LEU D 141 -16.81 17.41 0.03
N ARG D 142 -17.89 16.68 0.32
CA ARG D 142 -17.88 15.23 0.13
C ARG D 142 -17.60 14.87 -1.32
N ASN D 143 -18.23 15.60 -2.25
CA ASN D 143 -17.99 15.32 -3.65
C ASN D 143 -16.51 15.42 -3.98
N ALA D 144 -15.81 16.35 -3.33
CA ALA D 144 -14.39 16.58 -3.58
C ALA D 144 -13.51 15.62 -2.80
N ARG D 145 -14.12 14.65 -2.13
CA ARG D 145 -13.38 13.66 -1.36
C ARG D 145 -12.55 14.33 -0.30
N ALA D 146 -13.13 15.37 0.31
CA ALA D 146 -12.40 16.15 1.27
C ALA D 146 -12.75 15.80 2.71
N LEU D 147 -13.76 14.99 2.94
CA LEU D 147 -14.19 14.63 4.28
C LEU D 147 -13.80 13.18 4.50
N HIS D 148 -12.75 12.95 5.29
CA HIS D 148 -12.26 11.60 5.45
C HIS D 148 -13.00 10.90 6.61
N VAL D 149 -13.49 9.70 6.33
CA VAL D 149 -14.16 8.89 7.34
C VAL D 149 -13.11 8.29 8.25
N GLY D 150 -13.14 8.64 9.53
CA GLY D 150 -12.24 8.08 10.50
C GLY D 150 -11.07 8.98 10.90
N GLU D 151 -10.56 9.80 9.99
CA GLU D 151 -9.38 10.61 10.33
C GLU D 151 -9.61 11.37 11.63
N ALA D 152 -8.68 11.20 12.57
CA ALA D 152 -8.67 12.01 13.77
C ALA D 152 -8.35 13.47 13.44
N PRO D 153 -8.88 14.41 14.23
CA PRO D 153 -8.74 15.83 13.89
C PRO D 153 -7.28 16.23 13.74
N ASN D 154 -6.99 16.91 12.64
CA ASN D 154 -5.66 17.51 12.46
C ASN D 154 -5.64 18.60 11.38
N MET D 155 -6.79 19.17 11.02
CA MET D 155 -6.85 20.17 9.96
C MET D 155 -6.76 21.58 10.55
N VAL D 156 -5.76 22.34 10.13
CA VAL D 156 -5.59 23.72 10.57
C VAL D 156 -5.84 24.68 9.40
N VAL D 157 -6.79 25.59 9.56
CA VAL D 157 -7.08 26.64 8.59
C VAL D 157 -6.22 27.86 8.90
N CYS D 158 -5.50 28.35 7.89
CA CYS D 158 -4.65 29.54 8.02
C CYS D 158 -5.18 30.62 7.10
N TRP D 159 -5.46 31.79 7.68
CA TRP D 159 -5.90 32.97 6.95
C TRP D 159 -4.83 34.04 7.02
N GLY D 160 -4.73 34.87 5.97
CA GLY D 160 -3.70 35.89 5.94
C GLY D 160 -3.61 36.56 4.59
N GLY D 161 -2.82 37.64 4.57
CA GLY D 161 -2.79 38.51 3.41
C GLY D 161 -2.19 37.84 2.18
N HIS D 162 -2.74 38.19 1.02
CA HIS D 162 -2.14 37.77 -0.24
C HIS D 162 -0.89 38.58 -0.54
N SER D 163 -0.80 39.83 -0.04
CA SER D 163 0.35 40.71 -0.23
C SER D 163 1.05 40.94 1.10
N ILE D 164 2.19 40.27 1.32
CA ILE D 164 2.93 40.39 2.56
C ILE D 164 4.41 40.52 2.24
N ASN D 165 5.17 41.08 3.19
CA ASN D 165 6.60 41.26 3.03
C ASN D 165 7.36 39.98 3.38
N GLU D 166 8.66 39.99 3.12
CA GLU D 166 9.47 38.80 3.31
C GLU D 166 9.51 38.39 4.78
N ASN D 167 9.59 39.36 5.67
CA ASN D 167 9.48 39.11 7.11
C ASN D 167 8.23 38.33 7.45
N GLU D 168 7.09 38.78 6.92
CA GLU D 168 5.84 38.09 7.22
C GLU D 168 5.80 36.73 6.51
N TYR D 169 6.35 36.65 5.30
CA TYR D 169 6.34 35.37 4.59
C TYR D 169 7.15 34.33 5.33
N LEU D 170 8.37 34.69 5.75
CA LEU D 170 9.22 33.73 6.45
C LEU D 170 8.62 33.30 7.78
N TYR D 171 7.98 34.23 8.50
CA TYR D 171 7.37 33.85 9.76
C TYR D 171 6.28 32.82 9.54
N ALA D 172 5.42 33.05 8.53
CA ALA D 172 4.31 32.13 8.31
C ALA D 172 4.81 30.78 7.83
N ARG D 173 5.89 30.76 7.05
CA ARG D 173 6.55 29.51 6.74
C ARG D 173 6.98 28.78 8.00
N ARG D 174 7.57 29.50 8.97
CA ARG D 174 8.03 28.86 10.20
C ARG D 174 6.87 28.26 10.96
N VAL D 175 5.81 29.03 11.16
CA VAL D 175 4.61 28.44 11.75
C VAL D 175 4.22 27.19 10.97
N GLY D 176 4.17 27.29 9.63
CA GLY D 176 3.86 26.12 8.81
C GLY D 176 4.75 24.92 9.09
N ASN D 177 6.08 25.14 9.10
CA ASN D 177 6.97 24.03 9.42
C ASN D 177 6.69 23.46 10.81
N GLN D 178 6.49 24.33 11.80
CA GLN D 178 6.20 23.85 13.15
C GLN D 178 4.91 23.04 13.19
N LEU D 179 3.96 23.40 12.31
CA LEU D 179 2.70 22.67 12.20
C LEU D 179 2.89 21.32 11.50
N GLY D 180 3.72 21.27 10.45
CA GLY D 180 3.99 20.00 9.81
C GLY D 180 4.86 19.08 10.63
N LEU D 181 5.78 19.64 11.43
CA LEU D 181 6.53 18.80 12.34
C LEU D 181 5.62 18.13 13.35
N ARG D 182 4.42 18.67 13.57
CA ARG D 182 3.47 18.04 14.47
C ARG D 182 2.40 17.24 13.71
N GLU D 183 2.68 16.89 12.45
CA GLU D 183 1.74 16.18 11.57
C GLU D 183 0.33 16.79 11.60
N LEU D 184 0.27 18.09 11.42
CA LEU D 184 -1.00 18.78 11.17
C LEU D 184 -1.11 19.11 9.67
N ASN D 185 -2.33 19.20 9.18
CA ASN D 185 -2.57 19.54 7.79
C ASN D 185 -3.03 21.00 7.68
N ILE D 186 -2.93 21.57 6.47
CA ILE D 186 -3.17 22.99 6.24
C ILE D 186 -4.29 23.18 5.23
N CYS D 187 -5.20 24.11 5.53
CA CYS D 187 -6.22 24.59 4.60
C CYS D 187 -6.10 26.10 4.53
N THR D 188 -5.99 26.66 3.32
CA THR D 188 -5.89 28.09 3.13
C THR D 188 -6.80 28.52 2.00
N GLY D 189 -6.83 29.83 1.76
CA GLY D 189 -7.54 30.39 0.64
C GLY D 189 -6.94 30.11 -0.72
N CYS D 190 -5.80 29.40 -0.73
CA CYS D 190 -5.15 28.78 -1.87
C CYS D 190 -4.37 29.79 -2.71
N GLY D 191 -4.35 31.07 -2.33
CA GLY D 191 -3.63 32.08 -3.08
C GLY D 191 -2.17 32.22 -2.69
N PRO D 192 -1.55 33.37 -3.03
CA PRO D 192 -0.13 33.57 -2.69
C PRO D 192 0.06 34.11 -1.28
N GLY D 193 1.30 34.47 -0.95
CA GLY D 193 1.53 35.14 0.33
C GLY D 193 1.24 34.24 1.51
N ALA D 194 0.55 34.80 2.50
CA ALA D 194 0.26 34.01 3.69
C ALA D 194 -0.60 32.79 3.39
N MET D 195 -1.23 32.69 2.21
CA MET D 195 -1.96 31.48 1.87
C MET D 195 -1.09 30.38 1.30
N GLU D 196 0.16 30.69 1.00
CA GLU D 196 1.13 29.76 0.47
C GLU D 196 2.24 29.43 1.47
N ALA D 197 2.80 30.45 2.11
CA ALA D 197 3.91 30.24 3.01
C ALA D 197 3.66 29.15 4.07
N PRO D 198 2.50 29.07 4.73
CA PRO D 198 2.33 27.98 5.70
C PRO D 198 2.29 26.60 5.06
N MET D 199 1.80 26.47 3.83
CA MET D 199 1.88 25.19 3.14
C MET D 199 3.32 24.82 2.79
N LYS D 200 4.11 25.79 2.31
CA LYS D 200 5.53 25.52 2.04
C LYS D 200 6.23 24.98 3.29
N GLY D 201 6.05 25.67 4.42
CA GLY D 201 6.63 25.19 5.67
C GLY D 201 6.12 23.81 6.06
N ALA D 202 4.80 23.62 6.02
CA ALA D 202 4.28 22.33 6.44
C ALA D 202 4.78 21.20 5.55
N ALA D 203 5.03 21.49 4.26
CA ALA D 203 5.58 20.46 3.39
C ALA D 203 6.92 19.99 3.92
N VAL D 204 7.78 20.93 4.29
CA VAL D 204 9.10 20.57 4.79
C VAL D 204 8.97 19.75 6.06
N GLY D 205 8.08 20.16 6.98
CA GLY D 205 7.93 19.45 8.24
C GLY D 205 7.39 18.04 8.06
N HIS D 206 6.39 17.89 7.19
CA HIS D 206 5.88 16.56 6.89
C HIS D 206 6.98 15.65 6.35
N ALA D 207 7.85 16.16 5.48
CA ALA D 207 8.96 15.33 4.98
C ALA D 207 9.89 14.95 6.13
N GLN D 208 10.33 15.94 6.93
CA GLN D 208 11.13 15.60 8.10
C GLN D 208 10.51 14.49 8.94
N GLN D 209 9.18 14.40 9.01
CA GLN D 209 8.56 13.36 9.85
C GLN D 209 8.14 12.14 9.06
N ARG D 210 8.53 12.05 7.79
CA ARG D 210 8.06 10.98 6.91
C ARG D 210 6.55 10.80 6.99
N TYR D 211 5.83 11.91 7.15
CA TYR D 211 4.37 11.89 7.12
C TYR D 211 3.89 11.84 5.68
N LYS D 212 3.09 10.83 5.34
CA LYS D 212 2.79 10.51 3.95
C LYS D 212 1.38 10.91 3.51
N ASP D 213 0.65 11.66 4.33
CA ASP D 213 -0.72 12.08 4.01
C ASP D 213 -0.88 13.60 4.01
N SER D 214 0.09 14.32 3.47
CA SER D 214 -0.07 15.77 3.37
C SER D 214 -1.41 16.09 2.70
N ARG D 215 -2.20 16.92 3.36
CA ARG D 215 -3.41 17.45 2.75
C ARG D 215 -3.26 18.96 2.78
N PHE D 216 -3.10 19.56 1.61
CA PHE D 216 -3.01 21.01 1.49
C PHE D 216 -4.24 21.47 0.71
N ILE D 217 -5.29 21.83 1.45
CA ILE D 217 -6.59 22.15 0.90
C ILE D 217 -6.59 23.64 0.55
N GLY D 218 -6.83 23.94 -0.72
CA GLY D 218 -7.01 25.31 -1.19
C GLY D 218 -8.47 25.58 -1.49
N MET D 219 -9.08 26.44 -0.66
CA MET D 219 -10.51 26.69 -0.66
C MET D 219 -10.73 28.11 -1.16
N THR D 220 -11.27 28.23 -2.37
CA THR D 220 -11.44 29.55 -2.99
C THR D 220 -12.86 29.64 -3.55
N GLU D 221 -13.05 30.54 -4.51
CA GLU D 221 -14.37 30.71 -5.13
C GLU D 221 -14.16 31.30 -6.52
N PRO D 222 -15.16 31.23 -7.39
CA PRO D 222 -14.89 31.46 -8.83
C PRO D 222 -14.45 32.87 -9.16
N SER D 223 -14.91 33.90 -8.46
CA SER D 223 -14.44 35.25 -8.81
C SER D 223 -13.01 35.47 -8.43
N ILE D 224 -12.47 34.69 -7.48
CA ILE D 224 -11.10 34.82 -7.02
C ILE D 224 -10.17 33.97 -7.87
N ILE D 225 -10.45 32.66 -7.97
CA ILE D 225 -9.57 31.74 -8.69
C ILE D 225 -9.39 32.22 -10.12
N ALA D 226 -10.46 32.74 -10.74
CA ALA D 226 -10.40 33.22 -12.12
C ALA D 226 -9.25 34.21 -12.34
N ALA D 227 -8.82 34.95 -11.31
CA ALA D 227 -7.75 35.92 -11.49
C ALA D 227 -6.58 35.70 -10.54
N GLU D 228 -6.55 34.60 -9.80
CA GLU D 228 -5.48 34.33 -8.84
C GLU D 228 -5.23 32.82 -8.88
N PRO D 229 -4.18 32.39 -9.61
CA PRO D 229 -3.88 30.95 -9.69
C PRO D 229 -3.67 30.37 -8.33
N PRO D 230 -3.96 29.08 -8.14
CA PRO D 230 -3.62 28.43 -6.86
C PRO D 230 -2.11 28.38 -6.71
N ASN D 231 -1.64 28.49 -5.46
CA ASN D 231 -0.21 28.33 -5.26
C ASN D 231 0.16 26.88 -5.56
N PRO D 232 1.45 26.62 -5.80
CA PRO D 232 1.85 25.28 -6.25
C PRO D 232 1.86 24.21 -5.17
N LEU D 233 1.60 24.55 -3.90
CA LEU D 233 1.57 23.54 -2.85
C LEU D 233 0.19 22.89 -2.72
N VAL D 234 -0.87 23.58 -3.13
CA VAL D 234 -2.23 23.04 -3.02
C VAL D 234 -2.29 21.70 -3.73
N ASN D 235 -2.66 20.65 -2.99
CA ASN D 235 -2.93 19.36 -3.61
C ASN D 235 -4.40 18.97 -3.52
N GLU D 236 -5.27 19.87 -3.05
CA GLU D 236 -6.71 19.57 -2.95
C GLU D 236 -7.45 20.89 -3.18
N LEU D 237 -7.74 21.19 -4.44
CA LEU D 237 -8.40 22.43 -4.80
C LEU D 237 -9.90 22.24 -4.68
N ILE D 238 -10.57 23.18 -4.02
CA ILE D 238 -12.01 23.19 -3.88
C ILE D 238 -12.48 24.61 -4.16
N ILE D 239 -13.46 24.76 -5.05
CA ILE D 239 -13.99 26.08 -5.34
C ILE D 239 -15.43 26.09 -4.88
N MET D 240 -15.74 26.90 -3.88
CA MET D 240 -17.12 27.03 -3.45
C MET D 240 -17.81 28.08 -4.30
N PRO D 241 -19.14 28.01 -4.40
CA PRO D 241 -19.86 28.90 -5.32
C PRO D 241 -19.80 30.38 -4.99
N ASP D 242 -19.60 30.77 -3.73
CA ASP D 242 -19.49 32.19 -3.38
C ASP D 242 -18.66 32.33 -2.09
N ILE D 243 -18.32 33.57 -1.74
CA ILE D 243 -17.53 33.81 -0.53
C ILE D 243 -18.26 33.32 0.72
N GLU D 244 -19.58 33.43 0.75
CA GLU D 244 -20.30 32.99 1.93
C GLU D 244 -20.08 31.52 2.17
N LYS D 245 -20.07 30.73 1.10
CA LYS D 245 -19.92 29.30 1.26
C LYS D 245 -18.45 28.91 1.44
N ARG D 246 -17.54 29.70 0.86
CA ARG D 246 -16.13 29.57 1.19
C ARG D 246 -15.93 29.70 2.69
N LEU D 247 -16.50 30.75 3.28
CA LEU D 247 -16.34 31.01 4.70
C LEU D 247 -16.94 29.88 5.52
N GLU D 248 -18.16 29.44 5.17
CA GLU D 248 -18.80 28.35 5.90
C GLU D 248 -18.00 27.06 5.79
N ALA D 249 -17.49 26.74 4.58
CA ALA D 249 -16.66 25.55 4.42
C ALA D 249 -15.42 25.62 5.34
N PHE D 250 -14.69 26.74 5.27
CA PHE D 250 -13.54 26.95 6.16
C PHE D 250 -13.91 26.57 7.59
N VAL D 251 -15.02 27.10 8.08
CA VAL D 251 -15.33 26.98 9.49
C VAL D 251 -15.87 25.59 9.82
N ARG D 252 -16.47 24.89 8.86
CA ARG D 252 -16.99 23.56 9.15
C ARG D 252 -15.93 22.48 9.19
N ILE D 253 -14.81 22.68 8.48
CA ILE D 253 -13.79 21.64 8.41
C ILE D 253 -12.62 21.93 9.34
N ALA D 254 -12.49 23.17 9.81
CA ALA D 254 -11.34 23.51 10.66
C ALA D 254 -11.45 22.81 12.00
N HIS D 255 -10.32 22.30 12.48
CA HIS D 255 -10.20 21.92 13.87
C HIS D 255 -9.45 22.98 14.65
N GLY D 256 -8.77 23.87 13.95
CA GLY D 256 -8.18 25.04 14.57
C GLY D 256 -7.98 26.04 13.46
N ILE D 257 -7.91 27.31 13.84
CA ILE D 257 -7.73 28.40 12.89
C ILE D 257 -6.61 29.32 13.37
N ILE D 258 -5.77 29.75 12.43
CA ILE D 258 -4.65 30.63 12.68
C ILE D 258 -4.79 31.80 11.74
N ILE D 259 -4.67 33.02 12.27
CA ILE D 259 -4.83 34.23 11.47
C ILE D 259 -3.53 35.03 11.48
N PHE D 260 -2.92 35.16 10.31
CA PHE D 260 -1.76 36.01 10.09
C PHE D 260 -2.19 37.42 9.71
N PRO D 261 -1.27 38.37 9.74
CA PRO D 261 -1.60 39.72 9.22
C PRO D 261 -2.14 39.63 7.81
N GLY D 262 -3.23 40.36 7.55
CA GLY D 262 -3.75 40.49 6.20
C GLY D 262 -4.42 41.83 5.93
N GLY D 263 -5.15 41.92 4.84
CA GLY D 263 -6.00 43.08 4.55
C GLY D 263 -7.47 42.80 4.78
N VAL D 264 -8.31 43.32 3.88
CA VAL D 264 -9.75 43.28 4.09
C VAL D 264 -10.28 41.84 4.03
N GLY D 265 -9.69 41.02 3.15
CA GLY D 265 -10.14 39.64 3.07
C GLY D 265 -9.92 38.90 4.38
N THR D 266 -8.77 39.12 5.02
CA THR D 266 -8.53 38.53 6.32
C THR D 266 -9.36 39.19 7.42
N ALA D 267 -9.67 40.48 7.27
CA ALA D 267 -10.55 41.11 8.26
C ALA D 267 -11.99 40.60 8.12
N GLU D 268 -12.43 40.39 6.87
CA GLU D 268 -13.74 39.76 6.65
C GLU D 268 -13.80 38.40 7.32
N GLU D 269 -12.70 37.63 7.22
CA GLU D 269 -12.70 36.30 7.83
C GLU D 269 -12.71 36.38 9.34
N LEU D 270 -11.98 37.34 9.93
CA LEU D 270 -12.02 37.49 11.38
C LEU D 270 -13.42 37.85 11.87
N LEU D 271 -14.05 38.86 11.27
CA LEU D 271 -15.38 39.26 11.72
C LEU D 271 -16.37 38.13 11.54
N TYR D 272 -16.28 37.42 10.42
CA TYR D 272 -17.14 36.27 10.20
C TYR D 272 -17.00 35.28 11.35
N LEU D 273 -15.76 35.07 11.77
CA LEU D 273 -15.49 34.03 12.76
C LEU D 273 -15.97 34.47 14.15
N LEU D 274 -15.66 35.71 14.55
CA LEU D 274 -16.17 36.20 15.83
C LEU D 274 -17.70 36.22 15.82
N GLY D 275 -18.29 36.51 14.66
CA GLY D 275 -19.73 36.51 14.56
C GLY D 275 -20.34 35.17 14.92
N ILE D 276 -19.63 34.07 14.58
CA ILE D 276 -20.09 32.73 14.93
C ILE D 276 -19.73 32.39 16.38
N LEU D 277 -18.50 32.72 16.82
CA LEU D 277 -18.05 32.28 18.13
C LEU D 277 -18.73 33.04 19.28
N MET D 278 -19.11 34.29 19.06
CA MET D 278 -19.82 35.05 20.09
C MET D 278 -21.33 34.83 20.06
N ASN D 279 -21.84 34.06 19.11
CA ASN D 279 -23.23 33.68 19.17
C ASN D 279 -23.44 32.75 20.35
N PRO D 280 -24.30 33.11 21.31
CA PRO D 280 -24.47 32.25 22.51
C PRO D 280 -24.82 30.81 22.18
N ALA D 281 -25.51 30.55 21.07
CA ALA D 281 -25.75 29.17 20.66
C ALA D 281 -24.46 28.34 20.56
N ASN D 282 -23.31 28.97 20.32
CA ASN D 282 -22.07 28.22 20.21
C ASN D 282 -21.22 28.29 21.48
N LYS D 283 -21.81 28.74 22.60
CA LYS D 283 -21.04 28.90 23.83
C LYS D 283 -20.21 27.67 24.18
N ASP D 284 -20.64 26.47 23.78
CA ASP D 284 -19.91 25.26 24.15
C ASP D 284 -19.05 24.67 23.02
N GLN D 285 -18.83 25.41 21.94
CA GLN D 285 -17.99 24.88 20.85
C GLN D 285 -16.51 25.01 21.19
N VAL D 286 -15.72 24.06 20.70
CA VAL D 286 -14.26 24.10 20.87
C VAL D 286 -13.64 24.36 19.50
N LEU D 287 -13.04 25.52 19.32
CA LEU D 287 -12.39 25.87 18.06
C LEU D 287 -11.27 26.85 18.37
N PRO D 288 -10.07 26.34 18.65
CA PRO D 288 -8.96 27.23 19.01
C PRO D 288 -8.65 28.20 17.88
N LEU D 289 -8.36 29.45 18.25
CA LEU D 289 -8.16 30.55 17.32
C LEU D 289 -6.97 31.37 17.81
N ILE D 290 -5.94 31.49 16.97
CA ILE D 290 -4.70 32.16 17.35
C ILE D 290 -4.35 33.16 16.27
N LEU D 291 -4.16 34.42 16.67
CA LEU D 291 -3.65 35.46 15.77
C LEU D 291 -2.15 35.58 16.02
N THR D 292 -1.35 35.53 14.95
CA THR D 292 0.10 35.51 15.14
C THR D 292 0.81 36.19 13.98
N GLY D 293 1.98 36.72 14.27
CA GLY D 293 2.81 37.36 13.27
C GLY D 293 4.22 37.52 13.81
N PRO D 294 5.14 38.02 12.99
CA PRO D 294 6.49 38.31 13.48
C PRO D 294 6.46 39.49 14.45
N LYS D 295 7.62 39.76 15.07
CA LYS D 295 7.67 40.82 16.09
C LYS D 295 7.22 42.16 15.52
N GLU D 296 7.57 42.43 14.26
CA GLU D 296 7.22 43.67 13.58
C GLU D 296 5.73 43.88 13.40
N SER D 297 4.89 42.89 13.71
CA SER D 297 3.45 43.05 13.56
C SER D 297 2.76 43.31 14.89
N ALA D 298 3.51 43.60 15.94
CA ALA D 298 2.87 43.88 17.23
C ALA D 298 1.84 45.02 17.12
N ASP D 299 2.17 46.07 16.36
CA ASP D 299 1.23 47.18 16.24
C ASP D 299 -0.01 46.79 15.44
N TYR D 300 0.20 46.14 14.29
CA TYR D 300 -0.92 45.65 13.51
C TYR D 300 -1.95 44.97 14.42
N PHE D 301 -1.50 44.06 15.30
CA PHE D 301 -2.44 43.33 16.14
C PHE D 301 -2.98 44.19 17.27
N ARG D 302 -2.19 45.14 17.78
CA ARG D 302 -2.73 46.11 18.72
C ARG D 302 -3.93 46.84 18.11
N VAL D 303 -3.74 47.42 16.92
CA VAL D 303 -4.82 48.10 16.20
C VAL D 303 -6.00 47.15 15.98
N LEU D 304 -5.72 45.97 15.44
CA LEU D 304 -6.80 45.04 15.08
C LEU D 304 -7.55 44.57 16.32
N ASP D 305 -6.84 44.35 17.43
CA ASP D 305 -7.50 43.95 18.67
C ASP D 305 -8.34 45.08 19.25
N GLU D 306 -7.87 46.32 19.12
CA GLU D 306 -8.66 47.44 19.62
C GLU D 306 -9.94 47.60 18.81
N PHE D 307 -9.81 47.54 17.48
CA PHE D 307 -10.99 47.63 16.62
C PHE D 307 -12.01 46.54 16.93
N VAL D 308 -11.54 45.33 17.28
CA VAL D 308 -12.48 44.25 17.62
C VAL D 308 -13.14 44.51 18.96
N VAL D 309 -12.36 44.89 19.98
CA VAL D 309 -12.95 45.12 21.30
C VAL D 309 -13.90 46.30 21.26
N HIS D 310 -13.53 47.38 20.55
CA HIS D 310 -14.39 48.55 20.52
C HIS D 310 -15.75 48.21 19.91
N THR D 311 -15.77 47.58 18.73
CA THR D 311 -17.03 47.27 18.09
C THR D 311 -17.75 46.07 18.72
N LEU D 312 -17.02 45.01 19.09
CA LEU D 312 -17.70 43.80 19.57
C LEU D 312 -17.65 43.62 21.08
N GLY D 313 -16.91 44.43 21.82
CA GLY D 313 -16.82 44.30 23.26
C GLY D 313 -15.66 43.45 23.71
N GLU D 314 -15.23 43.67 24.96
CA GLU D 314 -14.08 42.95 25.49
C GLU D 314 -14.32 41.44 25.53
N ASN D 315 -15.59 40.99 25.50
CA ASN D 315 -15.86 39.57 25.48
C ASN D 315 -15.29 38.89 24.24
N ALA D 316 -15.01 39.65 23.18
CA ALA D 316 -14.42 39.03 22.01
C ALA D 316 -13.13 38.30 22.36
N ARG D 317 -12.42 38.75 23.40
CA ARG D 317 -11.15 38.14 23.74
C ARG D 317 -11.29 36.78 24.43
N ARG D 318 -12.50 36.38 24.79
CA ARG D 318 -12.70 34.98 25.15
C ARG D 318 -12.33 34.01 24.03
N HIS D 319 -12.30 34.46 22.77
CA HIS D 319 -12.31 33.53 21.65
C HIS D 319 -11.02 33.47 20.87
N TYR D 320 -10.09 34.39 21.10
CA TYR D 320 -8.83 34.37 20.40
C TYR D 320 -7.69 34.72 21.36
N ARG D 321 -6.49 34.33 20.95
CA ARG D 321 -5.26 34.64 21.65
C ARG D 321 -4.25 35.16 20.63
N ILE D 322 -3.59 36.27 20.97
CA ILE D 322 -2.53 36.83 20.15
C ILE D 322 -1.19 36.28 20.64
N ILE D 323 -0.38 35.81 19.70
CA ILE D 323 0.94 35.25 20.00
C ILE D 323 1.88 35.94 19.01
N ILE D 324 2.80 36.75 19.52
CA ILE D 324 3.73 37.51 18.71
C ILE D 324 5.07 36.77 18.68
N ASP D 325 5.60 36.58 17.47
CA ASP D 325 6.92 36.00 17.24
C ASP D 325 7.18 34.79 18.12
N ASP D 326 6.39 33.72 17.90
CA ASP D 326 6.75 32.45 18.52
C ASP D 326 6.16 31.26 17.77
N ALA D 327 6.74 30.94 16.62
CA ALA D 327 6.13 29.94 15.74
C ALA D 327 5.95 28.60 16.42
N ALA D 328 6.96 28.13 17.18
CA ALA D 328 6.82 26.84 17.85
C ALA D 328 5.65 26.83 18.82
N GLU D 329 5.39 27.95 19.50
CA GLU D 329 4.33 27.95 20.52
C GLU D 329 2.94 27.96 19.88
N VAL D 330 2.77 28.64 18.75
CA VAL D 330 1.52 28.59 18.00
C VAL D 330 1.19 27.14 17.62
N ALA D 331 2.16 26.42 17.05
CA ALA D 331 1.90 25.07 16.60
C ALA D 331 1.65 24.14 17.79
N ARG D 332 2.44 24.31 18.84
CA ARG D 332 2.29 23.46 20.02
C ARG D 332 0.88 23.57 20.58
N GLN D 333 0.37 24.80 20.66
CA GLN D 333 -0.98 25.00 21.17
C GLN D 333 -2.01 24.39 20.22
N MET D 334 -1.80 24.51 18.91
CA MET D 334 -2.71 23.89 17.95
C MET D 334 -2.74 22.38 18.15
N LYS D 335 -1.55 21.76 18.20
CA LYS D 335 -1.46 20.30 18.38
C LYS D 335 -2.07 19.89 19.71
N LYS D 336 -1.75 20.64 20.77
CA LYS D 336 -2.32 20.36 22.09
C LYS D 336 -3.84 20.45 22.09
N SER D 337 -4.45 21.19 21.15
CA SER D 337 -5.90 21.31 21.14
C SER D 337 -6.60 20.21 20.36
N MET D 338 -5.92 19.54 19.45
CA MET D 338 -6.63 18.53 18.65
C MET D 338 -7.34 17.49 19.51
N PRO D 339 -6.79 16.99 20.61
CA PRO D 339 -7.57 16.06 21.45
C PRO D 339 -8.74 16.72 22.11
N LEU D 340 -8.66 18.02 22.37
CA LEU D 340 -9.79 18.72 22.95
C LEU D 340 -10.92 18.87 21.92
N VAL D 341 -10.55 19.14 20.67
CA VAL D 341 -11.52 19.19 19.58
C VAL D 341 -12.18 17.82 19.41
N LYS D 342 -11.38 16.75 19.42
CA LYS D 342 -11.96 15.42 19.27
C LYS D 342 -12.98 15.15 20.38
N GLU D 343 -12.59 15.42 21.63
CA GLU D 343 -13.48 15.17 22.77
C GLU D 343 -14.74 16.03 22.68
N ASN D 344 -14.60 17.29 22.29
CA ASN D 344 -15.78 18.14 22.09
C ASN D 344 -16.70 17.59 21.00
N ARG D 345 -16.13 17.05 19.91
CA ARG D 345 -16.96 16.42 18.89
C ARG D 345 -17.67 15.20 19.46
N ARG D 346 -16.93 14.37 20.20
CA ARG D 346 -17.58 13.23 20.84
C ARG D 346 -18.69 13.71 21.79
N ASP D 347 -18.42 14.73 22.61
CA ASP D 347 -19.39 15.13 23.62
C ASP D 347 -20.69 15.65 23.02
N THR D 348 -20.64 16.25 21.83
CA THR D 348 -21.83 16.84 21.22
C THR D 348 -22.42 15.96 20.11
N GLY D 349 -21.95 14.72 19.97
CA GLY D 349 -22.42 13.83 18.92
C GLY D 349 -22.05 14.27 17.52
N ASP D 350 -21.02 15.08 17.37
CA ASP D 350 -20.67 15.60 16.06
C ASP D 350 -19.79 14.64 15.29
N ALA D 351 -19.54 14.96 14.02
CA ALA D 351 -18.54 14.30 13.21
C ALA D 351 -17.16 14.93 13.42
N TYR D 352 -16.10 14.14 13.14
CA TYR D 352 -14.72 14.65 13.20
C TYR D 352 -14.37 15.49 11.98
N SER D 353 -14.88 15.15 10.79
CA SER D 353 -14.43 15.87 9.60
C SER D 353 -15.26 17.10 9.31
N PHE D 354 -16.47 17.21 9.87
CA PHE D 354 -17.39 18.26 9.47
C PHE D 354 -18.23 18.66 10.67
N ASN D 355 -18.10 19.91 11.09
CA ASN D 355 -18.63 20.37 12.37
C ASN D 355 -20.10 20.78 12.19
N TRP D 356 -21.00 19.79 12.29
CA TRP D 356 -22.42 20.05 12.14
C TRP D 356 -22.97 20.91 13.28
N SER D 357 -22.36 20.81 14.48
CA SER D 357 -22.95 21.47 15.65
C SER D 357 -22.93 22.99 15.54
N MET D 358 -21.85 23.54 14.98
CA MET D 358 -21.76 24.98 14.90
C MET D 358 -23.02 25.58 14.29
N ARG D 359 -23.51 26.64 14.90
CA ARG D 359 -24.67 27.37 14.42
C ARG D 359 -24.14 28.60 13.70
N ILE D 360 -24.51 28.76 12.43
CA ILE D 360 -24.14 29.90 11.62
C ILE D 360 -25.41 30.65 11.26
N ALA D 361 -25.49 31.90 11.71
CA ALA D 361 -26.74 32.60 11.60
C ALA D 361 -26.99 32.97 10.15
N PRO D 362 -28.28 33.17 9.79
CA PRO D 362 -28.59 33.58 8.39
C PRO D 362 -27.86 34.84 7.97
N ASP D 363 -27.81 35.85 8.83
CA ASP D 363 -27.01 37.03 8.58
C ASP D 363 -25.64 36.72 7.97
N LEU D 364 -24.95 35.69 8.48
CA LEU D 364 -23.62 35.36 7.99
C LEU D 364 -23.65 34.37 6.83
N GLN D 365 -24.79 33.75 6.57
CA GLN D 365 -24.92 32.76 5.52
C GLN D 365 -25.49 33.33 4.22
N MET D 366 -26.55 34.12 4.32
CA MET D 366 -27.20 34.64 3.11
C MET D 366 -26.22 35.40 2.23
N PRO D 367 -26.05 35.01 0.97
CA PRO D 367 -25.13 35.73 0.09
C PRO D 367 -25.47 37.22 0.04
N PHE D 368 -24.44 38.04 0.04
CA PHE D 368 -24.55 39.48 0.10
C PHE D 368 -24.06 40.06 -1.21
N GLU D 369 -24.95 40.75 -1.93
CA GLU D 369 -24.54 41.41 -3.16
C GLU D 369 -23.89 42.75 -2.82
N PRO D 370 -22.61 42.98 -3.21
CA PRO D 370 -21.89 44.20 -2.88
C PRO D 370 -22.29 45.40 -3.76
N SER D 371 -23.58 45.66 -3.84
CA SER D 371 -24.04 46.85 -4.55
C SER D 371 -23.92 48.08 -3.66
N HIS D 372 -23.82 49.25 -4.31
CA HIS D 372 -23.78 50.50 -3.56
C HIS D 372 -24.99 50.60 -2.65
N GLU D 373 -26.15 50.21 -3.15
CA GLU D 373 -27.36 50.24 -2.32
C GLU D 373 -27.16 49.44 -1.04
N ASN D 374 -26.66 48.21 -1.15
CA ASN D 374 -26.51 47.35 0.02
C ASN D 374 -25.36 47.82 0.92
N MET D 375 -24.29 48.32 0.30
CA MET D 375 -23.16 48.87 1.08
C MET D 375 -23.60 50.05 1.96
N ALA D 376 -24.47 50.92 1.43
CA ALA D 376 -24.91 52.09 2.17
C ALA D 376 -25.92 51.75 3.27
N ASN D 377 -26.40 50.51 3.31
CA ASN D 377 -27.48 50.14 4.19
C ASN D 377 -27.02 49.27 5.37
N LEU D 378 -25.73 49.02 5.52
CA LEU D 378 -25.26 48.22 6.64
C LEU D 378 -25.46 48.98 7.95
N LYS D 379 -25.94 48.26 8.96
CA LYS D 379 -26.25 48.86 10.26
C LYS D 379 -25.03 48.72 11.16
N LEU D 380 -24.07 49.62 10.99
CA LEU D 380 -22.83 49.57 11.74
C LEU D 380 -22.88 50.50 12.96
N TYR D 381 -23.76 50.15 13.91
CA TYR D 381 -24.03 51.03 15.02
C TYR D 381 -23.91 50.26 16.33
N PRO D 382 -23.45 50.93 17.39
CA PRO D 382 -23.17 50.25 18.66
C PRO D 382 -24.38 49.69 19.39
N ASP D 383 -25.61 49.91 18.93
CA ASP D 383 -26.75 49.39 19.65
C ASP D 383 -27.26 48.06 19.13
N GLN D 384 -26.72 47.58 18.00
CA GLN D 384 -27.09 46.26 17.51
C GLN D 384 -26.60 45.19 18.48
N PRO D 385 -27.24 44.03 18.52
CA PRO D 385 -26.66 42.88 19.22
C PRO D 385 -25.33 42.49 18.57
N VAL D 386 -24.44 41.90 19.38
CA VAL D 386 -23.04 41.72 18.96
C VAL D 386 -22.97 40.94 17.65
N GLU D 387 -23.65 39.79 17.59
CA GLU D 387 -23.59 38.97 16.38
C GLU D 387 -24.01 39.78 15.15
N VAL D 388 -25.07 40.58 15.28
CA VAL D 388 -25.60 41.32 14.14
C VAL D 388 -24.56 42.30 13.61
N LEU D 389 -23.96 43.08 14.51
CA LEU D 389 -22.93 44.02 14.11
C LEU D 389 -21.78 43.29 13.41
N ALA D 390 -21.40 42.14 13.95
CA ALA D 390 -20.32 41.36 13.35
C ALA D 390 -20.71 40.96 11.93
N ALA D 391 -21.94 40.48 11.76
CA ALA D 391 -22.43 40.11 10.44
C ALA D 391 -22.34 41.29 9.48
N ASP D 392 -22.62 42.51 9.95
CA ASP D 392 -22.64 43.64 9.03
C ASP D 392 -21.24 44.17 8.74
N LEU D 393 -20.34 44.10 9.72
CA LEU D 393 -18.95 44.42 9.39
C LEU D 393 -18.38 43.41 8.40
N ARG D 394 -18.78 42.15 8.54
CA ARG D 394 -18.37 41.12 7.59
C ARG D 394 -18.75 41.50 6.17
N ARG D 395 -20.00 41.96 5.96
CA ARG D 395 -20.45 42.39 4.63
C ARG D 395 -19.68 43.62 4.16
N ALA D 396 -19.46 44.58 5.05
CA ALA D 396 -18.72 45.78 4.68
C ALA D 396 -17.33 45.43 4.13
N PHE D 397 -16.59 44.54 4.82
CA PHE D 397 -15.29 44.12 4.30
C PHE D 397 -15.45 43.28 3.04
N SER D 398 -16.47 42.43 2.99
CA SER D 398 -16.71 41.65 1.78
C SER D 398 -16.84 42.54 0.55
N GLY D 399 -17.57 43.65 0.68
CA GLY D 399 -17.77 44.51 -0.46
C GLY D 399 -16.49 45.22 -0.86
N ILE D 400 -15.66 45.56 0.12
CA ILE D 400 -14.39 46.20 -0.20
C ILE D 400 -13.48 45.22 -0.95
N VAL D 401 -13.55 43.93 -0.62
CA VAL D 401 -12.81 42.94 -1.39
C VAL D 401 -13.31 42.92 -2.83
N ALA D 402 -14.63 42.81 -3.02
CA ALA D 402 -15.19 42.76 -4.37
C ALA D 402 -14.79 43.99 -5.16
N GLY D 403 -14.99 45.17 -4.58
CA GLY D 403 -14.61 46.41 -5.25
C GLY D 403 -13.13 46.49 -5.60
N ASN D 404 -12.29 45.70 -4.94
CA ASN D 404 -10.86 45.69 -5.23
C ASN D 404 -10.46 44.64 -6.25
N VAL D 405 -11.07 43.46 -6.24
CA VAL D 405 -10.43 42.34 -6.94
C VAL D 405 -11.39 41.57 -7.83
N LYS D 406 -12.68 41.80 -7.69
CA LYS D 406 -13.66 41.00 -8.40
C LYS D 406 -14.20 41.78 -9.59
N GLU D 407 -14.55 41.05 -10.65
CA GLU D 407 -15.07 41.72 -11.84
C GLU D 407 -16.38 42.44 -11.57
N VAL D 408 -17.28 41.84 -10.77
CA VAL D 408 -18.55 42.49 -10.46
C VAL D 408 -18.31 43.83 -9.76
N GLY D 409 -17.50 43.81 -8.70
CA GLY D 409 -17.31 45.02 -7.90
C GLY D 409 -16.46 46.07 -8.59
N ILE D 410 -15.44 45.64 -9.35
CA ILE D 410 -14.61 46.60 -10.06
C ILE D 410 -15.42 47.37 -11.09
N ARG D 411 -16.30 46.67 -11.84
CA ARG D 411 -17.19 47.36 -12.76
C ARG D 411 -18.16 48.27 -12.01
N ALA D 412 -18.60 47.83 -10.83
CA ALA D 412 -19.51 48.65 -10.04
C ALA D 412 -18.85 49.93 -9.58
N ILE D 413 -17.54 49.90 -9.31
CA ILE D 413 -16.84 51.08 -8.85
C ILE D 413 -16.57 52.03 -10.00
N GLU D 414 -16.20 51.49 -11.17
CA GLU D 414 -15.90 52.30 -12.35
C GLU D 414 -17.17 52.78 -13.06
N GLU D 415 -18.33 52.57 -12.47
CA GLU D 415 -19.58 53.10 -13.00
C GLU D 415 -20.33 53.97 -12.02
N PHE D 416 -20.30 53.64 -10.72
CA PHE D 416 -21.01 54.44 -9.73
C PHE D 416 -20.07 55.08 -8.70
N GLY D 417 -18.76 54.96 -8.88
CA GLY D 417 -17.81 55.51 -7.95
C GLY D 417 -17.63 54.64 -6.72
N PRO D 418 -16.99 55.18 -5.70
CA PRO D 418 -16.66 54.36 -4.52
C PRO D 418 -17.89 54.08 -3.68
N TYR D 419 -17.85 52.96 -2.96
CA TYR D 419 -18.88 52.67 -1.97
C TYR D 419 -18.89 53.77 -0.89
N LYS D 420 -20.08 54.16 -0.47
CA LYS D 420 -20.25 55.05 0.69
C LYS D 420 -20.71 54.20 1.87
N ILE D 421 -19.88 54.12 2.89
CA ILE D 421 -20.18 53.37 4.10
C ILE D 421 -20.46 54.37 5.21
N ASN D 422 -21.60 54.22 5.89
CA ASN D 422 -21.99 55.10 6.97
C ASN D 422 -22.20 54.30 8.24
N GLY D 423 -22.15 55.00 9.36
CA GLY D 423 -22.40 54.38 10.65
C GLY D 423 -21.88 55.25 11.76
N ASP D 424 -22.09 54.77 12.98
CA ASP D 424 -21.59 55.43 14.18
C ASP D 424 -20.20 55.98 13.94
N LYS D 425 -20.04 57.30 14.13
CA LYS D 425 -18.78 57.96 13.78
C LYS D 425 -17.60 57.32 14.49
N GLU D 426 -17.82 56.74 15.67
CA GLU D 426 -16.71 56.16 16.42
C GLU D 426 -16.22 54.87 15.78
N ILE D 427 -17.15 54.02 15.33
CA ILE D 427 -16.76 52.85 14.56
C ILE D 427 -16.13 53.26 13.22
N MET D 428 -16.70 54.28 12.58
CA MET D 428 -16.20 54.72 11.28
C MET D 428 -14.74 55.18 11.37
N ARG D 429 -14.40 55.93 12.42
CA ARG D 429 -13.00 56.35 12.57
C ARG D 429 -12.11 55.14 12.72
N ARG D 430 -12.46 54.23 13.62
CA ARG D 430 -11.69 53.00 13.80
C ARG D 430 -11.50 52.29 12.47
N MET D 431 -12.61 52.11 11.73
CA MET D 431 -12.53 51.39 10.46
C MET D 431 -11.75 52.16 9.39
N ASP D 432 -11.82 53.49 9.43
CA ASP D 432 -11.03 54.26 8.48
C ASP D 432 -9.53 54.11 8.74
N ASP D 433 -9.13 54.12 10.00
CA ASP D 433 -7.70 54.06 10.30
C ASP D 433 -7.17 52.65 10.05
N LEU D 434 -7.94 51.62 10.42
CA LEU D 434 -7.60 50.25 10.09
C LEU D 434 -7.28 50.12 8.60
N LEU D 435 -8.16 50.65 7.74
CA LEU D 435 -7.95 50.51 6.29
C LEU D 435 -6.74 51.33 5.83
N GLN D 436 -6.54 52.51 6.39
CA GLN D 436 -5.33 53.27 6.07
C GLN D 436 -4.08 52.50 6.46
N GLY D 437 -4.14 51.74 7.56
CA GLY D 437 -3.07 50.81 7.87
C GLY D 437 -2.86 49.76 6.78
N PHE D 438 -3.95 49.08 6.38
CA PHE D 438 -3.85 48.10 5.30
C PHE D 438 -3.24 48.73 4.05
N VAL D 439 -3.71 49.93 3.68
CA VAL D 439 -3.20 50.60 2.49
C VAL D 439 -1.75 51.01 2.69
N ALA D 440 -1.47 51.65 3.82
CA ALA D 440 -0.10 52.03 4.14
C ALA D 440 0.83 50.82 4.12
N GLN D 441 0.40 49.72 4.75
CA GLN D 441 1.26 48.54 4.86
C GLN D 441 1.33 47.71 3.58
N HIS D 442 0.67 48.14 2.49
CA HIS D 442 0.78 47.48 1.19
C HIS D 442 0.08 46.12 1.18
N ARG D 443 -1.10 46.05 1.77
CA ARG D 443 -1.86 44.81 1.80
C ARG D 443 -3.04 44.81 0.85
N MET D 444 -3.41 45.96 0.30
CA MET D 444 -4.62 46.07 -0.50
C MET D 444 -4.44 45.44 -1.87
N LYS D 445 -3.23 45.52 -2.41
CA LYS D 445 -2.90 45.08 -3.75
C LYS D 445 -1.43 44.69 -3.75
N LEU D 446 -1.02 43.90 -4.74
CA LEU D 446 0.39 43.53 -4.86
C LEU D 446 1.20 44.76 -5.31
N PRO D 447 2.53 44.71 -5.19
CA PRO D 447 3.35 45.86 -5.59
C PRO D 447 3.17 46.22 -7.06
N GLY D 448 3.29 47.53 -7.34
CA GLY D 448 3.15 48.05 -8.69
C GLY D 448 1.91 48.89 -8.89
N SER D 449 2.03 50.20 -8.66
CA SER D 449 0.94 51.16 -8.81
C SER D 449 0.20 51.39 -7.49
N ALA D 450 -0.06 52.65 -7.16
CA ALA D 450 -0.66 52.99 -5.89
C ALA D 450 -2.16 52.69 -5.90
N TYR D 451 -2.63 52.11 -4.80
CA TYR D 451 -4.01 51.68 -4.69
C TYR D 451 -4.96 52.88 -4.59
N ILE D 452 -6.14 52.74 -5.18
CA ILE D 452 -7.15 53.79 -5.21
C ILE D 452 -8.39 53.29 -4.46
N PRO D 453 -8.62 53.76 -3.24
CA PRO D 453 -9.72 53.20 -2.40
C PRO D 453 -11.08 53.18 -3.08
N CYS D 454 -11.70 51.99 -3.12
CA CYS D 454 -13.05 51.81 -3.65
C CYS D 454 -14.13 52.11 -2.63
N TYR D 455 -13.75 52.63 -1.47
CA TYR D 455 -14.67 52.97 -0.40
C TYR D 455 -14.50 54.43 -0.02
N GLU D 456 -15.57 55.01 0.53
CA GLU D 456 -15.55 56.36 1.04
C GLU D 456 -16.29 56.34 2.38
N ILE D 457 -15.55 56.45 3.47
CA ILE D 457 -16.09 56.29 4.82
C ILE D 457 -16.51 57.63 5.38
N CYS D 458 -17.75 57.73 5.85
CA CYS D 458 -18.26 58.98 6.39
C CYS D 458 -19.07 58.78 7.68
PD 0O2 E . 3.39 2.55 22.36
O1D 0O2 E . 3.61 1.38 21.50
O2D 0O2 E . 2.47 2.07 23.39
O3D 0O2 E . 2.62 3.46 21.52
PG 0O2 E . 12.03 -0.76 27.04
O1G 0O2 E . 12.12 -2.16 26.70
O2G 0O2 E . 13.01 -0.04 26.26
O3G 0O2 E . 12.56 -0.65 28.41
PB 0O2 E . 9.96 1.05 27.89
O1B 0O2 E . 9.05 0.53 28.91
O2B 0O2 E . 11.07 1.61 28.69
O3B 0O2 E . 10.49 -0.15 26.89
O3A 0O2 E . 9.25 2.24 26.99
PA 0O2 E . 9.33 2.26 25.33
O1A 0O2 E . 10.60 2.83 24.87
O2A 0O2 E . 8.37 3.22 24.82
O5' 0O2 E . 9.12 0.75 24.70
C5' 0O2 E . 9.68 0.49 23.43
C4' 0O2 E . 8.75 0.73 22.29
O4' 0O2 E . 9.03 -0.34 21.23
C3' 0O2 E . 7.31 0.66 22.59
O3' 0O2 E . 6.63 1.62 21.70
C2' 0O2 E . 6.89 -0.70 22.24
O2' 0O2 E . 5.45 -0.78 22.05
C1' 0O2 E . 7.60 -0.96 20.99
N9 0O2 E . 7.81 -2.27 20.48
C8 0O2 E . 7.72 -2.35 19.20
N7 0O2 E . 7.99 -3.67 18.88
C5 0O2 E . 8.30 -4.31 20.24
C6 0O2 E . 8.66 -5.64 20.61
O6 0O2 E . 8.78 -6.62 19.63
N1 0O2 E . 8.88 -5.94 21.94
C2 0O2 E . 8.74 -4.89 22.95
N2 0O2 E . 9.00 -5.20 24.35
N3 0O2 E . 8.38 -3.58 22.53
C4 0O2 E . 8.16 -3.28 21.19
PC 0O2 E . 6.24 3.21 22.16
O1C 0O2 E . 7.33 3.88 22.89
O2C 0O2 E . 6.13 4.13 21.02
O3C 0O2 E . 4.80 3.17 22.99
H7 0O2 E . 9.97 -0.55 23.39
H8 0O2 E . 10.54 1.12 23.30
H9 0O2 E . 8.93 1.77 21.98
H10 0O2 E . 7.07 0.87 23.62
H11 0O2 E . 7.14 -1.43 23.00
H12 0O2 E . 5.19 -1.68 21.91
H13 0O2 E . 6.93 -0.53 20.25
H14 0O2 E . 7.17 -1.67 18.57
H15 0O2 E . 9.14 -6.15 24.63
H16 0O2 E . 9.02 -4.46 25.03
H19 0O2 E . 9.14 -6.87 22.21
N9 GUN F . 3.73 -31.95 13.58
C8 GUN F . 2.76 -32.21 14.29
N7 GUN F . 2.99 -32.21 15.42
C5 GUN F . 4.36 -31.87 15.69
C6 GUN F . 5.11 -31.71 16.83
O6 GUN F . 4.63 -31.89 18.11
N1 GUN F . 6.54 -31.32 16.71
C2 GUN F . 7.07 -31.12 15.19
N2 GUN F . 8.45 -30.73 14.98
N3 GUN F . 6.08 -31.34 14.16
C4 GUN F . 4.90 -31.67 14.39
HN9 GUN F . 3.57 -31.35 12.81
H8 GUN F . 2.14 -33.03 13.93
HN1 GUN F . 7.02 -30.89 17.47
HN21 GUN F . 9.16 -31.47 14.71
HN22 GUN F . 8.74 -29.83 15.09
PD 0O2 G . 9.43 -8.15 -18.76
O1D 0O2 G . 8.94 -7.72 -17.44
O2D 0O2 G . 10.72 -7.47 -18.97
O3D 0O2 G . 8.53 -7.52 -19.74
PG 0O2 G . 17.88 -13.69 -18.21
O1G 0O2 G . 17.43 -14.20 -16.92
O2G 0O2 G . 18.53 -14.88 -18.83
O3G 0O2 G . 19.00 -12.79 -17.98
PB 0O2 G . 15.68 -13.80 -20.07
O1B 0O2 G . 14.98 -12.89 -20.97
O2B 0O2 G . 16.46 -14.75 -20.92
O3B 0O2 G . 16.69 -12.96 -19.09
O3A 0O2 G . 14.62 -14.62 -19.13
PA 0O2 G . 13.24 -13.88 -18.64
O1A 0O2 G . 12.79 -14.62 -17.47
O2A 0O2 G . 12.20 -14.07 -19.63
O5' 0O2 G . 13.42 -12.25 -18.35
C5' 0O2 G . 13.91 -11.76 -17.11
C4' 0O2 G . 12.79 -11.23 -16.29
O4' 0O2 G . 13.29 -10.80 -14.90
C3' 0O2 G . 12.17 -10.03 -16.90
O3' 0O2 G . 10.76 -10.09 -16.56
C2' 0O2 G . 12.76 -8.87 -16.26
O2' 0O2 G . 11.89 -7.71 -16.39
C1' 0O2 G . 12.87 -9.28 -14.86
N9 0O2 G . 13.75 -8.54 -14.01
C8 0O2 G . 13.23 -8.18 -12.88
N7 0O2 G . 14.23 -7.51 -12.19
C5 0O2 G . 15.43 -7.58 -13.14
C6 0O2 G . 16.76 -7.09 -13.00
O6 0O2 G . 17.10 -6.40 -11.84
N1 0O2 G . 17.65 -7.30 -14.03
C2 0O2 G . 17.21 -8.03 -15.24
N2 0O2 G . 18.13 -8.29 -16.33
N3 0O2 G . 15.88 -8.52 -15.33
C4 0O2 G . 14.99 -8.29 -14.28
PC 0O2 G . 9.67 -10.80 -17.64
O1C 0O2 G . 8.36 -11.05 -17.00
O2C 0O2 G . 10.04 -12.16 -18.06
O3C 0O2 G . 9.53 -9.79 -18.94
H7 0O2 G . 14.39 -12.54 -16.58
H8 0O2 G . 14.61 -10.97 -17.31
H9 0O2 G . 12.06 -12.04 -16.22
H10 0O2 G . 12.34 -9.99 -17.97
H11 0O2 G . 13.72 -8.59 -16.69
H12 0O2 G . 12.23 -7.01 -15.84
H13 0O2 G . 11.90 -9.07 -14.43
H14 0O2 G . 12.18 -8.06 -12.69
H15 0O2 G . 17.89 -8.95 -17.04
H16 0O2 G . 19.00 -7.77 -16.39
H19 0O2 G . 18.59 -6.97 -13.95
N9 GUN H . 30.73 15.10 -3.66
C8 GUN H . 30.47 15.75 -4.68
N7 GUN H . 30.92 15.29 -5.64
C5 GUN H . 31.65 14.09 -5.39
C6 GUN H . 32.35 13.18 -6.18
O6 GUN H . 32.47 13.33 -7.56
N1 GUN H . 32.98 12.01 -5.52
C2 GUN H . 32.80 11.93 -3.91
N2 GUN H . 33.37 10.81 -3.20
N3 GUN H . 32.02 12.99 -3.32
C4 GUN H . 31.52 13.93 -3.98
HN9 GUN H . 30.00 14.99 -3.00
H8 GUN H . 30.55 16.83 -4.58
HN1 GUN H . 33.19 11.19 -6.04
HN21 GUN H . 33.49 9.95 -3.64
HN22 GUN H . 33.78 10.96 -2.27
N9 GUN I . -29.01 -16.28 -10.79
C8 GUN I . -28.52 -17.33 -11.23
N7 GUN I . -28.50 -17.38 -12.40
C5 GUN I . -29.09 -16.22 -12.98
C6 GUN I . -29.32 -15.83 -14.27
O6 GUN I . -28.91 -16.66 -15.30
N1 GUN I . -29.98 -14.51 -14.51
C2 GUN I . -30.37 -13.67 -13.18
N2 GUN I . -31.01 -12.35 -13.28
N3 GUN I . -30.02 -14.30 -11.94
C4 GUN I . -29.46 -15.43 -11.85
HN9 GUN I . -29.60 -16.37 -10.00
H8 GUN I . -27.61 -17.66 -10.74
HN1 GUN I . -29.86 -14.05 -15.39
HN21 GUN I . -30.41 -11.56 -13.54
HN22 GUN I . -31.96 -12.21 -13.09
PD 0O2 J . -1.91 2.88 -21.73
O1D 0O2 J . -0.52 2.46 -21.90
O2D 0O2 J . -2.07 3.06 -20.29
O3D 0O2 J . -2.69 1.68 -22.03
PG 0O2 J . -9.32 8.05 -26.32
O1G 0O2 J . -10.57 7.37 -26.57
O2G 0O2 J . -9.42 8.58 -24.97
O3G 0O2 J . -9.42 9.24 -27.16
PB 0O2 J . -6.45 7.57 -26.82
O1B 0O2 J . -5.56 6.39 -26.71
O2B 0O2 J . -6.25 7.95 -28.22
O3B 0O2 J . -8.01 7.09 -26.57
O3A 0O2 J . -5.99 8.83 -25.84
PA 0O2 J . -4.68 8.81 -24.82
O1A 0O2 J . -3.93 10.10 -24.83
O2A 0O2 J . -3.70 7.84 -25.26
O5' 0O2 J . -5.16 8.43 -23.29
C5' 0O2 J . -6.33 7.64 -23.05
C4' 0O2 J . -6.07 6.90 -21.79
O4' 0O2 J . -7.34 6.57 -21.02
C3' 0O2 J . -5.36 5.61 -22.06
O3' 0O2 J . -4.11 5.63 -21.28
C2' 0O2 J . -6.21 4.55 -21.57
O2' 0O2 J . -5.43 3.37 -21.18
C1' 0O2 J . -6.84 5.19 -20.42
N9 0O2 J . -7.90 4.53 -19.77
C8 0O2 J . -7.82 4.47 -18.48
N7 0O2 J . -8.97 3.80 -18.09
C5 0O2 J . -9.71 3.51 -19.41
C6 0O2 J . -10.95 2.85 -19.72
O6 0O2 J . -11.74 2.34 -18.69
N1 0O2 J . -11.36 2.74 -21.04
C2 0O2 J . -10.50 3.30 -22.11
N2 0O2 J . -10.92 3.20 -23.50
N3 0O2 J . -9.29 3.94 -21.76
C4 0O2 J . -8.90 4.04 -20.43
PC 0O2 J . -2.65 5.70 -22.07
O1C 0O2 J . -2.65 6.72 -23.14
O2C 0O2 J . -1.57 6.17 -21.19
O3C 0O2 J . -2.35 4.19 -22.65
H7 0O2 J . -7.19 8.25 -22.95
H8 0O2 J . -6.47 6.94 -23.86
H9 0O2 J . -5.44 7.57 -21.19
H10 0O2 J . -5.15 5.47 -23.11
H11 0O2 J . -6.92 4.18 -22.30
H12 0O2 J . -6.00 2.61 -21.14
H13 0O2 J . -6.11 5.24 -19.63
H14 0O2 J . -6.92 4.56 -17.90
H15 0O2 J . -10.22 3.28 -24.24
H16 0O2 J . -11.88 3.06 -23.73
H19 0O2 J . -12.22 2.28 -21.26
C1 HSX K . -7.69 35.50 3.26
O4 HSX K . -6.91 36.75 2.77
C2 HSX K . -8.43 35.13 2.27
O2 HSX K . -8.12 33.77 1.95
C3 HSX K . -8.14 36.17 0.96
O3 HSX K . -8.22 35.53 -0.35
C4 HSX K . -6.99 36.67 1.19
C5 HSX K . -6.90 38.12 0.61
O5 HSX K . -5.84 38.72 1.27
P' HSX K . -6.09 40.18 2.03
O1X HSX K . -7.30 40.86 1.47
O2X HSX K . -6.29 39.91 3.51
O3X HSX K . -4.81 41.02 1.84
O1 HSX K . -6.77 34.44 3.64
#